data_3GWI
# 
_entry.id   3GWI 
# 
_audit_conform.dict_name       mmcif_pdbx.dic 
_audit_conform.dict_version    5.388 
_audit_conform.dict_location   http://mmcif.pdb.org/dictionaries/ascii/mmcif_pdbx.dic 
# 
loop_
_database_2.database_id 
_database_2.database_code 
_database_2.pdbx_database_accession 
_database_2.pdbx_DOI 
PDB   3GWI         pdb_00003gwi 10.2210/pdb3gwi/pdb 
RCSB  RCSB052394   ?            ?                   
WWPDB D_1000052394 ?            ?                   
# 
loop_
_pdbx_audit_revision_history.ordinal 
_pdbx_audit_revision_history.data_content_type 
_pdbx_audit_revision_history.major_revision 
_pdbx_audit_revision_history.minor_revision 
_pdbx_audit_revision_history.revision_date 
1 'Structure model' 1 0 2009-12-15 
2 'Structure model' 1 1 2011-07-13 
3 'Structure model' 1 2 2018-05-23 
4 'Structure model' 1 3 2024-03-20 
# 
_pdbx_audit_revision_details.ordinal             1 
_pdbx_audit_revision_details.revision_ordinal    1 
_pdbx_audit_revision_details.data_content_type   'Structure model' 
_pdbx_audit_revision_details.provider            repository 
_pdbx_audit_revision_details.type                'Initial release' 
_pdbx_audit_revision_details.description         ? 
_pdbx_audit_revision_details.details             ? 
# 
loop_
_pdbx_audit_revision_group.ordinal 
_pdbx_audit_revision_group.revision_ordinal 
_pdbx_audit_revision_group.data_content_type 
_pdbx_audit_revision_group.group 
1 2 'Structure model' 'Source and taxonomy'       
2 2 'Structure model' 'Version format compliance' 
3 3 'Structure model' 'Data collection'           
4 4 'Structure model' 'Data collection'           
5 4 'Structure model' 'Database references'       
6 4 'Structure model' 'Derived calculations'      
# 
loop_
_pdbx_audit_revision_category.ordinal 
_pdbx_audit_revision_category.revision_ordinal 
_pdbx_audit_revision_category.data_content_type 
_pdbx_audit_revision_category.category 
1 3 'Structure model' diffrn_source      
2 4 'Structure model' chem_comp_atom     
3 4 'Structure model' chem_comp_bond     
4 4 'Structure model' database_2         
5 4 'Structure model' struct_ref_seq_dif 
6 4 'Structure model' struct_site        
# 
loop_
_pdbx_audit_revision_item.ordinal 
_pdbx_audit_revision_item.revision_ordinal 
_pdbx_audit_revision_item.data_content_type 
_pdbx_audit_revision_item.item 
1 3 'Structure model' '_diffrn_source.pdbx_synchrotron_site' 
2 4 'Structure model' '_database_2.pdbx_DOI'                 
3 4 'Structure model' '_database_2.pdbx_database_accession'  
4 4 'Structure model' '_struct_ref_seq_dif.details'          
5 4 'Structure model' '_struct_site.pdbx_auth_asym_id'       
6 4 'Structure model' '_struct_site.pdbx_auth_comp_id'       
7 4 'Structure model' '_struct_site.pdbx_auth_seq_id'        
# 
_pdbx_database_status.status_code                     REL 
_pdbx_database_status.entry_id                        3GWI 
_pdbx_database_status.recvd_initial_deposition_date   2009-04-01 
_pdbx_database_status.deposit_site                    RCSB 
_pdbx_database_status.process_site                    PDBJ 
_pdbx_database_status.status_code_sf                  REL 
_pdbx_database_status.status_code_mr                  ? 
_pdbx_database_status.SG_entry                        ? 
_pdbx_database_status.pdb_format_compatible           Y 
_pdbx_database_status.status_code_cs                  ? 
_pdbx_database_status.methods_development_category    ? 
_pdbx_database_status.status_code_nmr_data            ? 
# 
_audit_author.name           'Hakansson, K.O.' 
_audit_author.pdbx_ordinal   1 
# 
loop_
_citation.id 
_citation.title 
_citation.journal_abbrev 
_citation.journal_volume 
_citation.page_first 
_citation.page_last 
_citation.year 
_citation.journal_id_ASTM 
_citation.country 
_citation.journal_id_ISSN 
_citation.journal_id_CSD 
_citation.book_publisher 
_citation.pdbx_database_id_PubMed 
_citation.pdbx_database_id_DOI 
primary 'The structure of Mg-ATPase nucleotide-binding domain at 1.6 A resolution reveals a unique ATP-binding motif' 
'Acta Crystallogr.,Sect.D' 65 1181 1186 2009 ABCRE6 DK 0907-4449 0766 ? 19923713 10.1107/S090744490903306X 
1       'Crystallization and data collection of the nucleotide-binding domain of Mg-ATPase'                           
'Acta Crystallogr.,Sect.F' 65 223  225  2009 ?      DK 1744-3091 ?    ? 19255470 10.1107/S1744309109001419 
# 
loop_
_citation_author.citation_id 
_citation_author.name 
_citation_author.ordinal 
_citation_author.identifier_ORCID 
primary 'Hakansson, K.O.' 1 ? 
1       'Hakansson, K.O.' 2 ? 
1       'Curovic, A.'     3 ? 
# 
loop_
_entity.id 
_entity.type 
_entity.src_method 
_entity.pdbx_description 
_entity.formula_weight 
_entity.pdbx_number_of_molecules 
_entity.pdbx_ec 
_entity.pdbx_mutation 
_entity.pdbx_fragment 
_entity.details 
1 polymer     man 'Magnesium-transporting ATPase, P-type 1' 19554.082 1   3.6.3.2 ? N-domain ? 
2 non-polymer syn 'SULFATE ION'                             96.063    2   ?       ? ?        ? 
3 water       nat water                                     18.015    272 ?       ? ?        ? 
# 
_entity_name_com.entity_id   1 
_entity_name_com.name        'Mg-ATPase, Mg(2+) transport ATPase, P-type 1' 
# 
_entity_poly.entity_id                      1 
_entity_poly.type                           'polypeptide(L)' 
_entity_poly.nstd_linkage                   no 
_entity_poly.nstd_monomer                   no 
_entity_poly.pdbx_seq_one_letter_code       
;MIVLENHTDISGKTSERVLHSAWLNSHYQTGLKNLLDTAVLEGTDEESARSLASRWQKIDEIPFDFERRRMSVVVAENTE
HHQLVCKGALQEILNVCSQVRHNGEIVPLDDIMLRKIKRVTDTLNRQGLRVVAVATKYLPAREGDYQRADESDLILEGYI
AFLDHHHHHH
;
_entity_poly.pdbx_seq_one_letter_code_can   
;MIVLENHTDISGKTSERVLHSAWLNSHYQTGLKNLLDTAVLEGTDEESARSLASRWQKIDEIPFDFERRRMSVVVAENTE
HHQLVCKGALQEILNVCSQVRHNGEIVPLDDIMLRKIKRVTDTLNRQGLRVVAVATKYLPAREGDYQRADESDLILEGYI
AFLDHHHHHH
;
_entity_poly.pdbx_strand_id                 A 
_entity_poly.pdbx_target_identifier         ? 
# 
loop_
_pdbx_entity_nonpoly.entity_id 
_pdbx_entity_nonpoly.name 
_pdbx_entity_nonpoly.comp_id 
2 'SULFATE ION' SO4 
3 water         HOH 
# 
loop_
_entity_poly_seq.entity_id 
_entity_poly_seq.num 
_entity_poly_seq.mon_id 
_entity_poly_seq.hetero 
1 1   MET n 
1 2   ILE n 
1 3   VAL n 
1 4   LEU n 
1 5   GLU n 
1 6   ASN n 
1 7   HIS n 
1 8   THR n 
1 9   ASP n 
1 10  ILE n 
1 11  SER n 
1 12  GLY n 
1 13  LYS n 
1 14  THR n 
1 15  SER n 
1 16  GLU n 
1 17  ARG n 
1 18  VAL n 
1 19  LEU n 
1 20  HIS n 
1 21  SER n 
1 22  ALA n 
1 23  TRP n 
1 24  LEU n 
1 25  ASN n 
1 26  SER n 
1 27  HIS n 
1 28  TYR n 
1 29  GLN n 
1 30  THR n 
1 31  GLY n 
1 32  LEU n 
1 33  LYS n 
1 34  ASN n 
1 35  LEU n 
1 36  LEU n 
1 37  ASP n 
1 38  THR n 
1 39  ALA n 
1 40  VAL n 
1 41  LEU n 
1 42  GLU n 
1 43  GLY n 
1 44  THR n 
1 45  ASP n 
1 46  GLU n 
1 47  GLU n 
1 48  SER n 
1 49  ALA n 
1 50  ARG n 
1 51  SER n 
1 52  LEU n 
1 53  ALA n 
1 54  SER n 
1 55  ARG n 
1 56  TRP n 
1 57  GLN n 
1 58  LYS n 
1 59  ILE n 
1 60  ASP n 
1 61  GLU n 
1 62  ILE n 
1 63  PRO n 
1 64  PHE n 
1 65  ASP n 
1 66  PHE n 
1 67  GLU n 
1 68  ARG n 
1 69  ARG n 
1 70  ARG n 
1 71  MET n 
1 72  SER n 
1 73  VAL n 
1 74  VAL n 
1 75  VAL n 
1 76  ALA n 
1 77  GLU n 
1 78  ASN n 
1 79  THR n 
1 80  GLU n 
1 81  HIS n 
1 82  HIS n 
1 83  GLN n 
1 84  LEU n 
1 85  VAL n 
1 86  CYS n 
1 87  LYS n 
1 88  GLY n 
1 89  ALA n 
1 90  LEU n 
1 91  GLN n 
1 92  GLU n 
1 93  ILE n 
1 94  LEU n 
1 95  ASN n 
1 96  VAL n 
1 97  CYS n 
1 98  SER n 
1 99  GLN n 
1 100 VAL n 
1 101 ARG n 
1 102 HIS n 
1 103 ASN n 
1 104 GLY n 
1 105 GLU n 
1 106 ILE n 
1 107 VAL n 
1 108 PRO n 
1 109 LEU n 
1 110 ASP n 
1 111 ASP n 
1 112 ILE n 
1 113 MET n 
1 114 LEU n 
1 115 ARG n 
1 116 LYS n 
1 117 ILE n 
1 118 LYS n 
1 119 ARG n 
1 120 VAL n 
1 121 THR n 
1 122 ASP n 
1 123 THR n 
1 124 LEU n 
1 125 ASN n 
1 126 ARG n 
1 127 GLN n 
1 128 GLY n 
1 129 LEU n 
1 130 ARG n 
1 131 VAL n 
1 132 VAL n 
1 133 ALA n 
1 134 VAL n 
1 135 ALA n 
1 136 THR n 
1 137 LYS n 
1 138 TYR n 
1 139 LEU n 
1 140 PRO n 
1 141 ALA n 
1 142 ARG n 
1 143 GLU n 
1 144 GLY n 
1 145 ASP n 
1 146 TYR n 
1 147 GLN n 
1 148 ARG n 
1 149 ALA n 
1 150 ASP n 
1 151 GLU n 
1 152 SER n 
1 153 ASP n 
1 154 LEU n 
1 155 ILE n 
1 156 LEU n 
1 157 GLU n 
1 158 GLY n 
1 159 TYR n 
1 160 ILE n 
1 161 ALA n 
1 162 PHE n 
1 163 LEU n 
1 164 ASP n 
1 165 HIS n 
1 166 HIS n 
1 167 HIS n 
1 168 HIS n 
1 169 HIS n 
1 170 HIS n 
# 
_entity_src_gen.entity_id                          1 
_entity_src_gen.pdbx_src_id                        1 
_entity_src_gen.pdbx_alt_source_flag               sample 
_entity_src_gen.pdbx_seq_type                      ? 
_entity_src_gen.pdbx_beg_seq_num                   ? 
_entity_src_gen.pdbx_end_seq_num                   ? 
_entity_src_gen.gene_src_common_name               ? 
_entity_src_gen.gene_src_genus                     ? 
_entity_src_gen.pdbx_gene_src_gene                 mgtA 
_entity_src_gen.gene_src_species                   ? 
_entity_src_gen.gene_src_strain                    K-12 
_entity_src_gen.gene_src_tissue                    ? 
_entity_src_gen.gene_src_tissue_fraction           ? 
_entity_src_gen.gene_src_details                   ? 
_entity_src_gen.pdbx_gene_src_fragment             ? 
_entity_src_gen.pdbx_gene_src_scientific_name      'Escherichia coli' 
_entity_src_gen.pdbx_gene_src_ncbi_taxonomy_id     83333 
_entity_src_gen.pdbx_gene_src_variant              ? 
_entity_src_gen.pdbx_gene_src_cell_line            ? 
_entity_src_gen.pdbx_gene_src_atcc                 ? 
_entity_src_gen.pdbx_gene_src_organ                ? 
_entity_src_gen.pdbx_gene_src_organelle            ? 
_entity_src_gen.pdbx_gene_src_cell                 ? 
_entity_src_gen.pdbx_gene_src_cellular_location    ? 
_entity_src_gen.host_org_common_name               ? 
_entity_src_gen.pdbx_host_org_scientific_name      'Escherichia coli' 
_entity_src_gen.pdbx_host_org_ncbi_taxonomy_id     562 
_entity_src_gen.host_org_genus                     ? 
_entity_src_gen.pdbx_host_org_gene                 ? 
_entity_src_gen.pdbx_host_org_organ                ? 
_entity_src_gen.host_org_species                   ? 
_entity_src_gen.pdbx_host_org_tissue               ? 
_entity_src_gen.pdbx_host_org_tissue_fraction      ? 
_entity_src_gen.pdbx_host_org_strain               XL1-blue 
_entity_src_gen.pdbx_host_org_variant              ? 
_entity_src_gen.pdbx_host_org_cell_line            ? 
_entity_src_gen.pdbx_host_org_atcc                 ? 
_entity_src_gen.pdbx_host_org_culture_collection   ? 
_entity_src_gen.pdbx_host_org_cell                 ? 
_entity_src_gen.pdbx_host_org_organelle            ? 
_entity_src_gen.pdbx_host_org_cellular_location    ? 
_entity_src_gen.pdbx_host_org_vector_type          plasmid 
_entity_src_gen.pdbx_host_org_vector               ? 
_entity_src_gen.host_org_details                   ? 
_entity_src_gen.expression_system_id               ? 
_entity_src_gen.plasmid_name                       pQE-40 
_entity_src_gen.plasmid_details                    ? 
_entity_src_gen.pdbx_description                   ? 
# 
loop_
_chem_comp.id 
_chem_comp.type 
_chem_comp.mon_nstd_flag 
_chem_comp.name 
_chem_comp.pdbx_synonyms 
_chem_comp.formula 
_chem_comp.formula_weight 
ALA 'L-peptide linking' y ALANINE         ? 'C3 H7 N O2'     89.093  
ARG 'L-peptide linking' y ARGININE        ? 'C6 H15 N4 O2 1' 175.209 
ASN 'L-peptide linking' y ASPARAGINE      ? 'C4 H8 N2 O3'    132.118 
ASP 'L-peptide linking' y 'ASPARTIC ACID' ? 'C4 H7 N O4'     133.103 
CYS 'L-peptide linking' y CYSTEINE        ? 'C3 H7 N O2 S'   121.158 
GLN 'L-peptide linking' y GLUTAMINE       ? 'C5 H10 N2 O3'   146.144 
GLU 'L-peptide linking' y 'GLUTAMIC ACID' ? 'C5 H9 N O4'     147.129 
GLY 'peptide linking'   y GLYCINE         ? 'C2 H5 N O2'     75.067  
HIS 'L-peptide linking' y HISTIDINE       ? 'C6 H10 N3 O2 1' 156.162 
HOH non-polymer         . WATER           ? 'H2 O'           18.015  
ILE 'L-peptide linking' y ISOLEUCINE      ? 'C6 H13 N O2'    131.173 
LEU 'L-peptide linking' y LEUCINE         ? 'C6 H13 N O2'    131.173 
LYS 'L-peptide linking' y LYSINE          ? 'C6 H15 N2 O2 1' 147.195 
MET 'L-peptide linking' y METHIONINE      ? 'C5 H11 N O2 S'  149.211 
PHE 'L-peptide linking' y PHENYLALANINE   ? 'C9 H11 N O2'    165.189 
PRO 'L-peptide linking' y PROLINE         ? 'C5 H9 N O2'     115.130 
SER 'L-peptide linking' y SERINE          ? 'C3 H7 N O3'     105.093 
SO4 non-polymer         . 'SULFATE ION'   ? 'O4 S -2'        96.063  
THR 'L-peptide linking' y THREONINE       ? 'C4 H9 N O3'     119.119 
TRP 'L-peptide linking' y TRYPTOPHAN      ? 'C11 H12 N2 O2'  204.225 
TYR 'L-peptide linking' y TYROSINE        ? 'C9 H11 N O3'    181.189 
VAL 'L-peptide linking' y VALINE          ? 'C5 H11 N O2'    117.146 
# 
loop_
_pdbx_poly_seq_scheme.asym_id 
_pdbx_poly_seq_scheme.entity_id 
_pdbx_poly_seq_scheme.seq_id 
_pdbx_poly_seq_scheme.mon_id 
_pdbx_poly_seq_scheme.ndb_seq_num 
_pdbx_poly_seq_scheme.pdb_seq_num 
_pdbx_poly_seq_scheme.auth_seq_num 
_pdbx_poly_seq_scheme.pdb_mon_id 
_pdbx_poly_seq_scheme.auth_mon_id 
_pdbx_poly_seq_scheme.pdb_strand_id 
_pdbx_poly_seq_scheme.pdb_ins_code 
_pdbx_poly_seq_scheme.hetero 
A 1 1   MET 1   382 382 MET MET A . n 
A 1 2   ILE 2   383 383 ILE ILE A . n 
A 1 3   VAL 3   384 384 VAL VAL A . n 
A 1 4   LEU 4   385 385 LEU LEU A . n 
A 1 5   GLU 5   386 386 GLU GLU A . n 
A 1 6   ASN 6   387 387 ASN ASN A . n 
A 1 7   HIS 7   388 388 HIS HIS A . n 
A 1 8   THR 8   389 389 THR THR A . n 
A 1 9   ASP 9   390 390 ASP ASP A . n 
A 1 10  ILE 10  391 391 ILE ILE A . n 
A 1 11  SER 11  392 392 SER SER A . n 
A 1 12  GLY 12  393 393 GLY GLY A . n 
A 1 13  LYS 13  394 394 LYS LYS A . n 
A 1 14  THR 14  395 395 THR THR A . n 
A 1 15  SER 15  396 396 SER SER A . n 
A 1 16  GLU 16  397 397 GLU GLU A . n 
A 1 17  ARG 17  398 398 ARG ARG A . n 
A 1 18  VAL 18  399 399 VAL VAL A . n 
A 1 19  LEU 19  400 400 LEU LEU A . n 
A 1 20  HIS 20  401 401 HIS HIS A . n 
A 1 21  SER 21  402 402 SER SER A . n 
A 1 22  ALA 22  403 403 ALA ALA A . n 
A 1 23  TRP 23  404 404 TRP TRP A . n 
A 1 24  LEU 24  405 405 LEU LEU A . n 
A 1 25  ASN 25  406 406 ASN ASN A . n 
A 1 26  SER 26  407 407 SER SER A . n 
A 1 27  HIS 27  408 408 HIS HIS A . n 
A 1 28  TYR 28  409 409 TYR TYR A . n 
A 1 29  GLN 29  410 410 GLN GLN A . n 
A 1 30  THR 30  411 411 THR THR A . n 
A 1 31  GLY 31  412 412 GLY GLY A . n 
A 1 32  LEU 32  413 413 LEU LEU A . n 
A 1 33  LYS 33  414 414 LYS LYS A . n 
A 1 34  ASN 34  415 415 ASN ASN A . n 
A 1 35  LEU 35  416 416 LEU LEU A . n 
A 1 36  LEU 36  417 417 LEU LEU A . n 
A 1 37  ASP 37  418 418 ASP ASP A . n 
A 1 38  THR 38  419 419 THR THR A . n 
A 1 39  ALA 39  420 420 ALA ALA A . n 
A 1 40  VAL 40  421 421 VAL VAL A . n 
A 1 41  LEU 41  422 422 LEU LEU A . n 
A 1 42  GLU 42  423 423 GLU GLU A . n 
A 1 43  GLY 43  424 424 GLY GLY A . n 
A 1 44  THR 44  425 425 THR THR A . n 
A 1 45  ASP 45  426 426 ASP ASP A . n 
A 1 46  GLU 46  427 427 GLU GLU A . n 
A 1 47  GLU 47  428 428 GLU GLU A . n 
A 1 48  SER 48  429 429 SER SER A . n 
A 1 49  ALA 49  430 430 ALA ALA A . n 
A 1 50  ARG 50  431 431 ARG ARG A . n 
A 1 51  SER 51  432 432 SER SER A . n 
A 1 52  LEU 52  433 433 LEU LEU A . n 
A 1 53  ALA 53  434 434 ALA ALA A . n 
A 1 54  SER 54  435 435 SER SER A . n 
A 1 55  ARG 55  436 436 ARG ARG A . n 
A 1 56  TRP 56  437 437 TRP TRP A . n 
A 1 57  GLN 57  438 438 GLN GLN A . n 
A 1 58  LYS 58  439 439 LYS LYS A . n 
A 1 59  ILE 59  440 440 ILE ILE A . n 
A 1 60  ASP 60  441 441 ASP ASP A . n 
A 1 61  GLU 61  442 442 GLU GLU A . n 
A 1 62  ILE 62  443 443 ILE ILE A . n 
A 1 63  PRO 63  444 444 PRO PRO A . n 
A 1 64  PHE 64  445 445 PHE PHE A . n 
A 1 65  ASP 65  446 446 ASP ASP A . n 
A 1 66  PHE 66  447 447 PHE PHE A . n 
A 1 67  GLU 67  448 448 GLU GLU A . n 
A 1 68  ARG 68  449 449 ARG ARG A . n 
A 1 69  ARG 69  450 450 ARG ARG A . n 
A 1 70  ARG 70  451 451 ARG ARG A . n 
A 1 71  MET 71  452 452 MET MET A . n 
A 1 72  SER 72  453 453 SER SER A . n 
A 1 73  VAL 73  454 454 VAL VAL A . n 
A 1 74  VAL 74  455 455 VAL VAL A . n 
A 1 75  VAL 75  456 456 VAL VAL A . n 
A 1 76  ALA 76  457 457 ALA ALA A . n 
A 1 77  GLU 77  458 458 GLU GLU A . n 
A 1 78  ASN 78  459 459 ASN ASN A . n 
A 1 79  THR 79  460 460 THR THR A . n 
A 1 80  GLU 80  461 461 GLU GLU A . n 
A 1 81  HIS 81  462 462 HIS HIS A . n 
A 1 82  HIS 82  463 463 HIS HIS A . n 
A 1 83  GLN 83  464 464 GLN GLN A . n 
A 1 84  LEU 84  465 465 LEU LEU A . n 
A 1 85  VAL 85  466 466 VAL VAL A . n 
A 1 86  CYS 86  467 467 CYS CYS A . n 
A 1 87  LYS 87  468 468 LYS LYS A . n 
A 1 88  GLY 88  469 469 GLY GLY A . n 
A 1 89  ALA 89  470 470 ALA ALA A . n 
A 1 90  LEU 90  471 471 LEU LEU A . n 
A 1 91  GLN 91  472 472 GLN GLN A . n 
A 1 92  GLU 92  473 473 GLU GLU A . n 
A 1 93  ILE 93  474 474 ILE ILE A . n 
A 1 94  LEU 94  475 475 LEU LEU A . n 
A 1 95  ASN 95  476 476 ASN ASN A . n 
A 1 96  VAL 96  477 477 VAL VAL A . n 
A 1 97  CYS 97  478 478 CYS CYS A . n 
A 1 98  SER 98  479 479 SER SER A . n 
A 1 99  GLN 99  480 480 GLN GLN A . n 
A 1 100 VAL 100 481 481 VAL VAL A . n 
A 1 101 ARG 101 482 482 ARG ARG A . n 
A 1 102 HIS 102 483 483 HIS HIS A . n 
A 1 103 ASN 103 484 484 ASN ASN A . n 
A 1 104 GLY 104 485 485 GLY GLY A . n 
A 1 105 GLU 105 486 486 GLU GLU A . n 
A 1 106 ILE 106 487 487 ILE ILE A . n 
A 1 107 VAL 107 488 488 VAL VAL A . n 
A 1 108 PRO 108 489 489 PRO PRO A . n 
A 1 109 LEU 109 490 490 LEU LEU A . n 
A 1 110 ASP 110 491 491 ASP ASP A . n 
A 1 111 ASP 111 492 492 ASP ASP A . n 
A 1 112 ILE 112 493 493 ILE ILE A . n 
A 1 113 MET 113 494 494 MET MET A . n 
A 1 114 LEU 114 495 495 LEU LEU A . n 
A 1 115 ARG 115 496 496 ARG ARG A . n 
A 1 116 LYS 116 497 497 LYS LYS A . n 
A 1 117 ILE 117 498 498 ILE ILE A . n 
A 1 118 LYS 118 499 499 LYS LYS A . n 
A 1 119 ARG 119 500 500 ARG ARG A . n 
A 1 120 VAL 120 501 501 VAL VAL A . n 
A 1 121 THR 121 502 502 THR THR A . n 
A 1 122 ASP 122 503 503 ASP ASP A . n 
A 1 123 THR 123 504 504 THR THR A . n 
A 1 124 LEU 124 505 505 LEU LEU A . n 
A 1 125 ASN 125 506 506 ASN ASN A . n 
A 1 126 ARG 126 507 507 ARG ARG A . n 
A 1 127 GLN 127 508 508 GLN GLN A . n 
A 1 128 GLY 128 509 509 GLY GLY A . n 
A 1 129 LEU 129 510 510 LEU LEU A . n 
A 1 130 ARG 130 511 511 ARG ARG A . n 
A 1 131 VAL 131 512 512 VAL VAL A . n 
A 1 132 VAL 132 513 513 VAL VAL A . n 
A 1 133 ALA 133 514 514 ALA ALA A . n 
A 1 134 VAL 134 515 515 VAL VAL A . n 
A 1 135 ALA 135 516 516 ALA ALA A . n 
A 1 136 THR 136 517 517 THR THR A . n 
A 1 137 LYS 137 518 518 LYS LYS A . n 
A 1 138 TYR 138 519 519 TYR TYR A . n 
A 1 139 LEU 139 520 520 LEU LEU A . n 
A 1 140 PRO 140 521 521 PRO PRO A . n 
A 1 141 ALA 141 522 522 ALA ALA A . n 
A 1 142 ARG 142 523 523 ARG ARG A . n 
A 1 143 GLU 143 524 524 GLU GLU A . n 
A 1 144 GLY 144 525 525 GLY GLY A . n 
A 1 145 ASP 145 526 526 ASP ASP A . n 
A 1 146 TYR 146 527 527 TYR TYR A . n 
A 1 147 GLN 147 528 528 GLN GLN A . n 
A 1 148 ARG 148 529 529 ARG ARG A . n 
A 1 149 ALA 149 530 530 ALA ALA A . n 
A 1 150 ASP 150 531 531 ASP ASP A . n 
A 1 151 GLU 151 532 532 GLU GLU A . n 
A 1 152 SER 152 533 533 SER SER A . n 
A 1 153 ASP 153 534 534 ASP ASP A . n 
A 1 154 LEU 154 535 535 LEU LEU A . n 
A 1 155 ILE 155 536 536 ILE ILE A . n 
A 1 156 LEU 156 537 537 LEU LEU A . n 
A 1 157 GLU 157 538 538 GLU GLU A . n 
A 1 158 GLY 158 539 539 GLY GLY A . n 
A 1 159 TYR 159 540 540 TYR TYR A . n 
A 1 160 ILE 160 541 541 ILE ILE A . n 
A 1 161 ALA 161 542 542 ALA ALA A . n 
A 1 162 PHE 162 543 543 PHE PHE A . n 
A 1 163 LEU 163 544 544 LEU LEU A . n 
A 1 164 ASP 164 545 545 ASP ASP A . n 
A 1 165 HIS 165 546 ?   ?   ?   A . n 
A 1 166 HIS 166 547 ?   ?   ?   A . n 
A 1 167 HIS 167 548 ?   ?   ?   A . n 
A 1 168 HIS 168 549 ?   ?   ?   A . n 
A 1 169 HIS 169 550 ?   ?   ?   A . n 
A 1 170 HIS 170 551 ?   ?   ?   A . n 
# 
loop_
_pdbx_nonpoly_scheme.asym_id 
_pdbx_nonpoly_scheme.entity_id 
_pdbx_nonpoly_scheme.mon_id 
_pdbx_nonpoly_scheme.ndb_seq_num 
_pdbx_nonpoly_scheme.pdb_seq_num 
_pdbx_nonpoly_scheme.auth_seq_num 
_pdbx_nonpoly_scheme.pdb_mon_id 
_pdbx_nonpoly_scheme.auth_mon_id 
_pdbx_nonpoly_scheme.pdb_strand_id 
_pdbx_nonpoly_scheme.pdb_ins_code 
B 2 SO4 1   1   1   SO4 SO4 A . 
C 2 SO4 1   2   2   SO4 SO4 A . 
D 3 HOH 1   3   3   HOH HOH A . 
D 3 HOH 2   4   4   HOH HOH A . 
D 3 HOH 3   5   5   HOH HOH A . 
D 3 HOH 4   6   6   HOH HOH A . 
D 3 HOH 5   7   7   HOH HOH A . 
D 3 HOH 6   8   8   HOH HOH A . 
D 3 HOH 7   9   9   HOH HOH A . 
D 3 HOH 8   10  10  HOH HOH A . 
D 3 HOH 9   11  11  HOH HOH A . 
D 3 HOH 10  12  12  HOH HOH A . 
D 3 HOH 11  13  13  HOH HOH A . 
D 3 HOH 12  14  14  HOH HOH A . 
D 3 HOH 13  15  15  HOH HOH A . 
D 3 HOH 14  16  16  HOH HOH A . 
D 3 HOH 15  17  17  HOH HOH A . 
D 3 HOH 16  18  18  HOH HOH A . 
D 3 HOH 17  19  19  HOH HOH A . 
D 3 HOH 18  20  20  HOH HOH A . 
D 3 HOH 19  21  21  HOH HOH A . 
D 3 HOH 20  22  22  HOH HOH A . 
D 3 HOH 21  23  23  HOH HOH A . 
D 3 HOH 22  24  24  HOH HOH A . 
D 3 HOH 23  25  25  HOH HOH A . 
D 3 HOH 24  26  26  HOH HOH A . 
D 3 HOH 25  27  27  HOH HOH A . 
D 3 HOH 26  28  28  HOH HOH A . 
D 3 HOH 27  29  29  HOH HOH A . 
D 3 HOH 28  30  30  HOH HOH A . 
D 3 HOH 29  31  31  HOH HOH A . 
D 3 HOH 30  32  32  HOH HOH A . 
D 3 HOH 31  33  33  HOH HOH A . 
D 3 HOH 32  34  34  HOH HOH A . 
D 3 HOH 33  35  35  HOH HOH A . 
D 3 HOH 34  36  36  HOH HOH A . 
D 3 HOH 35  37  37  HOH HOH A . 
D 3 HOH 36  38  38  HOH HOH A . 
D 3 HOH 37  39  39  HOH HOH A . 
D 3 HOH 38  40  40  HOH HOH A . 
D 3 HOH 39  41  41  HOH HOH A . 
D 3 HOH 40  42  42  HOH HOH A . 
D 3 HOH 41  43  43  HOH HOH A . 
D 3 HOH 42  44  44  HOH HOH A . 
D 3 HOH 43  45  45  HOH HOH A . 
D 3 HOH 44  46  46  HOH HOH A . 
D 3 HOH 45  47  47  HOH HOH A . 
D 3 HOH 46  48  48  HOH HOH A . 
D 3 HOH 47  49  49  HOH HOH A . 
D 3 HOH 48  50  50  HOH HOH A . 
D 3 HOH 49  51  51  HOH HOH A . 
D 3 HOH 50  52  52  HOH HOH A . 
D 3 HOH 51  53  53  HOH HOH A . 
D 3 HOH 52  54  54  HOH HOH A . 
D 3 HOH 53  55  55  HOH HOH A . 
D 3 HOH 54  56  56  HOH HOH A . 
D 3 HOH 55  57  57  HOH HOH A . 
D 3 HOH 56  58  58  HOH HOH A . 
D 3 HOH 57  59  59  HOH HOH A . 
D 3 HOH 58  60  60  HOH HOH A . 
D 3 HOH 59  61  61  HOH HOH A . 
D 3 HOH 60  62  62  HOH HOH A . 
D 3 HOH 61  63  63  HOH HOH A . 
D 3 HOH 62  64  64  HOH HOH A . 
D 3 HOH 63  65  65  HOH HOH A . 
D 3 HOH 64  66  66  HOH HOH A . 
D 3 HOH 65  67  67  HOH HOH A . 
D 3 HOH 66  68  68  HOH HOH A . 
D 3 HOH 67  69  69  HOH HOH A . 
D 3 HOH 68  70  70  HOH HOH A . 
D 3 HOH 69  71  71  HOH HOH A . 
D 3 HOH 70  72  72  HOH HOH A . 
D 3 HOH 71  73  73  HOH HOH A . 
D 3 HOH 72  74  74  HOH HOH A . 
D 3 HOH 73  75  75  HOH HOH A . 
D 3 HOH 74  76  76  HOH HOH A . 
D 3 HOH 75  77  77  HOH HOH A . 
D 3 HOH 76  78  78  HOH HOH A . 
D 3 HOH 77  79  79  HOH HOH A . 
D 3 HOH 78  80  80  HOH HOH A . 
D 3 HOH 79  81  81  HOH HOH A . 
D 3 HOH 80  82  82  HOH HOH A . 
D 3 HOH 81  83  83  HOH HOH A . 
D 3 HOH 82  84  84  HOH HOH A . 
D 3 HOH 83  85  85  HOH HOH A . 
D 3 HOH 84  86  86  HOH HOH A . 
D 3 HOH 85  87  87  HOH HOH A . 
D 3 HOH 86  88  88  HOH HOH A . 
D 3 HOH 87  89  89  HOH HOH A . 
D 3 HOH 88  90  90  HOH HOH A . 
D 3 HOH 89  91  91  HOH HOH A . 
D 3 HOH 90  92  92  HOH HOH A . 
D 3 HOH 91  93  93  HOH HOH A . 
D 3 HOH 92  94  94  HOH HOH A . 
D 3 HOH 93  95  95  HOH HOH A . 
D 3 HOH 94  96  96  HOH HOH A . 
D 3 HOH 95  97  97  HOH HOH A . 
D 3 HOH 96  98  98  HOH HOH A . 
D 3 HOH 97  99  99  HOH HOH A . 
D 3 HOH 98  100 100 HOH HOH A . 
D 3 HOH 99  101 101 HOH HOH A . 
D 3 HOH 100 102 102 HOH HOH A . 
D 3 HOH 101 103 103 HOH HOH A . 
D 3 HOH 102 104 104 HOH HOH A . 
D 3 HOH 103 105 105 HOH HOH A . 
D 3 HOH 104 106 106 HOH HOH A . 
D 3 HOH 105 107 107 HOH HOH A . 
D 3 HOH 106 108 108 HOH HOH A . 
D 3 HOH 107 109 109 HOH HOH A . 
D 3 HOH 108 110 110 HOH HOH A . 
D 3 HOH 109 111 111 HOH HOH A . 
D 3 HOH 110 112 112 HOH HOH A . 
D 3 HOH 111 113 113 HOH HOH A . 
D 3 HOH 112 114 114 HOH HOH A . 
D 3 HOH 113 115 115 HOH HOH A . 
D 3 HOH 114 116 116 HOH HOH A . 
D 3 HOH 115 117 117 HOH HOH A . 
D 3 HOH 116 118 118 HOH HOH A . 
D 3 HOH 117 119 119 HOH HOH A . 
D 3 HOH 118 120 120 HOH HOH A . 
D 3 HOH 119 121 121 HOH HOH A . 
D 3 HOH 120 122 122 HOH HOH A . 
D 3 HOH 121 123 123 HOH HOH A . 
D 3 HOH 122 124 124 HOH HOH A . 
D 3 HOH 123 125 125 HOH HOH A . 
D 3 HOH 124 126 126 HOH HOH A . 
D 3 HOH 125 127 127 HOH HOH A . 
D 3 HOH 126 128 128 HOH HOH A . 
D 3 HOH 127 129 129 HOH HOH A . 
D 3 HOH 128 130 130 HOH HOH A . 
D 3 HOH 129 131 131 HOH HOH A . 
D 3 HOH 130 132 132 HOH HOH A . 
D 3 HOH 131 133 133 HOH HOH A . 
D 3 HOH 132 134 134 HOH HOH A . 
D 3 HOH 133 135 135 HOH HOH A . 
D 3 HOH 134 136 136 HOH HOH A . 
D 3 HOH 135 137 137 HOH HOH A . 
D 3 HOH 136 138 138 HOH HOH A . 
D 3 HOH 137 139 139 HOH HOH A . 
D 3 HOH 138 140 140 HOH HOH A . 
D 3 HOH 139 141 141 HOH HOH A . 
D 3 HOH 140 142 142 HOH HOH A . 
D 3 HOH 141 143 143 HOH HOH A . 
D 3 HOH 142 144 144 HOH HOH A . 
D 3 HOH 143 145 145 HOH HOH A . 
D 3 HOH 144 146 146 HOH HOH A . 
D 3 HOH 145 147 147 HOH HOH A . 
D 3 HOH 146 148 148 HOH HOH A . 
D 3 HOH 147 149 149 HOH HOH A . 
D 3 HOH 148 150 150 HOH HOH A . 
D 3 HOH 149 151 151 HOH HOH A . 
D 3 HOH 150 152 152 HOH HOH A . 
D 3 HOH 151 153 153 HOH HOH A . 
D 3 HOH 152 154 154 HOH HOH A . 
D 3 HOH 153 155 155 HOH HOH A . 
D 3 HOH 154 156 156 HOH HOH A . 
D 3 HOH 155 157 157 HOH HOH A . 
D 3 HOH 156 158 158 HOH HOH A . 
D 3 HOH 157 159 159 HOH HOH A . 
D 3 HOH 158 160 160 HOH HOH A . 
D 3 HOH 159 161 161 HOH HOH A . 
D 3 HOH 160 162 162 HOH HOH A . 
D 3 HOH 161 163 163 HOH HOH A . 
D 3 HOH 162 164 164 HOH HOH A . 
D 3 HOH 163 165 165 HOH HOH A . 
D 3 HOH 164 166 166 HOH HOH A . 
D 3 HOH 165 167 167 HOH HOH A . 
D 3 HOH 166 168 168 HOH HOH A . 
D 3 HOH 167 169 169 HOH HOH A . 
D 3 HOH 168 170 170 HOH HOH A . 
D 3 HOH 169 171 171 HOH HOH A . 
D 3 HOH 170 172 172 HOH HOH A . 
D 3 HOH 171 173 173 HOH HOH A . 
D 3 HOH 172 174 174 HOH HOH A . 
D 3 HOH 173 175 175 HOH HOH A . 
D 3 HOH 174 176 176 HOH HOH A . 
D 3 HOH 175 177 177 HOH HOH A . 
D 3 HOH 176 178 178 HOH HOH A . 
D 3 HOH 177 179 179 HOH HOH A . 
D 3 HOH 178 180 180 HOH HOH A . 
D 3 HOH 179 181 181 HOH HOH A . 
D 3 HOH 180 182 182 HOH HOH A . 
D 3 HOH 181 183 183 HOH HOH A . 
D 3 HOH 182 184 184 HOH HOH A . 
D 3 HOH 183 185 185 HOH HOH A . 
D 3 HOH 184 186 186 HOH HOH A . 
D 3 HOH 185 187 187 HOH HOH A . 
D 3 HOH 186 188 188 HOH HOH A . 
D 3 HOH 187 189 189 HOH HOH A . 
D 3 HOH 188 190 190 HOH HOH A . 
D 3 HOH 189 191 191 HOH HOH A . 
D 3 HOH 190 192 192 HOH HOH A . 
D 3 HOH 191 193 193 HOH HOH A . 
D 3 HOH 192 194 194 HOH HOH A . 
D 3 HOH 193 195 195 HOH HOH A . 
D 3 HOH 194 196 196 HOH HOH A . 
D 3 HOH 195 197 197 HOH HOH A . 
D 3 HOH 196 198 198 HOH HOH A . 
D 3 HOH 197 199 199 HOH HOH A . 
D 3 HOH 198 200 200 HOH HOH A . 
D 3 HOH 199 201 201 HOH HOH A . 
D 3 HOH 200 202 202 HOH HOH A . 
D 3 HOH 201 203 203 HOH HOH A . 
D 3 HOH 202 204 204 HOH HOH A . 
D 3 HOH 203 205 205 HOH HOH A . 
D 3 HOH 204 206 206 HOH HOH A . 
D 3 HOH 205 207 207 HOH HOH A . 
D 3 HOH 206 208 208 HOH HOH A . 
D 3 HOH 207 209 209 HOH HOH A . 
D 3 HOH 208 210 210 HOH HOH A . 
D 3 HOH 209 211 211 HOH HOH A . 
D 3 HOH 210 212 212 HOH HOH A . 
D 3 HOH 211 213 213 HOH HOH A . 
D 3 HOH 212 214 214 HOH HOH A . 
D 3 HOH 213 215 215 HOH HOH A . 
D 3 HOH 214 216 216 HOH HOH A . 
D 3 HOH 215 217 217 HOH HOH A . 
D 3 HOH 216 218 218 HOH HOH A . 
D 3 HOH 217 219 219 HOH HOH A . 
D 3 HOH 218 220 220 HOH HOH A . 
D 3 HOH 219 221 221 HOH HOH A . 
D 3 HOH 220 222 222 HOH HOH A . 
D 3 HOH 221 223 223 HOH HOH A . 
D 3 HOH 222 224 224 HOH HOH A . 
D 3 HOH 223 225 225 HOH HOH A . 
D 3 HOH 224 226 226 HOH HOH A . 
D 3 HOH 225 227 227 HOH HOH A . 
D 3 HOH 226 228 228 HOH HOH A . 
D 3 HOH 227 229 229 HOH HOH A . 
D 3 HOH 228 230 230 HOH HOH A . 
D 3 HOH 229 231 231 HOH HOH A . 
D 3 HOH 230 232 232 HOH HOH A . 
D 3 HOH 231 233 233 HOH HOH A . 
D 3 HOH 232 234 234 HOH HOH A . 
D 3 HOH 233 235 235 HOH HOH A . 
D 3 HOH 234 236 236 HOH HOH A . 
D 3 HOH 235 237 237 HOH HOH A . 
D 3 HOH 236 238 238 HOH HOH A . 
D 3 HOH 237 239 239 HOH HOH A . 
D 3 HOH 238 240 240 HOH HOH A . 
D 3 HOH 239 241 241 HOH HOH A . 
D 3 HOH 240 242 242 HOH HOH A . 
D 3 HOH 241 243 243 HOH HOH A . 
D 3 HOH 242 244 244 HOH HOH A . 
D 3 HOH 243 245 245 HOH HOH A . 
D 3 HOH 244 246 246 HOH HOH A . 
D 3 HOH 245 247 247 HOH HOH A . 
D 3 HOH 246 248 248 HOH HOH A . 
D 3 HOH 247 249 249 HOH HOH A . 
D 3 HOH 248 250 250 HOH HOH A . 
D 3 HOH 249 251 251 HOH HOH A . 
D 3 HOH 250 252 252 HOH HOH A . 
D 3 HOH 251 253 253 HOH HOH A . 
D 3 HOH 252 254 254 HOH HOH A . 
D 3 HOH 253 255 255 HOH HOH A . 
D 3 HOH 254 256 256 HOH HOH A . 
D 3 HOH 255 257 257 HOH HOH A . 
D 3 HOH 256 258 258 HOH HOH A . 
D 3 HOH 257 259 259 HOH HOH A . 
D 3 HOH 258 260 260 HOH HOH A . 
D 3 HOH 259 261 261 HOH HOH A . 
D 3 HOH 260 262 262 HOH HOH A . 
D 3 HOH 261 263 263 HOH HOH A . 
D 3 HOH 262 264 264 HOH HOH A . 
D 3 HOH 263 265 265 HOH HOH A . 
D 3 HOH 264 266 266 HOH HOH A . 
D 3 HOH 265 267 267 HOH HOH A . 
D 3 HOH 266 268 268 HOH HOH A . 
D 3 HOH 267 269 269 HOH HOH A . 
D 3 HOH 268 270 270 HOH HOH A . 
D 3 HOH 269 271 271 HOH HOH A . 
D 3 HOH 270 272 272 HOH HOH A . 
D 3 HOH 271 552 1   HOH HOH A . 
D 3 HOH 272 553 2   HOH HOH A . 
# 
_software.name             REFMAC 
_software.classification   refinement 
_software.version          5.2.0019 
_software.citation_id      ? 
_software.pdbx_ordinal     1 
_software.date             ? 
_software.type             ? 
_software.location         ? 
_software.language         ? 
# 
_cell.entry_id           3GWI 
_cell.length_a           99.620 
_cell.length_b           99.620 
_cell.length_c           46.240 
_cell.angle_alpha        90.00 
_cell.angle_beta         90.00 
_cell.angle_gamma        90.00 
_cell.Z_PDB              8 
_cell.pdbx_unique_axis   ? 
_cell.length_a_esd       ? 
_cell.length_b_esd       ? 
_cell.length_c_esd       ? 
_cell.angle_alpha_esd    ? 
_cell.angle_beta_esd     ? 
_cell.angle_gamma_esd    ? 
# 
_symmetry.entry_id                         3GWI 
_symmetry.space_group_name_H-M             'P 41 21 2' 
_symmetry.pdbx_full_space_group_name_H-M   ? 
_symmetry.cell_setting                     ? 
_symmetry.Int_Tables_number                92 
_symmetry.space_group_name_Hall            ? 
# 
_exptl.entry_id          3GWI 
_exptl.method            'X-RAY DIFFRACTION' 
_exptl.crystals_number   1 
# 
_exptl_crystal.id                    1 
_exptl_crystal.density_meas          ? 
_exptl_crystal.density_Matthews      2.93 
_exptl_crystal.density_percent_sol   58.07 
_exptl_crystal.description           ? 
_exptl_crystal.F_000                 ? 
_exptl_crystal.preparation           ? 
# 
_exptl_crystal_grow.crystal_id      1 
_exptl_crystal_grow.method          'VAPOR DIFFUSION, HANGING DROP' 
_exptl_crystal_grow.temp            298 
_exptl_crystal_grow.temp_details    ? 
_exptl_crystal_grow.pH              7.5 
_exptl_crystal_grow.pdbx_details    
'0.1M HEPES, 2% PEG 400, 2M ammonium sulfate, pH 7.5, VAPOR DIFFUSION, HANGING DROP, temperature 298K' 
_exptl_crystal_grow.pdbx_pH_range   . 
# 
_diffrn.id                     1 
_diffrn.ambient_temp           100 
_diffrn.ambient_temp_details   ? 
_diffrn.crystal_id             1 
# 
_diffrn_detector.diffrn_id              1 
_diffrn_detector.detector               CCD 
_diffrn_detector.type                   'MAR CCD 165 mm' 
_diffrn_detector.pdbx_collection_date   2008-05-28 
_diffrn_detector.details                ? 
# 
_diffrn_radiation.diffrn_id                        1 
_diffrn_radiation.wavelength_id                    1 
_diffrn_radiation.pdbx_monochromatic_or_laue_m_l   M 
_diffrn_radiation.monochromator                    ? 
_diffrn_radiation.pdbx_diffrn_protocol             'SINGLE WAVELENGTH' 
_diffrn_radiation.pdbx_scattering_type             x-ray 
# 
_diffrn_radiation_wavelength.id           1 
_diffrn_radiation_wavelength.wavelength   1.0379 
_diffrn_radiation_wavelength.wt           1.0 
# 
_diffrn_source.diffrn_id                   1 
_diffrn_source.source                      SYNCHROTRON 
_diffrn_source.type                        'MAX II BEAMLINE I911-2' 
_diffrn_source.pdbx_synchrotron_site       'MAX II' 
_diffrn_source.pdbx_synchrotron_beamline   I911-2 
_diffrn_source.pdbx_wavelength             ? 
_diffrn_source.pdbx_wavelength_list        1.0379 
# 
_reflns.entry_id                     3GWI 
_reflns.observed_criterion_sigma_I   -3 
_reflns.observed_criterion_sigma_F   0 
_reflns.d_resolution_low             27.63 
_reflns.d_resolution_high            1.53 
_reflns.number_obs                   33678 
_reflns.number_all                   35560 
_reflns.percent_possible_obs         94.7 
_reflns.pdbx_Rmerge_I_obs            0.042 
_reflns.pdbx_Rsym_value              ? 
_reflns.pdbx_netI_over_sigmaI        28.1 
_reflns.B_iso_Wilson_estimate        19.8 
_reflns.pdbx_redundancy              7.5 
_reflns.R_free_details               ? 
_reflns.limit_h_max                  ? 
_reflns.limit_h_min                  ? 
_reflns.limit_k_max                  ? 
_reflns.limit_k_min                  ? 
_reflns.limit_l_max                  ? 
_reflns.limit_l_min                  ? 
_reflns.observed_criterion_F_max     ? 
_reflns.observed_criterion_F_min     ? 
_reflns.pdbx_chi_squared             ? 
_reflns.pdbx_scaling_rejects         ? 
_reflns.pdbx_ordinal                 1 
_reflns.pdbx_diffrn_id               1 
# 
_reflns_shell.d_res_high             1.53 
_reflns_shell.d_res_low              1.61 
_reflns_shell.percent_possible_all   70 
_reflns_shell.Rmerge_I_obs           0.206 
_reflns_shell.pdbx_Rsym_value        ? 
_reflns_shell.meanI_over_sigI_obs    10.1 
_reflns_shell.pdbx_redundancy        6.0 
_reflns_shell.percent_possible_obs   ? 
_reflns_shell.number_unique_all      5643 
_reflns_shell.number_measured_all    ? 
_reflns_shell.number_measured_obs    ? 
_reflns_shell.number_unique_obs      ? 
_reflns_shell.pdbx_chi_squared       ? 
_reflns_shell.pdbx_ordinal           1 
_reflns_shell.pdbx_diffrn_id         1 
# 
_refine.entry_id                                 3GWI 
_refine.ls_number_reflns_obs                     29519 
_refine.ls_number_reflns_all                     31298 
_refine.pdbx_ls_sigma_I                          ? 
_refine.pdbx_ls_sigma_F                          0 
_refine.pdbx_data_cutoff_high_absF               ? 
_refine.pdbx_data_cutoff_low_absF                ? 
_refine.pdbx_data_cutoff_high_rms_absF           ? 
_refine.ls_d_res_low                             20.00 
_refine.ls_d_res_high                            1.60 
_refine.ls_percent_reflns_obs                    100.00 
_refine.ls_R_factor_obs                          0.19214 
_refine.ls_R_factor_all                          ? 
_refine.ls_R_factor_R_work                       0.19070 
_refine.ls_R_factor_R_free                       0.21981 
_refine.ls_R_factor_R_free_error                 ? 
_refine.ls_R_factor_R_free_error_details         ? 
_refine.ls_percent_reflns_R_free                 5.0 
_refine.ls_number_reflns_R_free                  1556 
_refine.ls_number_parameters                     ? 
_refine.ls_number_restraints                     ? 
_refine.occupancy_min                            ? 
_refine.occupancy_max                            ? 
_refine.correlation_coeff_Fo_to_Fc               0.949 
_refine.correlation_coeff_Fo_to_Fc_free          0.934 
_refine.B_iso_mean                               18.271 
_refine.aniso_B[1][1]                            0.38 
_refine.aniso_B[2][2]                            0.38 
_refine.aniso_B[3][3]                            -0.76 
_refine.aniso_B[1][2]                            0.00 
_refine.aniso_B[1][3]                            0.00 
_refine.aniso_B[2][3]                            0.00 
_refine.solvent_model_details                    MASK 
_refine.solvent_model_param_ksol                 ? 
_refine.solvent_model_param_bsol                 ? 
_refine.pdbx_solvent_vdw_probe_radii             1.20 
_refine.pdbx_solvent_ion_probe_radii             0.80 
_refine.pdbx_solvent_shrinkage_radii             0.80 
_refine.pdbx_ls_cross_valid_method               THROUGHOUT 
_refine.details                                  'HYDROGENS HAVE BEEN ADDED IN THE RIDING POSITIONS' 
_refine.pdbx_starting_model                      ? 
_refine.pdbx_method_to_determine_struct          'MOLECULAR REPLACEMENT' 
_refine.pdbx_isotropic_thermal_model             ? 
_refine.pdbx_stereochemistry_target_values       'MAXIMUM LIKELIHOOD' 
_refine.pdbx_stereochem_target_val_spec_case     ? 
_refine.pdbx_R_Free_selection_details            RANDOM 
_refine.pdbx_overall_ESU_R                       0.082 
_refine.pdbx_overall_ESU_R_Free                  0.083 
_refine.overall_SU_ML                            0.051 
_refine.overall_SU_B                             1.388 
_refine.ls_redundancy_reflns_obs                 ? 
_refine.B_iso_min                                ? 
_refine.B_iso_max                                ? 
_refine.overall_SU_R_Cruickshank_DPI             ? 
_refine.overall_SU_R_free                        ? 
_refine.ls_wR_factor_R_free                      ? 
_refine.ls_wR_factor_R_work                      ? 
_refine.overall_FOM_free_R_set                   ? 
_refine.overall_FOM_work_R_set                   ? 
_refine.pdbx_refine_id                           'X-RAY DIFFRACTION' 
_refine.pdbx_overall_phase_error                 ? 
_refine.pdbx_diffrn_id                           1 
_refine.pdbx_TLS_residual_ADP_flag               ? 
_refine.pdbx_overall_SU_R_free_Cruickshank_DPI   ? 
_refine.pdbx_overall_SU_R_Blow_DPI               ? 
_refine.pdbx_overall_SU_R_free_Blow_DPI          ? 
# 
_refine_hist.pdbx_refine_id                   'X-RAY DIFFRACTION' 
_refine_hist.cycle_id                         LAST 
_refine_hist.pdbx_number_atoms_protein        1313 
_refine_hist.pdbx_number_atoms_nucleic_acid   0 
_refine_hist.pdbx_number_atoms_ligand         10 
_refine_hist.number_atoms_solvent             272 
_refine_hist.number_atoms_total               1595 
_refine_hist.d_res_high                       1.60 
_refine_hist.d_res_low                        20.00 
# 
loop_
_refine_ls_restr.type 
_refine_ls_restr.dev_ideal 
_refine_ls_restr.dev_ideal_target 
_refine_ls_restr.weight 
_refine_ls_restr.number 
_refine_ls_restr.pdbx_refine_id 
_refine_ls_restr.pdbx_restraint_function 
r_bond_refined_d         0.009  0.021  ? 1341 'X-RAY DIFFRACTION' ? 
r_angle_refined_deg      1.158  1.963  ? 1815 'X-RAY DIFFRACTION' ? 
r_dihedral_angle_1_deg   6.078  5.000  ? 163  'X-RAY DIFFRACTION' ? 
r_dihedral_angle_2_deg   39.440 23.971 ? 68   'X-RAY DIFFRACTION' ? 
r_dihedral_angle_3_deg   12.469 15.000 ? 245  'X-RAY DIFFRACTION' ? 
r_dihedral_angle_4_deg   15.728 15.000 ? 13   'X-RAY DIFFRACTION' ? 
r_chiral_restr           0.079  0.200  ? 208  'X-RAY DIFFRACTION' ? 
r_gen_planes_refined     0.005  0.020  ? 1002 'X-RAY DIFFRACTION' ? 
r_nbd_refined            0.198  0.200  ? 626  'X-RAY DIFFRACTION' ? 
r_nbtor_refined          0.297  0.200  ? 936  'X-RAY DIFFRACTION' ? 
r_xyhbond_nbd_refined    0.112  0.200  ? 200  'X-RAY DIFFRACTION' ? 
r_symmetry_vdw_refined   0.158  0.200  ? 37   'X-RAY DIFFRACTION' ? 
r_symmetry_hbond_refined 0.114  0.200  ? 29   'X-RAY DIFFRACTION' ? 
r_mcbond_it              0.880  1.500  ? 839  'X-RAY DIFFRACTION' ? 
r_mcangle_it             1.432  2.000  ? 1318 'X-RAY DIFFRACTION' ? 
r_scbond_it              2.283  3.000  ? 555  'X-RAY DIFFRACTION' ? 
r_scangle_it             3.783  4.500  ? 497  'X-RAY DIFFRACTION' ? 
# 
_refine_ls_shell.pdbx_total_number_of_bins_used   20 
_refine_ls_shell.d_res_high                       1.600 
_refine_ls_shell.d_res_low                        1.641 
_refine_ls_shell.number_reflns_R_work             2137 
_refine_ls_shell.R_factor_R_work                  0.200 
_refine_ls_shell.percent_reflns_obs               100.00 
_refine_ls_shell.R_factor_R_free                  0.247 
_refine_ls_shell.R_factor_R_free_error            ? 
_refine_ls_shell.percent_reflns_R_free            ? 
_refine_ls_shell.number_reflns_R_free             98 
_refine_ls_shell.number_reflns_all                ? 
_refine_ls_shell.R_factor_all                     ? 
_refine_ls_shell.number_reflns_obs                ? 
_refine_ls_shell.redundancy_reflns_obs            ? 
_refine_ls_shell.pdbx_refine_id                   'X-RAY DIFFRACTION' 
# 
_struct.entry_id                  3GWI 
_struct.title                     'Crystal Structure of Mg-ATPase Nucleotide binding domain' 
_struct.pdbx_model_details        ? 
_struct.pdbx_CASP_flag            ? 
_struct.pdbx_model_type_details   ? 
# 
_struct_keywords.entry_id        3GWI 
_struct_keywords.pdbx_keywords   HYDROLASE 
_struct_keywords.text            
;P-type ATPase, nucleotide binding, ATP binding, MgtA, membrane protein, Cell inner membrane, Cell membrane, Hydrolase, Magnesium, Metal-binding, Phosphoprotein, Transmembrane
;
# 
loop_
_struct_asym.id 
_struct_asym.pdbx_blank_PDB_chainid_flag 
_struct_asym.pdbx_modified 
_struct_asym.entity_id 
_struct_asym.details 
A N N 1 ? 
B N N 2 ? 
C N N 2 ? 
D N N 3 ? 
# 
_struct_ref.id                         1 
_struct_ref.db_name                    UNP 
_struct_ref.db_code                    ATMA_ECOLI 
_struct_ref.pdbx_db_accession          P0ABB8 
_struct_ref.entity_id                  1 
_struct_ref.pdbx_seq_one_letter_code   
;IVLENHTDISGKTSERVLHSAWLNSHYQTGLKNLLDTAVLEGTDEESARSLASRWQKIDEIPFDFERRRMSVVVAENTEH
HQLVCKGALQEILNVCSQVRHNGEIVPLDDIMLRKIKRVTDTLNRQGLRVVAVATKYLPAREGDYQRADESDLILEGYIA
FLD
;
_struct_ref.pdbx_align_begin           383 
_struct_ref.pdbx_db_isoform            ? 
# 
_struct_ref_seq.align_id                      1 
_struct_ref_seq.ref_id                        1 
_struct_ref_seq.pdbx_PDB_id_code              3GWI 
_struct_ref_seq.pdbx_strand_id                A 
_struct_ref_seq.seq_align_beg                 2 
_struct_ref_seq.pdbx_seq_align_beg_ins_code   ? 
_struct_ref_seq.seq_align_end                 164 
_struct_ref_seq.pdbx_seq_align_end_ins_code   ? 
_struct_ref_seq.pdbx_db_accession             P0ABB8 
_struct_ref_seq.db_align_beg                  383 
_struct_ref_seq.pdbx_db_align_beg_ins_code    ? 
_struct_ref_seq.db_align_end                  545 
_struct_ref_seq.pdbx_db_align_end_ins_code    ? 
_struct_ref_seq.pdbx_auth_seq_align_beg       383 
_struct_ref_seq.pdbx_auth_seq_align_end       545 
# 
loop_
_struct_ref_seq_dif.align_id 
_struct_ref_seq_dif.pdbx_pdb_id_code 
_struct_ref_seq_dif.mon_id 
_struct_ref_seq_dif.pdbx_pdb_strand_id 
_struct_ref_seq_dif.seq_num 
_struct_ref_seq_dif.pdbx_pdb_ins_code 
_struct_ref_seq_dif.pdbx_seq_db_name 
_struct_ref_seq_dif.pdbx_seq_db_accession_code 
_struct_ref_seq_dif.db_mon_id 
_struct_ref_seq_dif.pdbx_seq_db_seq_num 
_struct_ref_seq_dif.details 
_struct_ref_seq_dif.pdbx_auth_seq_num 
_struct_ref_seq_dif.pdbx_ordinal 
1 3GWI MET A 1   ? UNP P0ABB8 ? ? 'expression tag' 382 1 
1 3GWI HIS A 165 ? UNP P0ABB8 ? ? 'expression tag' 546 2 
1 3GWI HIS A 166 ? UNP P0ABB8 ? ? 'expression tag' 547 3 
1 3GWI HIS A 167 ? UNP P0ABB8 ? ? 'expression tag' 548 4 
1 3GWI HIS A 168 ? UNP P0ABB8 ? ? 'expression tag' 549 5 
1 3GWI HIS A 169 ? UNP P0ABB8 ? ? 'expression tag' 550 6 
1 3GWI HIS A 170 ? UNP P0ABB8 ? ? 'expression tag' 551 7 
# 
_pdbx_struct_assembly.id                   1 
_pdbx_struct_assembly.details              author_and_software_defined_assembly 
_pdbx_struct_assembly.method_details       PISA 
_pdbx_struct_assembly.oligomeric_details   monomeric 
_pdbx_struct_assembly.oligomeric_count     1 
# 
_pdbx_struct_assembly_gen.assembly_id       1 
_pdbx_struct_assembly_gen.oper_expression   1 
_pdbx_struct_assembly_gen.asym_id_list      A,B,C,D 
# 
_pdbx_struct_oper_list.id                   1 
_pdbx_struct_oper_list.type                 'identity operation' 
_pdbx_struct_oper_list.name                 1_555 
_pdbx_struct_oper_list.symmetry_operation   x,y,z 
_pdbx_struct_oper_list.matrix[1][1]         1.0000000000 
_pdbx_struct_oper_list.matrix[1][2]         0.0000000000 
_pdbx_struct_oper_list.matrix[1][3]         0.0000000000 
_pdbx_struct_oper_list.vector[1]            0.0000000000 
_pdbx_struct_oper_list.matrix[2][1]         0.0000000000 
_pdbx_struct_oper_list.matrix[2][2]         1.0000000000 
_pdbx_struct_oper_list.matrix[2][3]         0.0000000000 
_pdbx_struct_oper_list.vector[2]            0.0000000000 
_pdbx_struct_oper_list.matrix[3][1]         0.0000000000 
_pdbx_struct_oper_list.matrix[3][2]         0.0000000000 
_pdbx_struct_oper_list.matrix[3][3]         1.0000000000 
_pdbx_struct_oper_list.vector[3]            0.0000000000 
# 
loop_
_struct_conf.conf_type_id 
_struct_conf.id 
_struct_conf.pdbx_PDB_helix_id 
_struct_conf.beg_label_comp_id 
_struct_conf.beg_label_asym_id 
_struct_conf.beg_label_seq_id 
_struct_conf.pdbx_beg_PDB_ins_code 
_struct_conf.end_label_comp_id 
_struct_conf.end_label_asym_id 
_struct_conf.end_label_seq_id 
_struct_conf.pdbx_end_PDB_ins_code 
_struct_conf.beg_auth_comp_id 
_struct_conf.beg_auth_asym_id 
_struct_conf.beg_auth_seq_id 
_struct_conf.end_auth_comp_id 
_struct_conf.end_auth_asym_id 
_struct_conf.end_auth_seq_id 
_struct_conf.pdbx_PDB_helix_class 
_struct_conf.details 
_struct_conf.pdbx_PDB_helix_length 
HELX_P HELX_P1 1 SER A 15  ? GLN A 29  ? SER A 396 GLN A 410 1 ? 15 
HELX_P HELX_P2 2 ASN A 34  ? GLY A 43  ? ASN A 415 GLY A 424 1 ? 10 
HELX_P HELX_P3 3 ASP A 45  ? TRP A 56  ? ASP A 426 TRP A 437 1 ? 12 
HELX_P HELX_P4 4 ALA A 89  ? ASN A 95  ? ALA A 470 ASN A 476 1 ? 7  
HELX_P HELX_P5 5 ASP A 110 ? GLN A 127 ? ASP A 491 GLN A 508 1 ? 18 
HELX_P HELX_P6 6 GLN A 147 ? GLU A 151 ? GLN A 528 GLU A 532 5 ? 5  
# 
_struct_conf_type.id          HELX_P 
_struct_conf_type.criteria    ? 
_struct_conf_type.reference   ? 
# 
loop_
_struct_sheet.id 
_struct_sheet.type 
_struct_sheet.number_strands 
_struct_sheet.details 
A ? 6 ? 
B ? 4 ? 
# 
loop_
_struct_sheet_order.sheet_id 
_struct_sheet_order.range_id_1 
_struct_sheet_order.range_id_2 
_struct_sheet_order.offset 
_struct_sheet_order.sense 
A 1 2 ? anti-parallel 
A 2 3 ? anti-parallel 
A 3 4 ? anti-parallel 
A 4 5 ? anti-parallel 
A 5 6 ? anti-parallel 
B 1 2 ? anti-parallel 
B 2 3 ? parallel      
B 3 4 ? anti-parallel 
# 
loop_
_struct_sheet_range.sheet_id 
_struct_sheet_range.id 
_struct_sheet_range.beg_label_comp_id 
_struct_sheet_range.beg_label_asym_id 
_struct_sheet_range.beg_label_seq_id 
_struct_sheet_range.pdbx_beg_PDB_ins_code 
_struct_sheet_range.end_label_comp_id 
_struct_sheet_range.end_label_asym_id 
_struct_sheet_range.end_label_seq_id 
_struct_sheet_range.pdbx_end_PDB_ins_code 
_struct_sheet_range.beg_auth_comp_id 
_struct_sheet_range.beg_auth_asym_id 
_struct_sheet_range.beg_auth_seq_id 
_struct_sheet_range.end_auth_comp_id 
_struct_sheet_range.end_auth_asym_id 
_struct_sheet_range.end_auth_seq_id 
A 1 VAL A 3   ? THR A 8   ? VAL A 384 THR A 389 
A 2 LEU A 154 ? LEU A 163 ? LEU A 535 LEU A 544 
A 3 ARG A 130 ? PRO A 140 ? ARG A 511 PRO A 521 
A 4 HIS A 81  ? GLY A 88  ? HIS A 462 GLY A 469 
A 5 ARG A 70  ? ALA A 76  ? ARG A 451 ALA A 457 
A 6 GLN A 57  ? ILE A 62  ? GLN A 438 ILE A 443 
B 1 VAL A 3   ? THR A 8   ? VAL A 384 THR A 389 
B 2 LEU A 154 ? LEU A 163 ? LEU A 535 LEU A 544 
B 3 CYS A 97  ? HIS A 102 ? CYS A 478 HIS A 483 
B 4 GLU A 105 ? PRO A 108 ? GLU A 486 PRO A 489 
# 
loop_
_pdbx_struct_sheet_hbond.sheet_id 
_pdbx_struct_sheet_hbond.range_id_1 
_pdbx_struct_sheet_hbond.range_id_2 
_pdbx_struct_sheet_hbond.range_1_label_atom_id 
_pdbx_struct_sheet_hbond.range_1_label_comp_id 
_pdbx_struct_sheet_hbond.range_1_label_asym_id 
_pdbx_struct_sheet_hbond.range_1_label_seq_id 
_pdbx_struct_sheet_hbond.range_1_PDB_ins_code 
_pdbx_struct_sheet_hbond.range_1_auth_atom_id 
_pdbx_struct_sheet_hbond.range_1_auth_comp_id 
_pdbx_struct_sheet_hbond.range_1_auth_asym_id 
_pdbx_struct_sheet_hbond.range_1_auth_seq_id 
_pdbx_struct_sheet_hbond.range_2_label_atom_id 
_pdbx_struct_sheet_hbond.range_2_label_comp_id 
_pdbx_struct_sheet_hbond.range_2_label_asym_id 
_pdbx_struct_sheet_hbond.range_2_label_seq_id 
_pdbx_struct_sheet_hbond.range_2_PDB_ins_code 
_pdbx_struct_sheet_hbond.range_2_auth_atom_id 
_pdbx_struct_sheet_hbond.range_2_auth_comp_id 
_pdbx_struct_sheet_hbond.range_2_auth_asym_id 
_pdbx_struct_sheet_hbond.range_2_auth_seq_id 
A 1 2 N VAL A 3   ? N VAL A 384 O LEU A 163 ? O LEU A 544 
A 2 3 O ILE A 155 ? O ILE A 536 N THR A 136 ? N THR A 517 
A 3 4 O ALA A 135 ? O ALA A 516 N CYS A 86  ? N CYS A 467 
A 4 5 O VAL A 85  ? O VAL A 466 N VAL A 73  ? N VAL A 454 
A 5 6 O VAL A 74  ? O VAL A 455 N ILE A 59  ? N ILE A 440 
B 1 2 N VAL A 3   ? N VAL A 384 O LEU A 163 ? O LEU A 544 
B 2 3 O LEU A 156 ? O LEU A 537 N GLN A 99  ? N GLN A 480 
B 3 4 N HIS A 102 ? N HIS A 483 O GLU A 105 ? O GLU A 486 
# 
loop_
_struct_site.id 
_struct_site.pdbx_evidence_code 
_struct_site.pdbx_auth_asym_id 
_struct_site.pdbx_auth_comp_id 
_struct_site.pdbx_auth_seq_id 
_struct_site.pdbx_auth_ins_code 
_struct_site.pdbx_num_residues 
_struct_site.details 
AC1 Software A SO4 1 ? 6 'BINDING SITE FOR RESIDUE SO4 A 1' 
AC2 Software A SO4 2 ? 5 'BINDING SITE FOR RESIDUE SO4 A 2' 
# 
loop_
_struct_site_gen.id 
_struct_site_gen.site_id 
_struct_site_gen.pdbx_num_res 
_struct_site_gen.label_comp_id 
_struct_site_gen.label_asym_id 
_struct_site_gen.label_seq_id 
_struct_site_gen.pdbx_auth_ins_code 
_struct_site_gen.auth_comp_id 
_struct_site_gen.auth_asym_id 
_struct_site_gen.auth_seq_id 
_struct_site_gen.label_atom_id 
_struct_site_gen.label_alt_id 
_struct_site_gen.symmetry 
_struct_site_gen.details 
1  AC1 6 HOH D .   ? HOH A 25  . ? 1_555 ? 
2  AC1 6 HOH D .   ? HOH A 78  . ? 1_555 ? 
3  AC1 6 HOH D .   ? HOH A 191 . ? 1_555 ? 
4  AC1 6 HOH D .   ? HOH A 195 . ? 1_555 ? 
5  AC1 6 GLN A 147 ? GLN A 528 . ? 1_555 ? 
6  AC1 6 ARG A 148 ? ARG A 529 . ? 1_555 ? 
7  AC2 5 HOH D .   ? HOH A 61  . ? 1_555 ? 
8  AC2 5 HOH D .   ? HOH A 100 . ? 1_555 ? 
9  AC2 5 HOH D .   ? HOH A 210 . ? 1_555 ? 
10 AC2 5 ARG A 70  ? ARG A 451 . ? 1_555 ? 
11 AC2 5 ASN A 95  ? ASN A 476 . ? 1_555 ? 
# 
_pdbx_validate_close_contact.id               1 
_pdbx_validate_close_contact.PDB_model_num    1 
_pdbx_validate_close_contact.auth_atom_id_1   O 
_pdbx_validate_close_contact.auth_asym_id_1   A 
_pdbx_validate_close_contact.auth_comp_id_1   HOH 
_pdbx_validate_close_contact.auth_seq_id_1    15 
_pdbx_validate_close_contact.PDB_ins_code_1   ? 
_pdbx_validate_close_contact.label_alt_id_1   ? 
_pdbx_validate_close_contact.auth_atom_id_2   O 
_pdbx_validate_close_contact.auth_asym_id_2   A 
_pdbx_validate_close_contact.auth_comp_id_2   HOH 
_pdbx_validate_close_contact.auth_seq_id_2    264 
_pdbx_validate_close_contact.PDB_ins_code_2   ? 
_pdbx_validate_close_contact.label_alt_id_2   ? 
_pdbx_validate_close_contact.dist             2.05 
# 
loop_
_pdbx_validate_torsion.id 
_pdbx_validate_torsion.PDB_model_num 
_pdbx_validate_torsion.auth_comp_id 
_pdbx_validate_torsion.auth_asym_id 
_pdbx_validate_torsion.auth_seq_id 
_pdbx_validate_torsion.PDB_ins_code 
_pdbx_validate_torsion.label_alt_id 
_pdbx_validate_torsion.phi 
_pdbx_validate_torsion.psi 
1 1 ASP A 390 ? ? -67.32  -179.57 
2 1 LEU A 413 ? ? -154.85 84.54   
# 
loop_
_pdbx_struct_special_symmetry.id 
_pdbx_struct_special_symmetry.PDB_model_num 
_pdbx_struct_special_symmetry.auth_asym_id 
_pdbx_struct_special_symmetry.auth_comp_id 
_pdbx_struct_special_symmetry.auth_seq_id 
_pdbx_struct_special_symmetry.PDB_ins_code 
_pdbx_struct_special_symmetry.label_asym_id 
_pdbx_struct_special_symmetry.label_comp_id 
_pdbx_struct_special_symmetry.label_seq_id 
1 1 A HOH 14  ? D HOH . 
2 1 A HOH 23  ? D HOH . 
3 1 A HOH 109 ? D HOH . 
# 
loop_
_pdbx_unobs_or_zero_occ_residues.id 
_pdbx_unobs_or_zero_occ_residues.PDB_model_num 
_pdbx_unobs_or_zero_occ_residues.polymer_flag 
_pdbx_unobs_or_zero_occ_residues.occupancy_flag 
_pdbx_unobs_or_zero_occ_residues.auth_asym_id 
_pdbx_unobs_or_zero_occ_residues.auth_comp_id 
_pdbx_unobs_or_zero_occ_residues.auth_seq_id 
_pdbx_unobs_or_zero_occ_residues.PDB_ins_code 
_pdbx_unobs_or_zero_occ_residues.label_asym_id 
_pdbx_unobs_or_zero_occ_residues.label_comp_id 
_pdbx_unobs_or_zero_occ_residues.label_seq_id 
1 1 Y 1 A HIS 546 ? A HIS 165 
2 1 Y 1 A HIS 547 ? A HIS 166 
3 1 Y 1 A HIS 548 ? A HIS 167 
4 1 Y 1 A HIS 549 ? A HIS 168 
5 1 Y 1 A HIS 550 ? A HIS 169 
6 1 Y 1 A HIS 551 ? A HIS 170 
# 
loop_
_chem_comp_atom.comp_id 
_chem_comp_atom.atom_id 
_chem_comp_atom.type_symbol 
_chem_comp_atom.pdbx_aromatic_flag 
_chem_comp_atom.pdbx_stereo_config 
_chem_comp_atom.pdbx_ordinal 
ALA N    N N N 1   
ALA CA   C N S 2   
ALA C    C N N 3   
ALA O    O N N 4   
ALA CB   C N N 5   
ALA OXT  O N N 6   
ALA H    H N N 7   
ALA H2   H N N 8   
ALA HA   H N N 9   
ALA HB1  H N N 10  
ALA HB2  H N N 11  
ALA HB3  H N N 12  
ALA HXT  H N N 13  
ARG N    N N N 14  
ARG CA   C N S 15  
ARG C    C N N 16  
ARG O    O N N 17  
ARG CB   C N N 18  
ARG CG   C N N 19  
ARG CD   C N N 20  
ARG NE   N N N 21  
ARG CZ   C N N 22  
ARG NH1  N N N 23  
ARG NH2  N N N 24  
ARG OXT  O N N 25  
ARG H    H N N 26  
ARG H2   H N N 27  
ARG HA   H N N 28  
ARG HB2  H N N 29  
ARG HB3  H N N 30  
ARG HG2  H N N 31  
ARG HG3  H N N 32  
ARG HD2  H N N 33  
ARG HD3  H N N 34  
ARG HE   H N N 35  
ARG HH11 H N N 36  
ARG HH12 H N N 37  
ARG HH21 H N N 38  
ARG HH22 H N N 39  
ARG HXT  H N N 40  
ASN N    N N N 41  
ASN CA   C N S 42  
ASN C    C N N 43  
ASN O    O N N 44  
ASN CB   C N N 45  
ASN CG   C N N 46  
ASN OD1  O N N 47  
ASN ND2  N N N 48  
ASN OXT  O N N 49  
ASN H    H N N 50  
ASN H2   H N N 51  
ASN HA   H N N 52  
ASN HB2  H N N 53  
ASN HB3  H N N 54  
ASN HD21 H N N 55  
ASN HD22 H N N 56  
ASN HXT  H N N 57  
ASP N    N N N 58  
ASP CA   C N S 59  
ASP C    C N N 60  
ASP O    O N N 61  
ASP CB   C N N 62  
ASP CG   C N N 63  
ASP OD1  O N N 64  
ASP OD2  O N N 65  
ASP OXT  O N N 66  
ASP H    H N N 67  
ASP H2   H N N 68  
ASP HA   H N N 69  
ASP HB2  H N N 70  
ASP HB3  H N N 71  
ASP HD2  H N N 72  
ASP HXT  H N N 73  
CYS N    N N N 74  
CYS CA   C N R 75  
CYS C    C N N 76  
CYS O    O N N 77  
CYS CB   C N N 78  
CYS SG   S N N 79  
CYS OXT  O N N 80  
CYS H    H N N 81  
CYS H2   H N N 82  
CYS HA   H N N 83  
CYS HB2  H N N 84  
CYS HB3  H N N 85  
CYS HG   H N N 86  
CYS HXT  H N N 87  
GLN N    N N N 88  
GLN CA   C N S 89  
GLN C    C N N 90  
GLN O    O N N 91  
GLN CB   C N N 92  
GLN CG   C N N 93  
GLN CD   C N N 94  
GLN OE1  O N N 95  
GLN NE2  N N N 96  
GLN OXT  O N N 97  
GLN H    H N N 98  
GLN H2   H N N 99  
GLN HA   H N N 100 
GLN HB2  H N N 101 
GLN HB3  H N N 102 
GLN HG2  H N N 103 
GLN HG3  H N N 104 
GLN HE21 H N N 105 
GLN HE22 H N N 106 
GLN HXT  H N N 107 
GLU N    N N N 108 
GLU CA   C N S 109 
GLU C    C N N 110 
GLU O    O N N 111 
GLU CB   C N N 112 
GLU CG   C N N 113 
GLU CD   C N N 114 
GLU OE1  O N N 115 
GLU OE2  O N N 116 
GLU OXT  O N N 117 
GLU H    H N N 118 
GLU H2   H N N 119 
GLU HA   H N N 120 
GLU HB2  H N N 121 
GLU HB3  H N N 122 
GLU HG2  H N N 123 
GLU HG3  H N N 124 
GLU HE2  H N N 125 
GLU HXT  H N N 126 
GLY N    N N N 127 
GLY CA   C N N 128 
GLY C    C N N 129 
GLY O    O N N 130 
GLY OXT  O N N 131 
GLY H    H N N 132 
GLY H2   H N N 133 
GLY HA2  H N N 134 
GLY HA3  H N N 135 
GLY HXT  H N N 136 
HIS N    N N N 137 
HIS CA   C N S 138 
HIS C    C N N 139 
HIS O    O N N 140 
HIS CB   C N N 141 
HIS CG   C Y N 142 
HIS ND1  N Y N 143 
HIS CD2  C Y N 144 
HIS CE1  C Y N 145 
HIS NE2  N Y N 146 
HIS OXT  O N N 147 
HIS H    H N N 148 
HIS H2   H N N 149 
HIS HA   H N N 150 
HIS HB2  H N N 151 
HIS HB3  H N N 152 
HIS HD1  H N N 153 
HIS HD2  H N N 154 
HIS HE1  H N N 155 
HIS HE2  H N N 156 
HIS HXT  H N N 157 
HOH O    O N N 158 
HOH H1   H N N 159 
HOH H2   H N N 160 
ILE N    N N N 161 
ILE CA   C N S 162 
ILE C    C N N 163 
ILE O    O N N 164 
ILE CB   C N S 165 
ILE CG1  C N N 166 
ILE CG2  C N N 167 
ILE CD1  C N N 168 
ILE OXT  O N N 169 
ILE H    H N N 170 
ILE H2   H N N 171 
ILE HA   H N N 172 
ILE HB   H N N 173 
ILE HG12 H N N 174 
ILE HG13 H N N 175 
ILE HG21 H N N 176 
ILE HG22 H N N 177 
ILE HG23 H N N 178 
ILE HD11 H N N 179 
ILE HD12 H N N 180 
ILE HD13 H N N 181 
ILE HXT  H N N 182 
LEU N    N N N 183 
LEU CA   C N S 184 
LEU C    C N N 185 
LEU O    O N N 186 
LEU CB   C N N 187 
LEU CG   C N N 188 
LEU CD1  C N N 189 
LEU CD2  C N N 190 
LEU OXT  O N N 191 
LEU H    H N N 192 
LEU H2   H N N 193 
LEU HA   H N N 194 
LEU HB2  H N N 195 
LEU HB3  H N N 196 
LEU HG   H N N 197 
LEU HD11 H N N 198 
LEU HD12 H N N 199 
LEU HD13 H N N 200 
LEU HD21 H N N 201 
LEU HD22 H N N 202 
LEU HD23 H N N 203 
LEU HXT  H N N 204 
LYS N    N N N 205 
LYS CA   C N S 206 
LYS C    C N N 207 
LYS O    O N N 208 
LYS CB   C N N 209 
LYS CG   C N N 210 
LYS CD   C N N 211 
LYS CE   C N N 212 
LYS NZ   N N N 213 
LYS OXT  O N N 214 
LYS H    H N N 215 
LYS H2   H N N 216 
LYS HA   H N N 217 
LYS HB2  H N N 218 
LYS HB3  H N N 219 
LYS HG2  H N N 220 
LYS HG3  H N N 221 
LYS HD2  H N N 222 
LYS HD3  H N N 223 
LYS HE2  H N N 224 
LYS HE3  H N N 225 
LYS HZ1  H N N 226 
LYS HZ2  H N N 227 
LYS HZ3  H N N 228 
LYS HXT  H N N 229 
MET N    N N N 230 
MET CA   C N S 231 
MET C    C N N 232 
MET O    O N N 233 
MET CB   C N N 234 
MET CG   C N N 235 
MET SD   S N N 236 
MET CE   C N N 237 
MET OXT  O N N 238 
MET H    H N N 239 
MET H2   H N N 240 
MET HA   H N N 241 
MET HB2  H N N 242 
MET HB3  H N N 243 
MET HG2  H N N 244 
MET HG3  H N N 245 
MET HE1  H N N 246 
MET HE2  H N N 247 
MET HE3  H N N 248 
MET HXT  H N N 249 
PHE N    N N N 250 
PHE CA   C N S 251 
PHE C    C N N 252 
PHE O    O N N 253 
PHE CB   C N N 254 
PHE CG   C Y N 255 
PHE CD1  C Y N 256 
PHE CD2  C Y N 257 
PHE CE1  C Y N 258 
PHE CE2  C Y N 259 
PHE CZ   C Y N 260 
PHE OXT  O N N 261 
PHE H    H N N 262 
PHE H2   H N N 263 
PHE HA   H N N 264 
PHE HB2  H N N 265 
PHE HB3  H N N 266 
PHE HD1  H N N 267 
PHE HD2  H N N 268 
PHE HE1  H N N 269 
PHE HE2  H N N 270 
PHE HZ   H N N 271 
PHE HXT  H N N 272 
PRO N    N N N 273 
PRO CA   C N S 274 
PRO C    C N N 275 
PRO O    O N N 276 
PRO CB   C N N 277 
PRO CG   C N N 278 
PRO CD   C N N 279 
PRO OXT  O N N 280 
PRO H    H N N 281 
PRO HA   H N N 282 
PRO HB2  H N N 283 
PRO HB3  H N N 284 
PRO HG2  H N N 285 
PRO HG3  H N N 286 
PRO HD2  H N N 287 
PRO HD3  H N N 288 
PRO HXT  H N N 289 
SER N    N N N 290 
SER CA   C N S 291 
SER C    C N N 292 
SER O    O N N 293 
SER CB   C N N 294 
SER OG   O N N 295 
SER OXT  O N N 296 
SER H    H N N 297 
SER H2   H N N 298 
SER HA   H N N 299 
SER HB2  H N N 300 
SER HB3  H N N 301 
SER HG   H N N 302 
SER HXT  H N N 303 
SO4 S    S N N 304 
SO4 O1   O N N 305 
SO4 O2   O N N 306 
SO4 O3   O N N 307 
SO4 O4   O N N 308 
THR N    N N N 309 
THR CA   C N S 310 
THR C    C N N 311 
THR O    O N N 312 
THR CB   C N R 313 
THR OG1  O N N 314 
THR CG2  C N N 315 
THR OXT  O N N 316 
THR H    H N N 317 
THR H2   H N N 318 
THR HA   H N N 319 
THR HB   H N N 320 
THR HG1  H N N 321 
THR HG21 H N N 322 
THR HG22 H N N 323 
THR HG23 H N N 324 
THR HXT  H N N 325 
TRP N    N N N 326 
TRP CA   C N S 327 
TRP C    C N N 328 
TRP O    O N N 329 
TRP CB   C N N 330 
TRP CG   C Y N 331 
TRP CD1  C Y N 332 
TRP CD2  C Y N 333 
TRP NE1  N Y N 334 
TRP CE2  C Y N 335 
TRP CE3  C Y N 336 
TRP CZ2  C Y N 337 
TRP CZ3  C Y N 338 
TRP CH2  C Y N 339 
TRP OXT  O N N 340 
TRP H    H N N 341 
TRP H2   H N N 342 
TRP HA   H N N 343 
TRP HB2  H N N 344 
TRP HB3  H N N 345 
TRP HD1  H N N 346 
TRP HE1  H N N 347 
TRP HE3  H N N 348 
TRP HZ2  H N N 349 
TRP HZ3  H N N 350 
TRP HH2  H N N 351 
TRP HXT  H N N 352 
TYR N    N N N 353 
TYR CA   C N S 354 
TYR C    C N N 355 
TYR O    O N N 356 
TYR CB   C N N 357 
TYR CG   C Y N 358 
TYR CD1  C Y N 359 
TYR CD2  C Y N 360 
TYR CE1  C Y N 361 
TYR CE2  C Y N 362 
TYR CZ   C Y N 363 
TYR OH   O N N 364 
TYR OXT  O N N 365 
TYR H    H N N 366 
TYR H2   H N N 367 
TYR HA   H N N 368 
TYR HB2  H N N 369 
TYR HB3  H N N 370 
TYR HD1  H N N 371 
TYR HD2  H N N 372 
TYR HE1  H N N 373 
TYR HE2  H N N 374 
TYR HH   H N N 375 
TYR HXT  H N N 376 
VAL N    N N N 377 
VAL CA   C N S 378 
VAL C    C N N 379 
VAL O    O N N 380 
VAL CB   C N N 381 
VAL CG1  C N N 382 
VAL CG2  C N N 383 
VAL OXT  O N N 384 
VAL H    H N N 385 
VAL H2   H N N 386 
VAL HA   H N N 387 
VAL HB   H N N 388 
VAL HG11 H N N 389 
VAL HG12 H N N 390 
VAL HG13 H N N 391 
VAL HG21 H N N 392 
VAL HG22 H N N 393 
VAL HG23 H N N 394 
VAL HXT  H N N 395 
# 
loop_
_chem_comp_bond.comp_id 
_chem_comp_bond.atom_id_1 
_chem_comp_bond.atom_id_2 
_chem_comp_bond.value_order 
_chem_comp_bond.pdbx_aromatic_flag 
_chem_comp_bond.pdbx_stereo_config 
_chem_comp_bond.pdbx_ordinal 
ALA N   CA   sing N N 1   
ALA N   H    sing N N 2   
ALA N   H2   sing N N 3   
ALA CA  C    sing N N 4   
ALA CA  CB   sing N N 5   
ALA CA  HA   sing N N 6   
ALA C   O    doub N N 7   
ALA C   OXT  sing N N 8   
ALA CB  HB1  sing N N 9   
ALA CB  HB2  sing N N 10  
ALA CB  HB3  sing N N 11  
ALA OXT HXT  sing N N 12  
ARG N   CA   sing N N 13  
ARG N   H    sing N N 14  
ARG N   H2   sing N N 15  
ARG CA  C    sing N N 16  
ARG CA  CB   sing N N 17  
ARG CA  HA   sing N N 18  
ARG C   O    doub N N 19  
ARG C   OXT  sing N N 20  
ARG CB  CG   sing N N 21  
ARG CB  HB2  sing N N 22  
ARG CB  HB3  sing N N 23  
ARG CG  CD   sing N N 24  
ARG CG  HG2  sing N N 25  
ARG CG  HG3  sing N N 26  
ARG CD  NE   sing N N 27  
ARG CD  HD2  sing N N 28  
ARG CD  HD3  sing N N 29  
ARG NE  CZ   sing N N 30  
ARG NE  HE   sing N N 31  
ARG CZ  NH1  sing N N 32  
ARG CZ  NH2  doub N N 33  
ARG NH1 HH11 sing N N 34  
ARG NH1 HH12 sing N N 35  
ARG NH2 HH21 sing N N 36  
ARG NH2 HH22 sing N N 37  
ARG OXT HXT  sing N N 38  
ASN N   CA   sing N N 39  
ASN N   H    sing N N 40  
ASN N   H2   sing N N 41  
ASN CA  C    sing N N 42  
ASN CA  CB   sing N N 43  
ASN CA  HA   sing N N 44  
ASN C   O    doub N N 45  
ASN C   OXT  sing N N 46  
ASN CB  CG   sing N N 47  
ASN CB  HB2  sing N N 48  
ASN CB  HB3  sing N N 49  
ASN CG  OD1  doub N N 50  
ASN CG  ND2  sing N N 51  
ASN ND2 HD21 sing N N 52  
ASN ND2 HD22 sing N N 53  
ASN OXT HXT  sing N N 54  
ASP N   CA   sing N N 55  
ASP N   H    sing N N 56  
ASP N   H2   sing N N 57  
ASP CA  C    sing N N 58  
ASP CA  CB   sing N N 59  
ASP CA  HA   sing N N 60  
ASP C   O    doub N N 61  
ASP C   OXT  sing N N 62  
ASP CB  CG   sing N N 63  
ASP CB  HB2  sing N N 64  
ASP CB  HB3  sing N N 65  
ASP CG  OD1  doub N N 66  
ASP CG  OD2  sing N N 67  
ASP OD2 HD2  sing N N 68  
ASP OXT HXT  sing N N 69  
CYS N   CA   sing N N 70  
CYS N   H    sing N N 71  
CYS N   H2   sing N N 72  
CYS CA  C    sing N N 73  
CYS CA  CB   sing N N 74  
CYS CA  HA   sing N N 75  
CYS C   O    doub N N 76  
CYS C   OXT  sing N N 77  
CYS CB  SG   sing N N 78  
CYS CB  HB2  sing N N 79  
CYS CB  HB3  sing N N 80  
CYS SG  HG   sing N N 81  
CYS OXT HXT  sing N N 82  
GLN N   CA   sing N N 83  
GLN N   H    sing N N 84  
GLN N   H2   sing N N 85  
GLN CA  C    sing N N 86  
GLN CA  CB   sing N N 87  
GLN CA  HA   sing N N 88  
GLN C   O    doub N N 89  
GLN C   OXT  sing N N 90  
GLN CB  CG   sing N N 91  
GLN CB  HB2  sing N N 92  
GLN CB  HB3  sing N N 93  
GLN CG  CD   sing N N 94  
GLN CG  HG2  sing N N 95  
GLN CG  HG3  sing N N 96  
GLN CD  OE1  doub N N 97  
GLN CD  NE2  sing N N 98  
GLN NE2 HE21 sing N N 99  
GLN NE2 HE22 sing N N 100 
GLN OXT HXT  sing N N 101 
GLU N   CA   sing N N 102 
GLU N   H    sing N N 103 
GLU N   H2   sing N N 104 
GLU CA  C    sing N N 105 
GLU CA  CB   sing N N 106 
GLU CA  HA   sing N N 107 
GLU C   O    doub N N 108 
GLU C   OXT  sing N N 109 
GLU CB  CG   sing N N 110 
GLU CB  HB2  sing N N 111 
GLU CB  HB3  sing N N 112 
GLU CG  CD   sing N N 113 
GLU CG  HG2  sing N N 114 
GLU CG  HG3  sing N N 115 
GLU CD  OE1  doub N N 116 
GLU CD  OE2  sing N N 117 
GLU OE2 HE2  sing N N 118 
GLU OXT HXT  sing N N 119 
GLY N   CA   sing N N 120 
GLY N   H    sing N N 121 
GLY N   H2   sing N N 122 
GLY CA  C    sing N N 123 
GLY CA  HA2  sing N N 124 
GLY CA  HA3  sing N N 125 
GLY C   O    doub N N 126 
GLY C   OXT  sing N N 127 
GLY OXT HXT  sing N N 128 
HIS N   CA   sing N N 129 
HIS N   H    sing N N 130 
HIS N   H2   sing N N 131 
HIS CA  C    sing N N 132 
HIS CA  CB   sing N N 133 
HIS CA  HA   sing N N 134 
HIS C   O    doub N N 135 
HIS C   OXT  sing N N 136 
HIS CB  CG   sing N N 137 
HIS CB  HB2  sing N N 138 
HIS CB  HB3  sing N N 139 
HIS CG  ND1  sing Y N 140 
HIS CG  CD2  doub Y N 141 
HIS ND1 CE1  doub Y N 142 
HIS ND1 HD1  sing N N 143 
HIS CD2 NE2  sing Y N 144 
HIS CD2 HD2  sing N N 145 
HIS CE1 NE2  sing Y N 146 
HIS CE1 HE1  sing N N 147 
HIS NE2 HE2  sing N N 148 
HIS OXT HXT  sing N N 149 
HOH O   H1   sing N N 150 
HOH O   H2   sing N N 151 
ILE N   CA   sing N N 152 
ILE N   H    sing N N 153 
ILE N   H2   sing N N 154 
ILE CA  C    sing N N 155 
ILE CA  CB   sing N N 156 
ILE CA  HA   sing N N 157 
ILE C   O    doub N N 158 
ILE C   OXT  sing N N 159 
ILE CB  CG1  sing N N 160 
ILE CB  CG2  sing N N 161 
ILE CB  HB   sing N N 162 
ILE CG1 CD1  sing N N 163 
ILE CG1 HG12 sing N N 164 
ILE CG1 HG13 sing N N 165 
ILE CG2 HG21 sing N N 166 
ILE CG2 HG22 sing N N 167 
ILE CG2 HG23 sing N N 168 
ILE CD1 HD11 sing N N 169 
ILE CD1 HD12 sing N N 170 
ILE CD1 HD13 sing N N 171 
ILE OXT HXT  sing N N 172 
LEU N   CA   sing N N 173 
LEU N   H    sing N N 174 
LEU N   H2   sing N N 175 
LEU CA  C    sing N N 176 
LEU CA  CB   sing N N 177 
LEU CA  HA   sing N N 178 
LEU C   O    doub N N 179 
LEU C   OXT  sing N N 180 
LEU CB  CG   sing N N 181 
LEU CB  HB2  sing N N 182 
LEU CB  HB3  sing N N 183 
LEU CG  CD1  sing N N 184 
LEU CG  CD2  sing N N 185 
LEU CG  HG   sing N N 186 
LEU CD1 HD11 sing N N 187 
LEU CD1 HD12 sing N N 188 
LEU CD1 HD13 sing N N 189 
LEU CD2 HD21 sing N N 190 
LEU CD2 HD22 sing N N 191 
LEU CD2 HD23 sing N N 192 
LEU OXT HXT  sing N N 193 
LYS N   CA   sing N N 194 
LYS N   H    sing N N 195 
LYS N   H2   sing N N 196 
LYS CA  C    sing N N 197 
LYS CA  CB   sing N N 198 
LYS CA  HA   sing N N 199 
LYS C   O    doub N N 200 
LYS C   OXT  sing N N 201 
LYS CB  CG   sing N N 202 
LYS CB  HB2  sing N N 203 
LYS CB  HB3  sing N N 204 
LYS CG  CD   sing N N 205 
LYS CG  HG2  sing N N 206 
LYS CG  HG3  sing N N 207 
LYS CD  CE   sing N N 208 
LYS CD  HD2  sing N N 209 
LYS CD  HD3  sing N N 210 
LYS CE  NZ   sing N N 211 
LYS CE  HE2  sing N N 212 
LYS CE  HE3  sing N N 213 
LYS NZ  HZ1  sing N N 214 
LYS NZ  HZ2  sing N N 215 
LYS NZ  HZ3  sing N N 216 
LYS OXT HXT  sing N N 217 
MET N   CA   sing N N 218 
MET N   H    sing N N 219 
MET N   H2   sing N N 220 
MET CA  C    sing N N 221 
MET CA  CB   sing N N 222 
MET CA  HA   sing N N 223 
MET C   O    doub N N 224 
MET C   OXT  sing N N 225 
MET CB  CG   sing N N 226 
MET CB  HB2  sing N N 227 
MET CB  HB3  sing N N 228 
MET CG  SD   sing N N 229 
MET CG  HG2  sing N N 230 
MET CG  HG3  sing N N 231 
MET SD  CE   sing N N 232 
MET CE  HE1  sing N N 233 
MET CE  HE2  sing N N 234 
MET CE  HE3  sing N N 235 
MET OXT HXT  sing N N 236 
PHE N   CA   sing N N 237 
PHE N   H    sing N N 238 
PHE N   H2   sing N N 239 
PHE CA  C    sing N N 240 
PHE CA  CB   sing N N 241 
PHE CA  HA   sing N N 242 
PHE C   O    doub N N 243 
PHE C   OXT  sing N N 244 
PHE CB  CG   sing N N 245 
PHE CB  HB2  sing N N 246 
PHE CB  HB3  sing N N 247 
PHE CG  CD1  doub Y N 248 
PHE CG  CD2  sing Y N 249 
PHE CD1 CE1  sing Y N 250 
PHE CD1 HD1  sing N N 251 
PHE CD2 CE2  doub Y N 252 
PHE CD2 HD2  sing N N 253 
PHE CE1 CZ   doub Y N 254 
PHE CE1 HE1  sing N N 255 
PHE CE2 CZ   sing Y N 256 
PHE CE2 HE2  sing N N 257 
PHE CZ  HZ   sing N N 258 
PHE OXT HXT  sing N N 259 
PRO N   CA   sing N N 260 
PRO N   CD   sing N N 261 
PRO N   H    sing N N 262 
PRO CA  C    sing N N 263 
PRO CA  CB   sing N N 264 
PRO CA  HA   sing N N 265 
PRO C   O    doub N N 266 
PRO C   OXT  sing N N 267 
PRO CB  CG   sing N N 268 
PRO CB  HB2  sing N N 269 
PRO CB  HB3  sing N N 270 
PRO CG  CD   sing N N 271 
PRO CG  HG2  sing N N 272 
PRO CG  HG3  sing N N 273 
PRO CD  HD2  sing N N 274 
PRO CD  HD3  sing N N 275 
PRO OXT HXT  sing N N 276 
SER N   CA   sing N N 277 
SER N   H    sing N N 278 
SER N   H2   sing N N 279 
SER CA  C    sing N N 280 
SER CA  CB   sing N N 281 
SER CA  HA   sing N N 282 
SER C   O    doub N N 283 
SER C   OXT  sing N N 284 
SER CB  OG   sing N N 285 
SER CB  HB2  sing N N 286 
SER CB  HB3  sing N N 287 
SER OG  HG   sing N N 288 
SER OXT HXT  sing N N 289 
SO4 S   O1   doub N N 290 
SO4 S   O2   doub N N 291 
SO4 S   O3   sing N N 292 
SO4 S   O4   sing N N 293 
THR N   CA   sing N N 294 
THR N   H    sing N N 295 
THR N   H2   sing N N 296 
THR CA  C    sing N N 297 
THR CA  CB   sing N N 298 
THR CA  HA   sing N N 299 
THR C   O    doub N N 300 
THR C   OXT  sing N N 301 
THR CB  OG1  sing N N 302 
THR CB  CG2  sing N N 303 
THR CB  HB   sing N N 304 
THR OG1 HG1  sing N N 305 
THR CG2 HG21 sing N N 306 
THR CG2 HG22 sing N N 307 
THR CG2 HG23 sing N N 308 
THR OXT HXT  sing N N 309 
TRP N   CA   sing N N 310 
TRP N   H    sing N N 311 
TRP N   H2   sing N N 312 
TRP CA  C    sing N N 313 
TRP CA  CB   sing N N 314 
TRP CA  HA   sing N N 315 
TRP C   O    doub N N 316 
TRP C   OXT  sing N N 317 
TRP CB  CG   sing N N 318 
TRP CB  HB2  sing N N 319 
TRP CB  HB3  sing N N 320 
TRP CG  CD1  doub Y N 321 
TRP CG  CD2  sing Y N 322 
TRP CD1 NE1  sing Y N 323 
TRP CD1 HD1  sing N N 324 
TRP CD2 CE2  doub Y N 325 
TRP CD2 CE3  sing Y N 326 
TRP NE1 CE2  sing Y N 327 
TRP NE1 HE1  sing N N 328 
TRP CE2 CZ2  sing Y N 329 
TRP CE3 CZ3  doub Y N 330 
TRP CE3 HE3  sing N N 331 
TRP CZ2 CH2  doub Y N 332 
TRP CZ2 HZ2  sing N N 333 
TRP CZ3 CH2  sing Y N 334 
TRP CZ3 HZ3  sing N N 335 
TRP CH2 HH2  sing N N 336 
TRP OXT HXT  sing N N 337 
TYR N   CA   sing N N 338 
TYR N   H    sing N N 339 
TYR N   H2   sing N N 340 
TYR CA  C    sing N N 341 
TYR CA  CB   sing N N 342 
TYR CA  HA   sing N N 343 
TYR C   O    doub N N 344 
TYR C   OXT  sing N N 345 
TYR CB  CG   sing N N 346 
TYR CB  HB2  sing N N 347 
TYR CB  HB3  sing N N 348 
TYR CG  CD1  doub Y N 349 
TYR CG  CD2  sing Y N 350 
TYR CD1 CE1  sing Y N 351 
TYR CD1 HD1  sing N N 352 
TYR CD2 CE2  doub Y N 353 
TYR CD2 HD2  sing N N 354 
TYR CE1 CZ   doub Y N 355 
TYR CE1 HE1  sing N N 356 
TYR CE2 CZ   sing Y N 357 
TYR CE2 HE2  sing N N 358 
TYR CZ  OH   sing N N 359 
TYR OH  HH   sing N N 360 
TYR OXT HXT  sing N N 361 
VAL N   CA   sing N N 362 
VAL N   H    sing N N 363 
VAL N   H2   sing N N 364 
VAL CA  C    sing N N 365 
VAL CA  CB   sing N N 366 
VAL CA  HA   sing N N 367 
VAL C   O    doub N N 368 
VAL C   OXT  sing N N 369 
VAL CB  CG1  sing N N 370 
VAL CB  CG2  sing N N 371 
VAL CB  HB   sing N N 372 
VAL CG1 HG11 sing N N 373 
VAL CG1 HG12 sing N N 374 
VAL CG1 HG13 sing N N 375 
VAL CG2 HG21 sing N N 376 
VAL CG2 HG22 sing N N 377 
VAL CG2 HG23 sing N N 378 
VAL OXT HXT  sing N N 379 
# 
_atom_sites.entry_id                    3GWI 
_atom_sites.fract_transf_matrix[1][1]   0.00041993 
_atom_sites.fract_transf_matrix[1][2]   -0.00986648 
_atom_sites.fract_transf_matrix[1][3]   -0.00179934 
_atom_sites.fract_transf_matrix[2][1]   -0.00966438 
_atom_sites.fract_transf_matrix[2][2]   0.00008324 
_atom_sites.fract_transf_matrix[2][3]   -0.00271188 
_atom_sites.fract_transf_matrix[3][1]   0.00577482 
_atom_sites.fract_transf_matrix[3][2]   0.00397665 
_atom_sites.fract_transf_matrix[3][3]   -0.02045780 
_atom_sites.fract_transf_vector[1]      -0.092634 
_atom_sites.fract_transf_vector[2]      -0.286502 
_atom_sites.fract_transf_vector[3]      0.179235 
# 
loop_
_atom_type.symbol 
C 
N 
O 
S 
# 
loop_
_atom_site.group_PDB 
_atom_site.id 
_atom_site.type_symbol 
_atom_site.label_atom_id 
_atom_site.label_alt_id 
_atom_site.label_comp_id 
_atom_site.label_asym_id 
_atom_site.label_entity_id 
_atom_site.label_seq_id 
_atom_site.pdbx_PDB_ins_code 
_atom_site.Cartn_x 
_atom_site.Cartn_y 
_atom_site.Cartn_z 
_atom_site.occupancy 
_atom_site.B_iso_or_equiv 
_atom_site.pdbx_formal_charge 
_atom_site.auth_seq_id 
_atom_site.auth_comp_id 
_atom_site.auth_asym_id 
_atom_site.auth_atom_id 
_atom_site.pdbx_PDB_model_num 
ATOM   1    N N   . MET A 1 1   ? 19.063  -11.244 -5.680  1.00 26.66 ? 382 MET A N   1 
ATOM   2    C CA  . MET A 1 1   ? 17.912  -10.523 -6.285  1.00 26.92 ? 382 MET A CA  1 
ATOM   3    C C   . MET A 1 1   ? 16.753  -10.529 -5.298  1.00 24.72 ? 382 MET A C   1 
ATOM   4    O O   . MET A 1 1   ? 16.387  -11.579 -4.766  1.00 24.42 ? 382 MET A O   1 
ATOM   5    C CB  . MET A 1 1   ? 17.506  -11.192 -7.605  1.00 27.05 ? 382 MET A CB  1 
ATOM   6    C CG  . MET A 1 1   ? 16.177  -10.732 -8.198  1.00 29.24 ? 382 MET A CG  1 
ATOM   7    S SD  . MET A 1 1   ? 15.769  -11.507 -9.781  1.00 32.10 ? 382 MET A SD  1 
ATOM   8    C CE  . MET A 1 1   ? 15.506  -13.215 -9.304  1.00 31.14 ? 382 MET A CE  1 
ATOM   9    N N   . ILE A 1 2   ? 16.190  -9.352  -5.048  1.00 22.60 ? 383 ILE A N   1 
ATOM   10   C CA  . ILE A 1 2   ? 15.008  -9.229  -4.201  1.00 21.02 ? 383 ILE A CA  1 
ATOM   11   C C   . ILE A 1 2   ? 13.792  -9.591  -5.034  1.00 19.61 ? 383 ILE A C   1 
ATOM   12   O O   . ILE A 1 2   ? 13.613  -9.085  -6.153  1.00 18.89 ? 383 ILE A O   1 
ATOM   13   C CB  . ILE A 1 2   ? 14.841  -7.798  -3.640  1.00 21.16 ? 383 ILE A CB  1 
ATOM   14   C CG1 . ILE A 1 2   ? 16.056  -7.416  -2.777  1.00 21.21 ? 383 ILE A CG1 1 
ATOM   15   C CG2 . ILE A 1 2   ? 13.510  -7.681  -2.874  1.00 20.52 ? 383 ILE A CG2 1 
ATOM   16   C CD1 . ILE A 1 2   ? 16.077  -5.975  -2.267  1.00 22.63 ? 383 ILE A CD1 1 
ATOM   17   N N   . VAL A 1 3   ? 12.964  -10.476 -4.493  1.00 18.08 ? 384 VAL A N   1 
ATOM   18   C CA  . VAL A 1 3   ? 11.816  -10.980 -5.228  1.00 16.99 ? 384 VAL A CA  1 
ATOM   19   C C   . VAL A 1 3   ? 10.551  -10.806 -4.399  1.00 16.09 ? 384 VAL A C   1 
ATOM   20   O O   . VAL A 1 3   ? 10.544  -11.074 -3.198  1.00 15.84 ? 384 VAL A O   1 
ATOM   21   C CB  . VAL A 1 3   ? 11.988  -12.485 -5.604  1.00 17.06 ? 384 VAL A CB  1 
ATOM   22   C CG1 . VAL A 1 3   ? 10.721  -13.038 -6.249  1.00 19.04 ? 384 VAL A CG1 1 
ATOM   23   C CG2 . VAL A 1 3   ? 13.176  -12.668 -6.524  1.00 18.25 ? 384 VAL A CG2 1 
ATOM   24   N N   . LEU A 1 4   ? 9.485   -10.354 -5.051  1.00 15.60 ? 385 LEU A N   1 
ATOM   25   C CA  . LEU A 1 4   ? 8.178   -10.299 -4.417  1.00 15.52 ? 385 LEU A CA  1 
ATOM   26   C C   . LEU A 1 4   ? 7.641   -11.707 -4.227  1.00 15.89 ? 385 LEU A C   1 
ATOM   27   O O   . LEU A 1 4   ? 7.349   -12.406 -5.205  1.00 16.55 ? 385 LEU A O   1 
ATOM   28   C CB  . LEU A 1 4   ? 7.215   -9.485  -5.282  1.00 16.04 ? 385 LEU A CB  1 
ATOM   29   C CG  . LEU A 1 4   ? 5.789   -9.375  -4.731  1.00 14.78 ? 385 LEU A CG  1 
ATOM   30   C CD1 . LEU A 1 4   ? 5.743   -8.498  -3.486  1.00 17.91 ? 385 LEU A CD1 1 
ATOM   31   C CD2 . LEU A 1 4   ? 4.833   -8.852  -5.790  1.00 17.09 ? 385 LEU A CD2 1 
ATOM   32   N N   . GLU A 1 5   ? 7.507   -12.120 -2.972  1.00 15.35 ? 386 GLU A N   1 
ATOM   33   C CA  . GLU A 1 5   ? 7.041   -13.470 -2.663  1.00 16.47 ? 386 GLU A CA  1 
ATOM   34   C C   . GLU A 1 5   ? 5.568   -13.561 -2.294  1.00 16.14 ? 386 GLU A C   1 
ATOM   35   O O   . GLU A 1 5   ? 4.916   -14.573 -2.580  1.00 17.03 ? 386 GLU A O   1 
ATOM   36   C CB  . GLU A 1 5   ? 7.900   -14.089 -1.561  1.00 16.99 ? 386 GLU A CB  1 
ATOM   37   C CG  . GLU A 1 5   ? 9.275   -14.526 -2.051  1.00 19.55 ? 386 GLU A CG  1 
ATOM   38   C CD  . GLU A 1 5   ? 9.220   -15.549 -3.191  1.00 22.70 ? 386 GLU A CD  1 
ATOM   39   O OE1 . GLU A 1 5   ? 8.217   -16.289 -3.311  1.00 25.78 ? 386 GLU A OE1 1 
ATOM   40   O OE2 . GLU A 1 5   ? 10.195  -15.622 -3.964  1.00 24.82 ? 386 GLU A OE2 1 
ATOM   41   N N   . ASN A 1 6   ? 5.048   -12.507 -1.665  1.00 15.60 ? 387 ASN A N   1 
ATOM   42   C CA  . ASN A 1 6   ? 3.692   -12.523 -1.127  1.00 15.14 ? 387 ASN A CA  1 
ATOM   43   C C   . ASN A 1 6   ? 3.020   -11.185 -1.360  1.00 13.83 ? 387 ASN A C   1 
ATOM   44   O O   . ASN A 1 6   ? 3.661   -10.153 -1.287  1.00 13.62 ? 387 ASN A O   1 
ATOM   45   C CB  . ASN A 1 6   ? 3.698   -12.755 0.401   1.00 16.48 ? 387 ASN A CB  1 
ATOM   46   C CG  . ASN A 1 6   ? 4.503   -13.975 0.817   1.00 18.39 ? 387 ASN A CG  1 
ATOM   47   O OD1 . ASN A 1 6   ? 3.950   -15.063 0.982   1.00 23.81 ? 387 ASN A OD1 1 
ATOM   48   N ND2 . ASN A 1 6   ? 5.813   -13.799 0.994   1.00 19.81 ? 387 ASN A ND2 1 
ATOM   49   N N   . HIS A 1 7   ? 1.724   -11.227 -1.634  1.00 13.16 ? 388 HIS A N   1 
ATOM   50   C CA  . HIS A 1 7   ? 0.888   -10.029 -1.608  1.00 12.17 ? 388 HIS A CA  1 
ATOM   51   C C   . HIS A 1 7   ? -0.438  -10.444 -1.017  1.00 11.98 ? 388 HIS A C   1 
ATOM   52   O O   . HIS A 1 7   ? -1.240  -11.118 -1.687  1.00 12.19 ? 388 HIS A O   1 
ATOM   53   C CB  . HIS A 1 7   ? 0.723   -9.398  -3.004  1.00 11.80 ? 388 HIS A CB  1 
ATOM   54   C CG  . HIS A 1 7   ? 0.432   -10.377 -4.104  1.00 12.92 ? 388 HIS A CG  1 
ATOM   55   N ND1 . HIS A 1 7   ? -0.842  -10.625 -4.560  1.00 14.64 ? 388 HIS A ND1 1 
ATOM   56   C CD2 . HIS A 1 7   ? 1.257   -11.152 -4.851  1.00 15.71 ? 388 HIS A CD2 1 
ATOM   57   C CE1 . HIS A 1 7   ? -0.792  -11.510 -5.544  1.00 15.09 ? 388 HIS A CE1 1 
ATOM   58   N NE2 . HIS A 1 7   ? 0.469   -11.855 -5.732  1.00 15.71 ? 388 HIS A NE2 1 
ATOM   59   N N   . THR A 1 8   ? -0.665  -10.079 0.242   1.00 11.31 ? 389 THR A N   1 
ATOM   60   C CA  . THR A 1 8   ? -1.752  -10.689 1.000   1.00 11.71 ? 389 THR A CA  1 
ATOM   61   C C   . THR A 1 8   ? -2.685  -9.689  1.650   1.00 11.67 ? 389 THR A C   1 
ATOM   62   O O   . THR A 1 8   ? -2.285  -8.554  1.933   1.00 10.52 ? 389 THR A O   1 
ATOM   63   C CB  . THR A 1 8   ? -1.212  -11.642 2.113   1.00 11.98 ? 389 THR A CB  1 
ATOM   64   O OG1 . THR A 1 8   ? -0.650  -10.884 3.189   1.00 13.15 ? 389 THR A OG1 1 
ATOM   65   C CG2 . THR A 1 8   ? -0.158  -12.575 1.568   1.00 13.32 ? 389 THR A CG2 1 
ATOM   66   N N   . ASP A 1 9   ? -3.914  -10.132 1.915   1.00 11.89 ? 390 ASP A N   1 
ATOM   67   C CA  . ASP A 1 9   ? -4.787  -9.420  2.851   1.00 12.68 ? 390 ASP A CA  1 
ATOM   68   C C   . ASP A 1 9   ? -4.225  -9.511  4.291   1.00 12.69 ? 390 ASP A C   1 
ATOM   69   O O   . ASP A 1 9   ? -3.148  -10.085 4.517   1.00 11.87 ? 390 ASP A O   1 
ATOM   70   C CB  . ASP A 1 9   ? -6.249  -9.897  2.731   1.00 13.17 ? 390 ASP A CB  1 
ATOM   71   C CG  . ASP A 1 9   ? -6.460  -11.325 3.220   1.00 15.00 ? 390 ASP A CG  1 
ATOM   72   O OD1 . ASP A 1 9   ? -5.674  -11.828 4.058   1.00 15.12 ? 390 ASP A OD1 1 
ATOM   73   O OD2 . ASP A 1 9   ? -7.467  -11.921 2.764   1.00 17.83 ? 390 ASP A OD2 1 
ATOM   74   N N   . ILE A 1 10  ? -4.911  -8.919  5.264   1.00 12.98 ? 391 ILE A N   1 
ATOM   75   C CA  . ILE A 1 10  ? -4.301  -8.795  6.589   1.00 14.00 ? 391 ILE A CA  1 
ATOM   76   C C   . ILE A 1 10  ? -4.139  -10.144 7.302   1.00 14.00 ? 391 ILE A C   1 
ATOM   77   O O   . ILE A 1 10  ? -3.315  -10.276 8.213   1.00 13.95 ? 391 ILE A O   1 
ATOM   78   C CB  . ILE A 1 10  ? -5.002  -7.754  7.502   1.00 14.70 ? 391 ILE A CB  1 
ATOM   79   C CG1 . ILE A 1 10  ? -6.458  -8.131  7.769   1.00 16.47 ? 391 ILE A CG1 1 
ATOM   80   C CG2 . ILE A 1 10  ? -4.908  -6.349  6.877   1.00 15.65 ? 391 ILE A CG2 1 
ATOM   81   C CD1 . ILE A 1 10  ? -6.934  -7.737  9.168   1.00 19.42 ? 391 ILE A CD1 1 
ATOM   82   N N   . SER A 1 11  ? -4.910  -11.134 6.848   1.00 14.24 ? 392 SER A N   1 
ATOM   83   C CA  . SER A 1 11  ? -4.886  -12.506 7.372   1.00 15.16 ? 392 SER A CA  1 
ATOM   84   C C   . SER A 1 11  ? -3.825  -13.386 6.705   1.00 14.97 ? 392 SER A C   1 
ATOM   85   O O   . SER A 1 11  ? -3.609  -14.540 7.111   1.00 15.49 ? 392 SER A O   1 
ATOM   86   C CB  . SER A 1 11  ? -6.265  -13.151 7.191   1.00 15.42 ? 392 SER A CB  1 
ATOM   87   O OG  . SER A 1 11  ? -7.246  -12.382 7.867   1.00 18.58 ? 392 SER A OG  1 
ATOM   88   N N   . GLY A 1 12  ? -3.177  -12.855 5.670   1.00 14.76 ? 393 GLY A N   1 
ATOM   89   C CA  . GLY A 1 12  ? -2.102  -13.595 5.001   1.00 14.60 ? 393 GLY A CA  1 
ATOM   90   C C   . GLY A 1 12  ? -2.554  -14.405 3.798   1.00 14.84 ? 393 GLY A C   1 
ATOM   91   O O   . GLY A 1 12  ? -1.776  -15.206 3.268   1.00 15.22 ? 393 GLY A O   1 
ATOM   92   N N   . LYS A 1 13  ? -3.797  -14.204 3.356   1.00 15.20 ? 394 LYS A N   1 
ATOM   93   C CA  . LYS A 1 13  ? -4.320  -14.869 2.151   1.00 16.49 ? 394 LYS A CA  1 
ATOM   94   C C   . LYS A 1 13  ? -4.061  -14.015 0.906   1.00 16.12 ? 394 LYS A C   1 
ATOM   95   O O   . LYS A 1 13  ? -4.207  -12.790 0.953   1.00 15.67 ? 394 LYS A O   1 
ATOM   96   C CB  . LYS A 1 13  ? -5.812  -15.156 2.312   1.00 16.58 ? 394 LYS A CB  1 
ATOM   97   C CG  . LYS A 1 13  ? -6.455  -15.928 1.146   1.00 19.37 ? 394 LYS A CG  1 
ATOM   98   C CD  . LYS A 1 13  ? -7.969  -15.978 1.299   1.00 19.74 ? 394 LYS A CD  1 
ATOM   99   C CE  . LYS A 1 13  ? -8.669  -16.431 0.028   1.00 23.90 ? 394 LYS A CE  1 
ATOM   100  N NZ  . LYS A 1 13  ? -10.161 -16.522 0.227   1.00 26.26 ? 394 LYS A NZ  1 
ATOM   101  N N   . THR A 1 14  ? -3.682  -14.655 -0.199  1.00 16.00 ? 395 THR A N   1 
ATOM   102  C CA  . THR A 1 14  ? -3.274  -13.904 -1.396  1.00 16.81 ? 395 THR A CA  1 
ATOM   103  C C   . THR A 1 14  ? -4.368  -12.932 -1.842  1.00 16.37 ? 395 THR A C   1 
ATOM   104  O O   . THR A 1 14  ? -5.557  -13.262 -1.808  1.00 16.65 ? 395 THR A O   1 
ATOM   105  C CB  . THR A 1 14  ? -2.802  -14.825 -2.550  1.00 16.73 ? 395 THR A CB  1 
ATOM   106  O OG1 . THR A 1 14  ? -2.304  -14.030 -3.635  1.00 18.36 ? 395 THR A OG1 1 
ATOM   107  C CG2 . THR A 1 14  ? -3.929  -15.717 -3.051  1.00 19.52 ? 395 THR A CG2 1 
ATOM   108  N N   . SER A 1 15  ? -3.954  -11.723 -2.234  1.00 16.29 ? 396 SER A N   1 
ATOM   109  C CA  . SER A 1 15  ? -4.884  -10.672 -2.625  1.00 16.33 ? 396 SER A CA  1 
ATOM   110  C C   . SER A 1 15  ? -4.399  -9.900  -3.847  1.00 16.48 ? 396 SER A C   1 
ATOM   111  O O   . SER A 1 15  ? -3.299  -9.336  -3.836  1.00 15.21 ? 396 SER A O   1 
ATOM   112  C CB  . SER A 1 15  ? -5.104  -9.702  -1.465  1.00 16.67 ? 396 SER A CB  1 
ATOM   113  O OG  . SER A 1 15  ? -5.767  -8.528  -1.895  1.00 16.92 ? 396 SER A OG  1 
ATOM   114  N N   . GLU A 1 16  ? -5.233  -9.864  -4.890  1.00 16.31 ? 397 GLU A N   1 
ATOM   115  C CA  . GLU A 1 16  ? -4.915  -9.087  -6.088  1.00 16.94 ? 397 GLU A CA  1 
ATOM   116  C C   . GLU A 1 16  ? -5.065  -7.598  -5.809  1.00 16.32 ? 397 GLU A C   1 
ATOM   117  O O   . GLU A 1 16  ? -4.262  -6.797  -6.302  1.00 16.68 ? 397 GLU A O   1 
ATOM   118  C CB  . GLU A 1 16  ? -5.780  -9.527  -7.279  1.00 17.81 ? 397 GLU A CB  1 
ATOM   119  C CG  . GLU A 1 16  ? -5.494  -10.957 -7.761  1.00 21.70 ? 397 GLU A CG  1 
ATOM   120  C CD  . GLU A 1 16  ? -4.014  -11.239 -8.010  1.00 25.88 ? 397 GLU A CD  1 
ATOM   121  O OE1 . GLU A 1 16  ? -3.395  -10.541 -8.836  1.00 30.25 ? 397 GLU A OE1 1 
ATOM   122  O OE2 . GLU A 1 16  ? -3.473  -12.180 -7.394  1.00 28.71 ? 397 GLU A OE2 1 
ATOM   123  N N   . ARG A 1 17  ? -6.056  -7.227  -4.992  1.00 15.37 ? 398 ARG A N   1 
ATOM   124  C CA  . ARG A 1 17  ? -6.242  -5.825  -4.598  1.00 15.57 ? 398 ARG A CA  1 
ATOM   125  C C   . ARG A 1 17  ? -4.969  -5.222  -4.018  1.00 13.93 ? 398 ARG A C   1 
ATOM   126  O O   . ARG A 1 17  ? -4.550  -4.137  -4.409  1.00 14.05 ? 398 ARG A O   1 
ATOM   127  C CB  . ARG A 1 17  ? -7.376  -5.663  -3.580  1.00 15.90 ? 398 ARG A CB  1 
ATOM   128  C CG  . ARG A 1 17  ? -7.587  -4.214  -3.145  1.00 17.06 ? 398 ARG A CG  1 
ATOM   129  C CD  . ARG A 1 17  ? -8.598  -4.100  -2.009  1.00 18.16 ? 398 ARG A CD  1 
ATOM   130  N NE  . ARG A 1 17  ? -9.941  -4.522  -2.410  1.00 21.60 ? 398 ARG A NE  1 
ATOM   131  C CZ  . ARG A 1 17  ? -10.927 -3.709  -2.797  1.00 22.86 ? 398 ARG A CZ  1 
ATOM   132  N NH1 . ARG A 1 17  ? -10.752 -2.394  -2.859  1.00 21.40 ? 398 ARG A NH1 1 
ATOM   133  N NH2 . ARG A 1 17  ? -12.104 -4.227  -3.124  1.00 24.39 ? 398 ARG A NH2 1 
ATOM   134  N N   . VAL A 1 18  ? -4.364  -5.931  -3.068  1.00 12.43 ? 399 VAL A N   1 
ATOM   135  C CA  . VAL A 1 18  ? -3.131  -5.487  -2.444  1.00 10.90 ? 399 VAL A CA  1 
ATOM   136  C C   . VAL A 1 18  ? -1.993  -5.330  -3.462  1.00 10.52 ? 399 VAL A C   1 
ATOM   137  O O   . VAL A 1 18  ? -1.269  -4.321  -3.448  1.00 10.23 ? 399 VAL A O   1 
ATOM   138  C CB  . VAL A 1 18  ? -2.735  -6.447  -1.295  1.00 10.89 ? 399 VAL A CB  1 
ATOM   139  C CG1 . VAL A 1 18  ? -1.375  -6.082  -0.711  1.00 11.77 ? 399 VAL A CG1 1 
ATOM   140  C CG2 . VAL A 1 18  ? -3.823  -6.436  -0.224  1.00 11.05 ? 399 VAL A CG2 1 
ATOM   141  N N   . LEU A 1 19  ? -1.825  -6.319  -4.338  1.00 10.67 ? 400 LEU A N   1 
ATOM   142  C CA  . LEU A 1 19  ? -0.795  -6.218  -5.367  1.00 10.99 ? 400 LEU A CA  1 
ATOM   143  C C   . LEU A 1 19  ? -1.011  -4.993  -6.253  1.00 10.93 ? 400 LEU A C   1 
ATOM   144  O O   . LEU A 1 19  ? -0.066  -4.243  -6.543  1.00 10.80 ? 400 LEU A O   1 
ATOM   145  C CB  . LEU A 1 19  ? -0.744  -7.489  -6.225  1.00 11.47 ? 400 LEU A CB  1 
ATOM   146  C CG  . LEU A 1 19  ? 0.288   -7.440  -7.353  1.00 12.64 ? 400 LEU A CG  1 
ATOM   147  C CD1 . LEU A 1 19  ? 1.725   -7.268  -6.820  1.00 14.05 ? 400 LEU A CD1 1 
ATOM   148  C CD2 . LEU A 1 19  ? 0.136   -8.690  -8.246  1.00 13.39 ? 400 LEU A CD2 1 
ATOM   149  N N   . HIS A 1 20  ? -2.254  -4.783  -6.669  1.00 11.09 ? 401 HIS A N   1 
ATOM   150  C CA  . HIS A 1 20  ? -2.551  -3.711  -7.599  1.00 11.55 ? 401 HIS A CA  1 
ATOM   151  C C   . HIS A 1 20  ? -2.319  -2.351  -6.961  1.00 11.13 ? 401 HIS A C   1 
ATOM   152  O O   . HIS A 1 20  ? -1.750  -1.459  -7.595  1.00 11.73 ? 401 HIS A O   1 
ATOM   153  C CB  . HIS A 1 20  ? -3.964  -3.855  -8.147  1.00 12.41 ? 401 HIS A CB  1 
ATOM   154  C CG  . HIS A 1 20  ? -4.116  -5.003  -9.097  1.00 15.98 ? 401 HIS A CG  1 
ATOM   155  N ND1 . HIS A 1 20  ? -5.281  -5.254  -9.790  1.00 21.70 ? 401 HIS A ND1 1 
ATOM   156  C CD2 . HIS A 1 20  ? -3.232  -5.951  -9.491  1.00 18.11 ? 401 HIS A CD2 1 
ATOM   157  C CE1 . HIS A 1 20  ? -5.114  -6.322  -10.550 1.00 21.46 ? 401 HIS A CE1 1 
ATOM   158  N NE2 . HIS A 1 20  ? -3.882  -6.768  -10.383 1.00 22.02 ? 401 HIS A NE2 1 
ATOM   159  N N   . SER A 1 21  ? -2.717  -2.220  -5.694  1.00 10.75 ? 402 SER A N   1 
ATOM   160  C CA  . SER A 1 21  ? -2.460  -0.992  -4.934  1.00 10.72 ? 402 SER A CA  1 
ATOM   161  C C   . SER A 1 21  ? -0.959  -0.734  -4.808  1.00 10.22 ? 402 SER A C   1 
ATOM   162  O O   . SER A 1 21  ? -0.478  0.372   -5.064  1.00 9.52  ? 402 SER A O   1 
ATOM   163  C CB  . SER A 1 21  ? -3.124  -1.061  -3.555  1.00 10.77 ? 402 SER A CB  1 
ATOM   164  O OG  . SER A 1 21  ? -4.528  -1.152  -3.703  1.00 12.98 ? 402 SER A OG  1 
ATOM   165  N N   . ALA A 1 22  ? -0.214  -1.782  -4.451  1.00 9.52  ? 403 ALA A N   1 
ATOM   166  C CA  . ALA A 1 22  ? 1.230   -1.658  -4.292  1.00 9.49  ? 403 ALA A CA  1 
ATOM   167  C C   . ALA A 1 22  ? 1.861   -1.247  -5.615  1.00 9.41  ? 403 ALA A C   1 
ATOM   168  O O   . ALA A 1 22  ? 2.735   -0.377  -5.643  1.00 10.18 ? 403 ALA A O   1 
ATOM   169  C CB  . ALA A 1 22  ? 1.824   -2.978  -3.803  1.00 10.46 ? 403 ALA A CB  1 
ATOM   170  N N   . TRP A 1 23  ? 1.403   -1.883  -6.700  1.00 9.03  ? 404 TRP A N   1 
ATOM   171  C CA  . TRP A 1 23  ? 1.921   -1.602  -8.036  1.00 8.86  ? 404 TRP A CA  1 
ATOM   172  C C   . TRP A 1 23  ? 1.755   -0.109  -8.374  1.00 9.09  ? 404 TRP A C   1 
ATOM   173  O O   . TRP A 1 23  ? 2.682   0.532   -8.852  1.00 9.06  ? 404 TRP A O   1 
ATOM   174  C CB  . TRP A 1 23  ? 1.251   -2.501  -9.092  1.00 10.15 ? 404 TRP A CB  1 
ATOM   175  C CG  . TRP A 1 23  ? 1.921   -2.361  -10.432 1.00 9.93  ? 404 TRP A CG  1 
ATOM   176  C CD1 . TRP A 1 23  ? 2.943   -3.135  -10.921 1.00 10.82 ? 404 TRP A CD1 1 
ATOM   177  C CD2 . TRP A 1 23  ? 1.692   -1.334  -11.415 1.00 11.35 ? 404 TRP A CD2 1 
ATOM   178  N NE1 . TRP A 1 23  ? 3.332   -2.682  -12.165 1.00 10.88 ? 404 TRP A NE1 1 
ATOM   179  C CE2 . TRP A 1 23  ? 2.587   -1.573  -12.483 1.00 10.77 ? 404 TRP A CE2 1 
ATOM   180  C CE3 . TRP A 1 23  ? 0.802   -0.248  -11.506 1.00 10.81 ? 404 TRP A CE3 1 
ATOM   181  C CZ2 . TRP A 1 23  ? 2.612   -0.776  -13.636 1.00 10.77 ? 404 TRP A CZ2 1 
ATOM   182  C CZ3 . TRP A 1 23  ? 0.830   0.549   -12.643 1.00 10.68 ? 404 TRP A CZ3 1 
ATOM   183  C CH2 . TRP A 1 23  ? 1.740   0.284   -13.696 1.00 10.98 ? 404 TRP A CH2 1 
ATOM   184  N N   . LEU A 1 24  ? 0.567   0.427   -8.135  1.00 8.88  ? 405 LEU A N   1 
ATOM   185  C CA  . LEU A 1 24  ? 0.326   1.844   -8.448  1.00 9.24  ? 405 LEU A CA  1 
ATOM   186  C C   . LEU A 1 24  ? 1.268   2.791   -7.712  1.00 9.47  ? 405 LEU A C   1 
ATOM   187  O O   . LEU A 1 24  ? 1.743   3.763   -8.291  1.00 9.95  ? 405 LEU A O   1 
ATOM   188  C CB  . LEU A 1 24  ? -1.134  2.229   -8.166  1.00 9.75  ? 405 LEU A CB  1 
ATOM   189  C CG  . LEU A 1 24  ? -2.182  1.710   -9.152  1.00 10.43 ? 405 LEU A CG  1 
ATOM   190  C CD1 . LEU A 1 24  ? -3.557  1.857   -8.541  1.00 10.87 ? 405 LEU A CD1 1 
ATOM   191  C CD2 . LEU A 1 24  ? -2.098  2.427   -10.509 1.00 11.04 ? 405 LEU A CD2 1 
ATOM   192  N N   . ASN A 1 25  ? 1.540   2.496   -6.441  1.00 9.09  ? 406 ASN A N   1 
ATOM   193  C CA  . ASN A 1 25  ? 2.473   3.288   -5.655  1.00 9.51  ? 406 ASN A CA  1 
ATOM   194  C C   . ASN A 1 25  ? 3.896   3.140   -6.218  1.00 9.51  ? 406 ASN A C   1 
ATOM   195  O O   . ASN A 1 25  ? 4.576   4.142   -6.477  1.00 9.33  ? 406 ASN A O   1 
ATOM   196  C CB  . ASN A 1 25  ? 2.359   2.882   -4.181  1.00 9.50  ? 406 ASN A CB  1 
ATOM   197  C CG  . ASN A 1 25  ? 3.240   3.712   -3.269  1.00 9.98  ? 406 ASN A CG  1 
ATOM   198  O OD1 . ASN A 1 25  ? 4.480   3.618   -3.321  1.00 10.93 ? 406 ASN A OD1 1 
ATOM   199  N ND2 . ASN A 1 25  ? 2.609   4.497   -2.386  1.00 7.28  ? 406 ASN A ND2 1 
ATOM   200  N N   . SER A 1 26  ? 4.303   1.893   -6.450  1.00 9.76  ? 407 SER A N   1 
ATOM   201  C CA  . SER A 1 26  ? 5.616   1.587   -6.999  1.00 9.70  ? 407 SER A CA  1 
ATOM   202  C C   . SER A 1 26  ? 5.854   2.229   -8.360  1.00 10.19 ? 407 SER A C   1 
ATOM   203  O O   . SER A 1 26  ? 6.956   2.720   -8.629  1.00 11.55 ? 407 SER A O   1 
ATOM   204  C CB  . SER A 1 26  ? 5.824   0.077   -7.079  1.00 10.55 ? 407 SER A CB  1 
ATOM   205  O OG  . SER A 1 26  ? 5.730   -0.497  -5.782  1.00 11.15 ? 407 SER A OG  1 
ATOM   206  N N   . HIS A 1 27  ? 4.821   2.245   -9.196  1.00 9.87  ? 408 HIS A N   1 
ATOM   207  C CA  . HIS A 1 27  ? 4.911   2.758   -10.565 1.00 9.83  ? 408 HIS A CA  1 
ATOM   208  C C   . HIS A 1 27  ? 5.028   4.283   -10.605 1.00 10.21 ? 408 HIS A C   1 
ATOM   209  O O   . HIS A 1 27  ? 5.815   4.830   -11.391 1.00 11.45 ? 408 HIS A O   1 
ATOM   210  C CB  . HIS A 1 27  ? 3.685   2.278   -11.358 1.00 9.67  ? 408 HIS A CB  1 
ATOM   211  C CG  . HIS A 1 27  ? 3.572   2.837   -12.740 1.00 9.73  ? 408 HIS A CG  1 
ATOM   212  N ND1 . HIS A 1 27  ? 4.463   2.531   -13.752 1.00 13.05 ? 408 HIS A ND1 1 
ATOM   213  C CD2 . HIS A 1 27  ? 2.639   3.650   -13.290 1.00 12.09 ? 408 HIS A CD2 1 
ATOM   214  C CE1 . HIS A 1 27  ? 4.088   3.148   -14.859 1.00 13.38 ? 408 HIS A CE1 1 
ATOM   215  N NE2 . HIS A 1 27  ? 2.988   3.835   -14.606 1.00 12.65 ? 408 HIS A NE2 1 
ATOM   216  N N   . TYR A 1 28  ? 4.247   4.964   -9.763  1.00 9.94  ? 409 TYR A N   1 
ATOM   217  C CA  . TYR A 1 28  ? 4.099   6.420   -9.851  1.00 10.42 ? 409 TYR A CA  1 
ATOM   218  C C   . TYR A 1 28  ? 4.925   7.232   -8.835  1.00 11.62 ? 409 TYR A C   1 
ATOM   219  O O   . TYR A 1 28  ? 5.043   8.469   -8.974  1.00 12.37 ? 409 TYR A O   1 
ATOM   220  C CB  . TYR A 1 28  ? 2.617   6.792   -9.714  1.00 10.49 ? 409 TYR A CB  1 
ATOM   221  C CG  . TYR A 1 28  ? 1.767   6.612   -10.950 1.00 9.39  ? 409 TYR A CG  1 
ATOM   222  C CD1 . TYR A 1 28  ? 2.162   7.122   -12.201 1.00 8.06  ? 409 TYR A CD1 1 
ATOM   223  C CD2 . TYR A 1 28  ? 0.519   5.972   -10.875 1.00 10.39 ? 409 TYR A CD2 1 
ATOM   224  C CE1 . TYR A 1 28  ? 1.352   6.964   -13.343 1.00 10.27 ? 409 TYR A CE1 1 
ATOM   225  C CE2 . TYR A 1 28  ? -0.301  5.830   -12.008 1.00 11.21 ? 409 TYR A CE2 1 
ATOM   226  C CZ  . TYR A 1 28  ? 0.127   6.328   -13.239 1.00 11.34 ? 409 TYR A CZ  1 
ATOM   227  O OH  . TYR A 1 28  ? -0.680  6.196   -14.345 1.00 11.90 ? 409 TYR A OH  1 
ATOM   228  N N   . GLN A 1 29  ? 5.475   6.592   -7.803  1.00 11.80 ? 410 GLN A N   1 
ATOM   229  C CA  . GLN A 1 29  ? 6.254   7.355   -6.816  1.00 13.08 ? 410 GLN A CA  1 
ATOM   230  C C   . GLN A 1 29  ? 7.619   7.763   -7.376  1.00 13.46 ? 410 GLN A C   1 
ATOM   231  O O   . GLN A 1 29  ? 8.237   7.010   -8.110  1.00 14.18 ? 410 GLN A O   1 
ATOM   232  C CB  . GLN A 1 29  ? 6.396   6.605   -5.482  1.00 13.24 ? 410 GLN A CB  1 
ATOM   233  C CG  . GLN A 1 29  ? 7.316   5.386   -5.538  1.00 13.88 ? 410 GLN A CG  1 
ATOM   234  C CD  . GLN A 1 29  ? 8.741   5.664   -5.091  1.00 15.15 ? 410 GLN A CD  1 
ATOM   235  O OE1 . GLN A 1 29  ? 9.110   6.798   -4.789  1.00 15.16 ? 410 GLN A OE1 1 
ATOM   236  N NE2 . GLN A 1 29  ? 9.543   4.602   -5.007  1.00 16.25 ? 410 GLN A NE2 1 
ATOM   237  N N   . THR A 1 30  ? 8.058   8.974   -7.038  1.00 14.24 ? 411 THR A N   1 
ATOM   238  C CA  . THR A 1 30  ? 9.345   9.457   -7.531  1.00 15.49 ? 411 THR A CA  1 
ATOM   239  C C   . THR A 1 30  ? 10.283  9.923   -6.411  1.00 15.91 ? 411 THR A C   1 
ATOM   240  O O   . THR A 1 30  ? 11.407  10.329  -6.681  1.00 17.01 ? 411 THR A O   1 
ATOM   241  C CB  . THR A 1 30  ? 9.161   10.587  -8.584  1.00 14.85 ? 411 THR A CB  1 
ATOM   242  O OG1 . THR A 1 30  ? 8.592   11.738  -7.951  1.00 16.64 ? 411 THR A OG1 1 
ATOM   243  C CG2 . THR A 1 30  ? 8.261   10.150  -9.748  1.00 17.10 ? 411 THR A CG2 1 
ATOM   244  N N   . GLY A 1 31  ? 9.831   9.841   -5.160  1.00 15.94 ? 412 GLY A N   1 
ATOM   245  C CA  . GLY A 1 31  ? 10.587  10.367  -4.025  1.00 16.94 ? 412 GLY A CA  1 
ATOM   246  C C   . GLY A 1 31  ? 11.763  9.519   -3.579  1.00 17.06 ? 412 GLY A C   1 
ATOM   247  O O   . GLY A 1 31  ? 12.769  10.046  -3.085  1.00 18.98 ? 412 GLY A O   1 
ATOM   248  N N   . LEU A 1 32  ? 11.637  8.202   -3.722  1.00 16.80 ? 413 LEU A N   1 
ATOM   249  C CA  . LEU A 1 32  ? 12.709  7.276   -3.338  1.00 15.98 ? 413 LEU A CA  1 
ATOM   250  C C   . LEU A 1 32  ? 12.615  5.973   -4.124  1.00 15.54 ? 413 LEU A C   1 
ATOM   251  O O   . LEU A 1 32  ? 12.054  4.987   -3.659  1.00 16.03 ? 413 LEU A O   1 
ATOM   252  C CB  . LEU A 1 32  ? 12.684  6.980   -1.832  1.00 17.11 ? 413 LEU A CB  1 
ATOM   253  C CG  . LEU A 1 32  ? 13.924  6.270   -1.264  1.00 17.42 ? 413 LEU A CG  1 
ATOM   254  C CD1 . LEU A 1 32  ? 15.080  7.256   -0.989  1.00 18.92 ? 413 LEU A CD1 1 
ATOM   255  C CD2 . LEU A 1 32  ? 13.548  5.509   -0.004  1.00 20.77 ? 413 LEU A CD2 1 
ATOM   256  N N   . LYS A 1 33  ? 13.182  5.965   -5.319  1.00 15.48 ? 414 LYS A N   1 
ATOM   257  C CA  . LYS A 1 33  ? 13.263  4.727   -6.088  1.00 15.47 ? 414 LYS A CA  1 
ATOM   258  C C   . LYS A 1 33  ? 14.109  3.698   -5.330  1.00 15.07 ? 414 LYS A C   1 
ATOM   259  O O   . LYS A 1 33  ? 15.078  4.051   -4.661  1.00 14.41 ? 414 LYS A O   1 
ATOM   260  C CB  . LYS A 1 33  ? 13.768  5.018   -7.499  1.00 16.88 ? 414 LYS A CB  1 
ATOM   261  C CG  . LYS A 1 33  ? 12.735  5.841   -8.282  1.00 19.95 ? 414 LYS A CG  1 
ATOM   262  C CD  . LYS A 1 33  ? 13.165  6.172   -9.688  1.00 25.31 ? 414 LYS A CD  1 
ATOM   263  C CE  . LYS A 1 33  ? 12.001  6.793   -10.442 1.00 28.41 ? 414 LYS A CE  1 
ATOM   264  N NZ  . LYS A 1 33  ? 12.353  7.052   -11.862 1.00 31.97 ? 414 LYS A NZ  1 
ATOM   265  N N   . ASN A 1 34  ? 13.705  2.432   -5.385  1.00 14.25 ? 415 ASN A N   1 
ATOM   266  C CA  . ASN A 1 34  ? 14.318  1.428   -4.513  1.00 13.93 ? 415 ASN A CA  1 
ATOM   267  C C   . ASN A 1 34  ? 14.140  0.003   -5.039  1.00 14.30 ? 415 ASN A C   1 
ATOM   268  O O   . ASN A 1 34  ? 13.347  -0.231  -5.966  1.00 14.05 ? 415 ASN A O   1 
ATOM   269  C CB  . ASN A 1 34  ? 13.762  1.582   -3.083  1.00 14.00 ? 415 ASN A CB  1 
ATOM   270  C CG  . ASN A 1 34  ? 12.301  1.242   -2.996  1.00 14.39 ? 415 ASN A CG  1 
ATOM   271  O OD1 . ASN A 1 34  ? 11.928  0.069   -2.992  1.00 14.14 ? 415 ASN A OD1 1 
ATOM   272  N ND2 . ASN A 1 34  ? 11.458  2.269   -2.921  1.00 13.53 ? 415 ASN A ND2 1 
ATOM   273  N N   . LEU A 1 35  ? 14.883  -0.946  -4.471  1.00 13.34 ? 416 LEU A N   1 
ATOM   274  C CA  . LEU A 1 35  ? 14.812  -2.338  -4.948  1.00 14.02 ? 416 LEU A CA  1 
ATOM   275  C C   . LEU A 1 35  ? 13.504  -3.040  -4.602  1.00 13.52 ? 416 LEU A C   1 
ATOM   276  O O   . LEU A 1 35  ? 13.136  -4.002  -5.265  1.00 13.87 ? 416 LEU A O   1 
ATOM   277  C CB  . LEU A 1 35  ? 15.991  -3.183  -4.453  1.00 14.57 ? 416 LEU A CB  1 
ATOM   278  C CG  . LEU A 1 35  ? 17.396  -2.839  -4.960  1.00 16.13 ? 416 LEU A CG  1 
ATOM   279  C CD1 . LEU A 1 35  ? 18.413  -3.780  -4.380  1.00 18.40 ? 416 LEU A CD1 1 
ATOM   280  C CD2 . LEU A 1 35  ? 17.459  -2.842  -6.492  1.00 18.43 ? 416 LEU A CD2 1 
ATOM   281  N N   . LEU A 1 36  ? 12.794  -2.568  -3.583  1.00 13.71 ? 417 LEU A N   1 
ATOM   282  C CA  . LEU A 1 36  ? 11.524  -3.212  -3.227  1.00 14.13 ? 417 LEU A CA  1 
ATOM   283  C C   . LEU A 1 36  ? 10.460  -2.863  -4.269  1.00 13.68 ? 417 LEU A C   1 
ATOM   284  O O   . LEU A 1 36  ? 9.749   -3.742  -4.780  1.00 13.24 ? 417 LEU A O   1 
ATOM   285  C CB  . LEU A 1 36  ? 11.073  -2.821  -1.815  1.00 15.13 ? 417 LEU A CB  1 
ATOM   286  C CG  . LEU A 1 36  ? 12.053  -3.148  -0.667  1.00 16.85 ? 417 LEU A CG  1 
ATOM   287  C CD1 . LEU A 1 36  ? 11.394  -2.886  0.679   1.00 18.54 ? 417 LEU A CD1 1 
ATOM   288  C CD2 . LEU A 1 36  ? 12.582  -4.570  -0.725  1.00 19.32 ? 417 LEU A CD2 1 
ATOM   289  N N   . ASP A 1 37  ? 10.366  -1.581  -4.604  1.00 13.24 ? 418 ASP A N   1 
ATOM   290  C CA  . ASP A 1 37  ? 9.441   -1.158  -5.648  1.00 13.89 ? 418 ASP A CA  1 
ATOM   291  C C   . ASP A 1 37  ? 9.757   -1.797  -6.992  1.00 13.39 ? 418 ASP A C   1 
ATOM   292  O O   . ASP A 1 37  ? 8.835   -2.164  -7.726  1.00 13.51 ? 418 ASP A O   1 
ATOM   293  C CB  . ASP A 1 37  ? 9.373   0.365   -5.748  1.00 14.38 ? 418 ASP A CB  1 
ATOM   294  C CG  . ASP A 1 37  ? 8.816   1.008   -4.472  1.00 17.94 ? 418 ASP A CG  1 
ATOM   295  O OD1 . ASP A 1 37  ? 8.914   0.406   -3.378  1.00 22.65 ? 418 ASP A OD1 1 
ATOM   296  O OD2 . ASP A 1 37  ? 8.308   2.137   -4.538  1.00 21.05 ? 418 ASP A OD2 1 
ATOM   297  N N   . THR A 1 38  ? 11.046  -1.987  -7.286  1.00 13.51 ? 419 THR A N   1 
ATOM   298  C CA  . THR A 1 38  ? 11.445  -2.695  -8.505  1.00 13.90 ? 419 THR A CA  1 
ATOM   299  C C   . THR A 1 38  ? 10.918  -4.138  -8.498  1.00 13.45 ? 419 THR A C   1 
ATOM   300  O O   . THR A 1 38  ? 10.384  -4.608  -9.501  1.00 13.27 ? 419 THR A O   1 
ATOM   301  C CB  . THR A 1 38  ? 12.978  -2.638  -8.729  1.00 14.53 ? 419 THR A CB  1 
ATOM   302  O OG1 . THR A 1 38  ? 13.385  -1.261  -8.800  1.00 16.76 ? 419 THR A OG1 1 
ATOM   303  C CG2 . THR A 1 38  ? 13.368  -3.335  -10.030 1.00 15.78 ? 419 THR A CG2 1 
ATOM   304  N N   . ALA A 1 39  ? 11.018  -4.815  -7.351  1.00 12.71 ? 420 ALA A N   1 
ATOM   305  C CA  . ALA A 1 39  ? 10.496  -6.163  -7.211  1.00 12.14 ? 420 ALA A CA  1 
ATOM   306  C C   . ALA A 1 39  ? 8.986   -6.232  -7.425  1.00 11.49 ? 420 ALA A C   1 
ATOM   307  O O   . ALA A 1 39  ? 8.489   -7.194  -8.009  1.00 12.28 ? 420 ALA A O   1 
ATOM   308  C CB  . ALA A 1 39  ? 10.874  -6.763  -5.859  1.00 12.06 ? 420 ALA A CB  1 
ATOM   309  N N   . VAL A 1 40  ? 8.253   -5.230  -6.934  1.00 10.47 ? 421 VAL A N   1 
ATOM   310  C CA  . VAL A 1 40  ? 6.800   -5.184  -7.174  1.00 10.22 ? 421 VAL A CA  1 
ATOM   311  C C   . VAL A 1 40  ? 6.497   -5.072  -8.669  1.00 10.88 ? 421 VAL A C   1 
ATOM   312  O O   . VAL A 1 40  ? 5.634   -5.780  -9.192  1.00 10.97 ? 421 VAL A O   1 
ATOM   313  C CB  . VAL A 1 40  ? 6.150   -3.977  -6.460  1.00 9.67  ? 421 VAL A CB  1 
ATOM   314  C CG1 . VAL A 1 40  ? 4.676   -3.865  -6.826  1.00 9.55  ? 421 VAL A CG1 1 
ATOM   315  C CG2 . VAL A 1 40  ? 6.306   -4.084  -4.955  1.00 10.95 ? 421 VAL A CG2 1 
ATOM   316  N N   . LEU A 1 41  ? 7.194   -4.163  -9.345  1.00 12.19 ? 422 LEU A N   1 
ATOM   317  C CA  . LEU A 1 41  ? 7.009   -3.975  -10.788 1.00 13.27 ? 422 LEU A CA  1 
ATOM   318  C C   . LEU A 1 41  ? 7.379   -5.248  -11.571 1.00 14.86 ? 422 LEU A C   1 
ATOM   319  O O   . LEU A 1 41  ? 6.672   -5.665  -12.499 1.00 15.76 ? 422 LEU A O   1 
ATOM   320  C CB  . LEU A 1 41  ? 7.789   -2.736  -11.263 1.00 12.77 ? 422 LEU A CB  1 
ATOM   321  C CG  . LEU A 1 41  ? 7.386   -1.418  -10.574 1.00 13.29 ? 422 LEU A CG  1 
ATOM   322  C CD1 . LEU A 1 41  ? 8.299   -0.295  -11.007 1.00 15.85 ? 422 LEU A CD1 1 
ATOM   323  C CD2 . LEU A 1 41  ? 5.928   -1.063  -10.868 1.00 13.09 ? 422 LEU A CD2 1 
ATOM   324  N N   . GLU A 1 42  ? 8.458   -5.904  -11.159 1.00 15.97 ? 423 GLU A N   1 
ATOM   325  C CA  . GLU A 1 42  ? 8.856   -7.164  -11.794 1.00 17.44 ? 423 GLU A CA  1 
ATOM   326  C C   . GLU A 1 42  ? 7.903   -8.312  -11.493 1.00 17.39 ? 423 GLU A C   1 
ATOM   327  O O   . GLU A 1 42  ? 7.707   -9.188  -12.338 1.00 18.76 ? 423 GLU A O   1 
ATOM   328  C CB  . GLU A 1 42  ? 10.275  -7.547  -11.393 1.00 17.75 ? 423 GLU A CB  1 
ATOM   329  C CG  . GLU A 1 42  ? 11.342  -6.644  -11.976 1.00 20.77 ? 423 GLU A CG  1 
ATOM   330  C CD  . GLU A 1 42  ? 12.723  -6.952  -11.436 1.00 24.98 ? 423 GLU A CD  1 
ATOM   331  O OE1 . GLU A 1 42  ? 12.820  -7.632  -10.395 1.00 27.79 ? 423 GLU A OE1 1 
ATOM   332  O OE2 . GLU A 1 42  ? 13.714  -6.499  -12.045 1.00 26.36 ? 423 GLU A OE2 1 
ATOM   333  N N   . GLY A 1 43  ? 7.303   -8.307  -10.302 1.00 16.88 ? 424 GLY A N   1 
ATOM   334  C CA  . GLY A 1 43  ? 6.419   -9.397  -9.865  1.00 16.95 ? 424 GLY A CA  1 
ATOM   335  C C   . GLY A 1 43  ? 4.946   -9.246  -10.218 1.00 17.21 ? 424 GLY A C   1 
ATOM   336  O O   . GLY A 1 43  ? 4.093   -9.971  -9.697  1.00 17.36 ? 424 GLY A O   1 
ATOM   337  N N   . THR A 1 44  ? 4.632   -8.274  -11.078 1.00 16.81 ? 425 THR A N   1 
ATOM   338  C CA  . THR A 1 44  ? 3.256   -8.062  -11.535 1.00 17.02 ? 425 THR A CA  1 
ATOM   339  C C   . THR A 1 44  ? 3.134   -8.406  -13.020 1.00 17.79 ? 425 THR A C   1 
ATOM   340  O O   . THR A 1 44  ? 3.952   -7.974  -13.826 1.00 18.36 ? 425 THR A O   1 
ATOM   341  C CB  . THR A 1 44  ? 2.811   -6.597  -11.289 1.00 16.00 ? 425 THR A CB  1 
ATOM   342  O OG1 . THR A 1 44  ? 2.994   -6.286  -9.907  1.00 14.49 ? 425 THR A OG1 1 
ATOM   343  C CG2 . THR A 1 44  ? 1.349   -6.371  -11.646 1.00 16.10 ? 425 THR A CG2 1 
ATOM   344  N N   . ASP A 1 45  ? 2.101   -9.162  -13.378 1.00 19.66 ? 426 ASP A N   1 
ATOM   345  C CA  . ASP A 1 45  ? 1.917   -9.581  -14.772 1.00 21.34 ? 426 ASP A CA  1 
ATOM   346  C C   . ASP A 1 45  ? 1.703   -8.368  -15.667 1.00 21.74 ? 426 ASP A C   1 
ATOM   347  O O   . ASP A 1 45  ? 1.104   -7.377  -15.238 1.00 21.11 ? 426 ASP A O   1 
ATOM   348  C CB  . ASP A 1 45  ? 0.755   -10.567 -14.909 1.00 22.12 ? 426 ASP A CB  1 
ATOM   349  C CG  . ASP A 1 45  ? -0.485  -10.121 -14.158 1.00 24.49 ? 426 ASP A CG  1 
ATOM   350  O OD1 . ASP A 1 45  ? -1.529  -9.929  -14.812 1.00 29.36 ? 426 ASP A OD1 1 
ATOM   351  O OD2 . ASP A 1 45  ? -0.420  -9.953  -12.916 1.00 29.80 ? 426 ASP A OD2 1 
ATOM   352  N N   . GLU A 1 46  ? 2.211   -8.451  -16.896 1.00 22.48 ? 427 GLU A N   1 
ATOM   353  C CA  . GLU A 1 46  ? 2.187   -7.327  -17.836 1.00 23.08 ? 427 GLU A CA  1 
ATOM   354  C C   . GLU A 1 46  ? 0.783   -6.846  -18.176 1.00 22.60 ? 427 GLU A C   1 
ATOM   355  O O   . GLU A 1 46  ? 0.559   -5.640  -18.298 1.00 22.19 ? 427 GLU A O   1 
ATOM   356  C CB  . GLU A 1 46  ? 2.984   -7.645  -19.106 1.00 23.46 ? 427 GLU A CB  1 
ATOM   357  C CG  . GLU A 1 46  ? 4.485   -7.461  -18.936 1.00 27.30 ? 427 GLU A CG  1 
ATOM   358  C CD  . GLU A 1 46  ? 5.218   -7.360  -20.261 1.00 31.32 ? 427 GLU A CD  1 
ATOM   359  O OE1 . GLU A 1 46  ? 5.215   -6.261  -20.869 1.00 34.73 ? 427 GLU A OE1 1 
ATOM   360  O OE2 . GLU A 1 46  ? 5.803   -8.376  -20.689 1.00 34.43 ? 427 GLU A OE2 1 
ATOM   361  N N   . GLU A 1 47  ? -0.159  -7.781  -18.305 1.00 22.41 ? 428 GLU A N   1 
ATOM   362  C CA  . GLU A 1 47  ? -1.555  -7.441  -18.605 1.00 22.81 ? 428 GLU A CA  1 
ATOM   363  C C   . GLU A 1 47  ? -2.157  -6.561  -17.510 1.00 21.46 ? 428 GLU A C   1 
ATOM   364  O O   . GLU A 1 47  ? -2.745  -5.521  -17.805 1.00 21.53 ? 428 GLU A O   1 
ATOM   365  C CB  . GLU A 1 47  ? -2.404  -8.693  -18.798 1.00 23.51 ? 428 GLU A CB  1 
ATOM   366  C CG  . GLU A 1 47  ? -3.783  -8.418  -19.379 1.00 27.49 ? 428 GLU A CG  1 
ATOM   367  C CD  . GLU A 1 47  ? -4.484  -9.676  -19.874 1.00 32.38 ? 428 GLU A CD  1 
ATOM   368  O OE1 . GLU A 1 47  ? -4.535  -10.684 -19.127 1.00 34.35 ? 428 GLU A OE1 1 
ATOM   369  O OE2 . GLU A 1 47  ? -5.001  -9.645  -21.013 1.00 34.79 ? 428 GLU A OE2 1 
ATOM   370  N N   . SER A 1 48  ? -2.004  -6.980  -16.256 1.00 20.42 ? 429 SER A N   1 
ATOM   371  C CA  . SER A 1 48  ? -2.470  -6.190  -15.118 1.00 18.99 ? 429 SER A CA  1 
ATOM   372  C C   . SER A 1 48  ? -1.796  -4.828  -15.067 1.00 17.77 ? 429 SER A C   1 
ATOM   373  O O   . SER A 1 48  ? -2.464  -3.805  -14.881 1.00 16.32 ? 429 SER A O   1 
ATOM   374  C CB  . SER A 1 48  ? -2.239  -6.934  -13.799 1.00 19.41 ? 429 SER A CB  1 
ATOM   375  O OG  . SER A 1 48  ? -2.991  -8.139  -13.784 1.00 21.09 ? 429 SER A OG  1 
ATOM   376  N N   . ALA A 1 49  ? -0.477  -4.815  -15.241 1.00 16.71 ? 430 ALA A N   1 
ATOM   377  C CA  . ALA A 1 49  ? 0.280   -3.576  -15.216 1.00 15.97 ? 430 ALA A CA  1 
ATOM   378  C C   . ALA A 1 49  ? -0.221  -2.622  -16.299 1.00 16.01 ? 430 ALA A C   1 
ATOM   379  O O   . ALA A 1 49  ? -0.396  -1.439  -16.040 1.00 15.96 ? 430 ALA A O   1 
ATOM   380  C CB  . ALA A 1 49  ? 1.778   -3.849  -15.384 1.00 16.17 ? 430 ALA A CB  1 
ATOM   381  N N   . ARG A 1 50  ? -0.458  -3.143  -17.503 1.00 15.92 ? 431 ARG A N   1 
ATOM   382  C CA  . ARG A 1 50  ? -0.927  -2.305  -18.614 1.00 16.90 ? 431 ARG A CA  1 
ATOM   383  C C   . ARG A 1 50  ? -2.308  -1.714  -18.308 1.00 16.41 ? 431 ARG A C   1 
ATOM   384  O O   . ARG A 1 50  ? -2.542  -0.509  -18.508 1.00 15.57 ? 431 ARG A O   1 
ATOM   385  C CB  . ARG A 1 50  ? -0.965  -3.102  -19.923 1.00 18.08 ? 431 ARG A CB  1 
ATOM   386  C CG  . ARG A 1 50  ? 0.392   -3.229  -20.620 1.00 22.15 ? 431 ARG A CG  1 
ATOM   387  C CD  . ARG A 1 50  ? 0.235   -3.681  -22.073 1.00 27.64 ? 431 ARG A CD  1 
ATOM   388  N NE  . ARG A 1 50  ? 1.520   -3.748  -22.768 1.00 32.72 ? 431 ARG A NE  1 
ATOM   389  C CZ  . ARG A 1 50  ? 1.693   -4.171  -24.023 1.00 34.63 ? 431 ARG A CZ  1 
ATOM   390  N NH1 . ARG A 1 50  ? 0.660   -4.574  -24.754 1.00 35.97 ? 431 ARG A NH1 1 
ATOM   391  N NH2 . ARG A 1 50  ? 2.913   -4.189  -24.552 1.00 36.30 ? 431 ARG A NH2 1 
ATOM   392  N N   . SER A 1 51  ? -3.203  -2.550  -17.784 1.00 15.73 ? 432 SER A N   1 
ATOM   393  C CA  . SER A 1 51  ? -4.552  -2.097  -17.457 1.00 15.46 ? 432 SER A CA  1 
ATOM   394  C C   . SER A 1 51  ? -4.550  -1.040  -16.345 1.00 14.40 ? 432 SER A C   1 
ATOM   395  O O   . SER A 1 51  ? -5.219  -0.020  -16.466 1.00 14.52 ? 432 SER A O   1 
ATOM   396  C CB  . SER A 1 51  ? -5.445  -3.274  -17.068 1.00 16.21 ? 432 SER A CB  1 
ATOM   397  O OG  . SER A 1 51  ? -6.728  -2.802  -16.698 1.00 20.29 ? 432 SER A OG  1 
ATOM   398  N N   . LEU A 1 52  ? -3.789  -1.295  -15.278 1.00 13.40 ? 433 LEU A N   1 
ATOM   399  C CA  . LEU A 1 52  ? -3.677  -0.354  -14.156 1.00 12.81 ? 433 LEU A CA  1 
ATOM   400  C C   . LEU A 1 52  ? -3.130  0.995   -14.582 1.00 12.79 ? 433 LEU A C   1 
ATOM   401  O O   . LEU A 1 52  ? -3.679  2.032   -14.219 1.00 12.88 ? 433 LEU A O   1 
ATOM   402  C CB  . LEU A 1 52  ? -2.790  -0.929  -13.032 1.00 11.58 ? 433 LEU A CB  1 
ATOM   403  C CG  . LEU A 1 52  ? -3.364  -2.116  -12.257 1.00 13.84 ? 433 LEU A CG  1 
ATOM   404  C CD1 . LEU A 1 52  ? -2.275  -2.733  -11.388 1.00 14.67 ? 433 LEU A CD1 1 
ATOM   405  C CD2 . LEU A 1 52  ? -4.575  -1.712  -11.425 1.00 12.47 ? 433 LEU A CD2 1 
ATOM   406  N N   . ALA A 1 53  ? -2.048  0.974   -15.355 1.00 12.65 ? 434 ALA A N   1 
ATOM   407  C CA  . ALA A 1 53  ? -1.359  2.195   -15.752 1.00 12.87 ? 434 ALA A CA  1 
ATOM   408  C C   . ALA A 1 53  ? -2.288  3.053   -16.612 1.00 13.22 ? 434 ALA A C   1 
ATOM   409  O O   . ALA A 1 53  ? -2.312  4.285   -16.471 1.00 13.78 ? 434 ALA A O   1 
ATOM   410  C CB  . ALA A 1 53  ? -0.082  1.865   -16.520 1.00 13.40 ? 434 ALA A CB  1 
ATOM   411  N N   . SER A 1 54  ? -3.063  2.391   -17.469 1.00 12.60 ? 435 SER A N   1 
ATOM   412  C CA  . SER A 1 54  ? -3.975  3.080   -18.396 1.00 12.66 ? 435 SER A CA  1 
ATOM   413  C C   . SER A 1 54  ? -5.165  3.722   -17.681 1.00 12.62 ? 435 SER A C   1 
ATOM   414  O O   . SER A 1 54  ? -5.535  4.851   -17.985 1.00 12.05 ? 435 SER A O   1 
ATOM   415  C CB  . SER A 1 54  ? -4.468  2.108   -19.477 1.00 12.57 ? 435 SER A CB  1 
ATOM   416  O OG  . SER A 1 54  ? -5.304  2.749   -20.446 1.00 13.88 ? 435 SER A OG  1 
ATOM   417  N N   . ARG A 1 55  ? -5.720  3.007   -16.705 1.00 11.57 ? 436 ARG A N   1 
ATOM   418  C CA  . ARG A 1 55  ? -6.975  3.388   -16.052 1.00 13.16 ? 436 ARG A CA  1 
ATOM   419  C C   . ARG A 1 55  ? -6.732  4.419   -14.967 1.00 12.01 ? 436 ARG A C   1 
ATOM   420  O O   . ARG A 1 55  ? -7.501  5.379   -14.824 1.00 12.56 ? 436 ARG A O   1 
ATOM   421  C CB  . ARG A 1 55  ? -7.623  2.134   -15.454 1.00 13.03 ? 436 ARG A CB  1 
ATOM   422  C CG  . ARG A 1 55  ? -8.771  2.330   -14.464 1.00 16.21 ? 436 ARG A CG  1 
ATOM   423  C CD  . ARG A 1 55  ? -9.373  0.962   -14.134 1.00 17.02 ? 436 ARG A CD  1 
ATOM   424  N NE  . ARG A 1 55  ? -10.391 1.011   -13.082 1.00 24.25 ? 436 ARG A NE  1 
ATOM   425  C CZ  . ARG A 1 55  ? -11.407 0.157   -12.978 1.00 26.78 ? 436 ARG A CZ  1 
ATOM   426  N NH1 . ARG A 1 55  ? -11.564 -0.815  -13.874 1.00 28.93 ? 436 ARG A NH1 1 
ATOM   427  N NH2 . ARG A 1 55  ? -12.279 0.277   -11.979 1.00 27.85 ? 436 ARG A NH2 1 
ATOM   428  N N   . TRP A 1 56  ? -5.657  4.226   -14.207 1.00 10.69 ? 437 TRP A N   1 
ATOM   429  C CA  . TRP A 1 56  ? -5.389  5.064   -13.043 1.00 10.49 ? 437 TRP A CA  1 
ATOM   430  C C   . TRP A 1 56  ? -4.348  6.091   -13.376 1.00 10.51 ? 437 TRP A C   1 
ATOM   431  O O   . TRP A 1 56  ? -3.178  5.760   -13.536 1.00 10.85 ? 437 TRP A O   1 
ATOM   432  C CB  . TRP A 1 56  ? -4.961  4.223   -11.837 1.00 11.29 ? 437 TRP A CB  1 
ATOM   433  C CG  . TRP A 1 56  ? -6.057  3.306   -11.392 1.00 11.25 ? 437 TRP A CG  1 
ATOM   434  C CD1 . TRP A 1 56  ? -6.231  1.999   -11.747 1.00 14.38 ? 437 TRP A CD1 1 
ATOM   435  C CD2 . TRP A 1 56  ? -7.184  3.652   -10.574 1.00 13.45 ? 437 TRP A CD2 1 
ATOM   436  N NE1 . TRP A 1 56  ? -7.375  1.502   -11.178 1.00 15.00 ? 437 TRP A NE1 1 
ATOM   437  C CE2 . TRP A 1 56  ? -7.976  2.492   -10.446 1.00 14.49 ? 437 TRP A CE2 1 
ATOM   438  C CE3 . TRP A 1 56  ? -7.579  4.820   -9.909  1.00 13.56 ? 437 TRP A CE3 1 
ATOM   439  C CZ2 . TRP A 1 56  ? -9.158  2.468   -9.687  1.00 15.48 ? 437 TRP A CZ2 1 
ATOM   440  C CZ3 . TRP A 1 56  ? -8.754  4.793   -9.135  1.00 13.81 ? 437 TRP A CZ3 1 
ATOM   441  C CH2 . TRP A 1 56  ? -9.523  3.625   -9.042  1.00 14.15 ? 437 TRP A CH2 1 
ATOM   442  N N   . GLN A 1 57  ? -4.796  7.339   -13.507 1.00 9.37  ? 438 GLN A N   1 
ATOM   443  C CA  . GLN A 1 57  ? -3.915  8.440   -13.823 1.00 9.97  ? 438 GLN A CA  1 
ATOM   444  C C   . GLN A 1 57  ? -3.342  9.041   -12.557 1.00 9.98  ? 438 GLN A C   1 
ATOM   445  O O   . GLN A 1 57  ? -3.999  9.073   -11.522 1.00 10.59 ? 438 GLN A O   1 
ATOM   446  C CB  . GLN A 1 57  ? -4.681  9.511   -14.582 1.00 10.85 ? 438 GLN A CB  1 
ATOM   447  C CG  . GLN A 1 57  ? -5.234  9.003   -15.909 1.00 9.61  ? 438 GLN A CG  1 
ATOM   448  C CD  . GLN A 1 57  ? -5.719  10.138  -16.781 1.00 9.67  ? 438 GLN A CD  1 
ATOM   449  O OE1 . GLN A 1 57  ? -5.064  11.175  -16.894 1.00 10.46 ? 438 GLN A OE1 1 
ATOM   450  N NE2 . GLN A 1 57  ? -6.893  9.953   -17.379 1.00 12.01 ? 438 GLN A NE2 1 
ATOM   451  N N   . LYS A 1 58  ? -2.107  9.518   -12.644 1.00 9.65  ? 439 LYS A N   1 
ATOM   452  C CA  . LYS A 1 58  ? -1.419  10.078  -11.492 1.00 10.05 ? 439 LYS A CA  1 
ATOM   453  C C   . LYS A 1 58  ? -1.889  11.505  -11.211 1.00 10.43 ? 439 LYS A C   1 
ATOM   454  O O   . LYS A 1 58  ? -1.826  12.371  -12.098 1.00 11.52 ? 439 LYS A O   1 
ATOM   455  C CB  . LYS A 1 58  ? 0.100   10.060  -11.721 1.00 10.27 ? 439 LYS A CB  1 
ATOM   456  C CG  . LYS A 1 58  ? 0.881   10.560  -10.550 1.00 12.11 ? 439 LYS A CG  1 
ATOM   457  C CD  . LYS A 1 58  ? 2.365   10.643  -10.875 1.00 12.63 ? 439 LYS A CD  1 
ATOM   458  C CE  . LYS A 1 58  ? 3.184   10.919  -9.637  1.00 16.37 ? 439 LYS A CE  1 
ATOM   459  N NZ  . LYS A 1 58  ? 4.628   11.068  -10.012 1.00 17.03 ? 439 LYS A NZ  1 
ATOM   460  N N   . ILE A 1 59  ? -2.339  11.748  -9.983  1.00 10.30 ? 440 ILE A N   1 
ATOM   461  C CA  . ILE A 1 59  ? -2.833  13.069  -9.580  1.00 10.79 ? 440 ILE A CA  1 
ATOM   462  C C   . ILE A 1 59  ? -1.778  13.857  -8.803  1.00 11.60 ? 440 ILE A C   1 
ATOM   463  O O   . ILE A 1 59  ? -1.597  15.063  -9.026  1.00 12.93 ? 440 ILE A O   1 
ATOM   464  C CB  . ILE A 1 59  ? -4.129  12.953  -8.704  1.00 10.41 ? 440 ILE A CB  1 
ATOM   465  C CG1 . ILE A 1 59  ? -5.285  12.289  -9.462  1.00 12.08 ? 440 ILE A CG1 1 
ATOM   466  C CG2 . ILE A 1 59  ? -4.562  14.338  -8.154  1.00 10.70 ? 440 ILE A CG2 1 
ATOM   467  C CD1 . ILE A 1 59  ? -5.727  13.022  -10.715 1.00 14.62 ? 440 ILE A CD1 1 
ATOM   468  N N   . ASP A 1 60  ? -1.109  13.186  -7.871  1.00 11.73 ? 441 ASP A N   1 
ATOM   469  C CA  . ASP A 1 60  ? -0.179  13.841  -6.958  1.00 12.30 ? 441 ASP A CA  1 
ATOM   470  C C   . ASP A 1 60  ? 0.607   12.785  -6.218  1.00 12.78 ? 441 ASP A C   1 
ATOM   471  O O   . ASP A 1 60  ? 0.374   11.583  -6.380  1.00 11.92 ? 441 ASP A O   1 
ATOM   472  C CB  . ASP A 1 60  ? -0.942  14.699  -5.933  1.00 12.79 ? 441 ASP A CB  1 
ATOM   473  C CG  . ASP A 1 60  ? -0.125  15.890  -5.418  1.00 14.78 ? 441 ASP A CG  1 
ATOM   474  O OD1 . ASP A 1 60  ? 1.118   15.949  -5.594  1.00 18.03 ? 441 ASP A OD1 1 
ATOM   475  O OD2 . ASP A 1 60  ? -0.753  16.793  -4.827  1.00 19.49 ? 441 ASP A OD2 1 
ATOM   476  N N   . GLU A 1 61  ? 1.565   13.238  -5.428  1.00 14.04 ? 442 GLU A N   1 
ATOM   477  C CA  . GLU A 1 61  ? 2.235   12.343  -4.506  1.00 15.26 ? 442 GLU A CA  1 
ATOM   478  C C   . GLU A 1 61  ? 2.571   13.045  -3.210  1.00 14.83 ? 442 GLU A C   1 
ATOM   479  O O   . GLU A 1 61  ? 2.600   14.275  -3.132  1.00 15.44 ? 442 GLU A O   1 
ATOM   480  C CB  . GLU A 1 61  ? 3.439   11.601  -5.134  1.00 16.42 ? 442 GLU A CB  1 
ATOM   481  C CG  . GLU A 1 61  ? 4.480   12.411  -5.829  1.00 17.66 ? 442 GLU A CG  1 
ATOM   482  C CD  . GLU A 1 61  ? 5.560   11.526  -6.470  1.00 16.31 ? 442 GLU A CD  1 
ATOM   483  O OE1 . GLU A 1 61  ? 5.875   11.726  -7.663  1.00 17.71 ? 442 GLU A OE1 1 
ATOM   484  O OE2 . GLU A 1 61  ? 6.082   10.635  -5.779  1.00 16.57 ? 442 GLU A OE2 1 
ATOM   485  N N   . ILE A 1 62  ? 2.754   12.241  -2.179  1.00 13.59 ? 443 ILE A N   1 
ATOM   486  C CA  . ILE A 1 62  ? 3.249   12.713  -0.901  1.00 13.19 ? 443 ILE A CA  1 
ATOM   487  C C   . ILE A 1 62  ? 4.587   11.986  -0.746  1.00 13.37 ? 443 ILE A C   1 
ATOM   488  O O   . ILE A 1 62  ? 4.646   10.849  -0.238  1.00 12.77 ? 443 ILE A O   1 
ATOM   489  C CB  . ILE A 1 62  ? 2.280   12.394  0.248   1.00 12.57 ? 443 ILE A CB  1 
ATOM   490  C CG1 . ILE A 1 62  ? 0.834   12.815  -0.101  1.00 12.46 ? 443 ILE A CG1 1 
ATOM   491  C CG2 . ILE A 1 62  ? 2.754   13.063  1.515   1.00 12.90 ? 443 ILE A CG2 1 
ATOM   492  C CD1 . ILE A 1 62  ? -0.226  12.209  0.802   1.00 13.86 ? 443 ILE A CD1 1 
ATOM   493  N N   . PRO A 1 63  ? 5.665   12.606  -1.256  1.00 13.32 ? 444 PRO A N   1 
ATOM   494  C CA  . PRO A 1 63  ? 6.945   11.904  -1.390  1.00 13.47 ? 444 PRO A CA  1 
ATOM   495  C C   . PRO A 1 63  ? 7.503   11.410  -0.070  1.00 13.19 ? 444 PRO A C   1 
ATOM   496  O O   . PRO A 1 63  ? 7.226   11.992  0.982   1.00 13.51 ? 444 PRO A O   1 
ATOM   497  C CB  . PRO A 1 63  ? 7.877   12.974  -1.979  1.00 14.01 ? 444 PRO A CB  1 
ATOM   498  C CG  . PRO A 1 63  ? 6.975   13.955  -2.600  1.00 15.22 ? 444 PRO A CG  1 
ATOM   499  C CD  . PRO A 1 63  ? 5.744   13.990  -1.760  1.00 13.67 ? 444 PRO A CD  1 
ATOM   500  N N   . PHE A 1 64  ? 8.278   10.329  -0.157  1.00 12.57 ? 445 PHE A N   1 
ATOM   501  C CA  . PHE A 1 64  ? 8.988   9.751   0.983   1.00 13.07 ? 445 PHE A CA  1 
ATOM   502  C C   . PHE A 1 64  ? 9.806   10.792  1.748   1.00 13.48 ? 445 PHE A C   1 
ATOM   503  O O   . PHE A 1 64  ? 10.440  11.650  1.132   1.00 14.45 ? 445 PHE A O   1 
ATOM   504  C CB  . PHE A 1 64  ? 9.942   8.689   0.455   1.00 13.48 ? 445 PHE A CB  1 
ATOM   505  C CG  . PHE A 1 64  ? 10.577  7.842   1.528   1.00 12.99 ? 445 PHE A CG  1 
ATOM   506  C CD1 . PHE A 1 64  ? 9.902   6.743   2.041   1.00 14.05 ? 445 PHE A CD1 1 
ATOM   507  C CD2 . PHE A 1 64  ? 11.854  8.139   2.016   1.00 14.99 ? 445 PHE A CD2 1 
ATOM   508  C CE1 . PHE A 1 64  ? 10.480  5.943   3.031   1.00 14.34 ? 445 PHE A CE1 1 
ATOM   509  C CE2 . PHE A 1 64  ? 12.436  7.345   2.997   1.00 14.94 ? 445 PHE A CE2 1 
ATOM   510  C CZ  . PHE A 1 64  ? 11.748  6.243   3.511   1.00 13.65 ? 445 PHE A CZ  1 
ATOM   511  N N   . ASP A 1 65  ? 9.799   10.702  3.074   1.00 13.65 ? 446 ASP A N   1 
ATOM   512  C CA  . ASP A 1 65  ? 10.826  11.358  3.881   1.00 14.39 ? 446 ASP A CA  1 
ATOM   513  C C   . ASP A 1 65  ? 11.333  10.409  4.971   1.00 14.74 ? 446 ASP A C   1 
ATOM   514  O O   . ASP A 1 65  ? 10.665  9.438   5.329   1.00 14.15 ? 446 ASP A O   1 
ATOM   515  C CB  . ASP A 1 65  ? 10.340  12.702  4.443   1.00 14.98 ? 446 ASP A CB  1 
ATOM   516  C CG  . ASP A 1 65  ? 9.427   12.553  5.662   1.00 15.93 ? 446 ASP A CG  1 
ATOM   517  O OD1 . ASP A 1 65  ? 9.870   12.043  6.721   1.00 15.77 ? 446 ASP A OD1 1 
ATOM   518  O OD2 . ASP A 1 65  ? 8.268   13.001  5.586   1.00 18.88 ? 446 ASP A OD2 1 
ATOM   519  N N   . PHE A 1 66  ? 12.512  10.700  5.505   1.00 14.94 ? 447 PHE A N   1 
ATOM   520  C CA  . PHE A 1 66  ? 13.183  9.785   6.416   1.00 15.77 ? 447 PHE A CA  1 
ATOM   521  C C   . PHE A 1 66  ? 12.746  9.870   7.880   1.00 16.76 ? 447 PHE A C   1 
ATOM   522  O O   . PHE A 1 66  ? 13.211  9.089   8.708   1.00 17.01 ? 447 PHE A O   1 
ATOM   523  C CB  . PHE A 1 66  ? 14.703  9.944   6.279   1.00 16.03 ? 447 PHE A CB  1 
ATOM   524  C CG  . PHE A 1 66  ? 15.231  9.468   4.957   1.00 14.74 ? 447 PHE A CG  1 
ATOM   525  C CD1 . PHE A 1 66  ? 15.658  8.145   4.805   1.00 13.97 ? 447 PHE A CD1 1 
ATOM   526  C CD2 . PHE A 1 66  ? 15.268  10.316  3.858   1.00 16.35 ? 447 PHE A CD2 1 
ATOM   527  C CE1 . PHE A 1 66  ? 16.136  7.690   3.581   1.00 14.37 ? 447 PHE A CE1 1 
ATOM   528  C CE2 . PHE A 1 66  ? 15.753  9.868   2.621   1.00 15.08 ? 447 PHE A CE2 1 
ATOM   529  C CZ  . PHE A 1 66  ? 16.184  8.545   2.492   1.00 15.17 ? 447 PHE A CZ  1 
ATOM   530  N N   . GLU A 1 67  ? 11.870  10.816  8.192   1.00 17.50 ? 448 GLU A N   1 
ATOM   531  C CA  . GLU A 1 67  ? 11.275  10.892  9.520   1.00 19.10 ? 448 GLU A CA  1 
ATOM   532  C C   . GLU A 1 67  ? 10.043  10.004  9.642   1.00 18.24 ? 448 GLU A C   1 
ATOM   533  O O   . GLU A 1 67  ? 9.985   9.140   10.521  1.00 18.71 ? 448 GLU A O   1 
ATOM   534  C CB  . GLU A 1 67  ? 10.941  12.338  9.884   1.00 19.62 ? 448 GLU A CB  1 
ATOM   535  C CG  . GLU A 1 67  ? 12.174  13.190  10.179  1.00 21.82 ? 448 GLU A CG  1 
ATOM   536  C CD  . GLU A 1 67  ? 11.833  14.527  10.821  1.00 23.07 ? 448 GLU A CD  1 
ATOM   537  O OE1 . GLU A 1 67  ? 10.719  15.061  10.579  1.00 28.90 ? 448 GLU A OE1 1 
ATOM   538  O OE2 . GLU A 1 67  ? 12.690  15.047  11.574  1.00 27.39 ? 448 GLU A OE2 1 
ATOM   539  N N   . ARG A 1 68  ? 9.058   10.205  8.765   1.00 17.16 ? 449 ARG A N   1 
ATOM   540  C CA  . ARG A 1 68  ? 7.816   9.430   8.845   1.00 15.67 ? 449 ARG A CA  1 
ATOM   541  C C   . ARG A 1 68  ? 7.940   8.067   8.157   1.00 15.18 ? 449 ARG A C   1 
ATOM   542  O O   . ARG A 1 68  ? 7.252   7.127   8.527   1.00 14.90 ? 449 ARG A O   1 
ATOM   543  C CB  . ARG A 1 68  ? 6.621   10.216  8.287   1.00 15.38 ? 449 ARG A CB  1 
ATOM   544  C CG  . ARG A 1 68  ? 6.527   10.232  6.768   1.00 14.00 ? 449 ARG A CG  1 
ATOM   545  C CD  . ARG A 1 68  ? 5.429   11.173  6.314   1.00 13.49 ? 449 ARG A CD  1 
ATOM   546  N NE  . ARG A 1 68  ? 4.885   10.789  5.014   1.00 11.75 ? 449 ARG A NE  1 
ATOM   547  C CZ  . ARG A 1 68  ? 5.448   11.036  3.835   1.00 12.15 ? 449 ARG A CZ  1 
ATOM   548  N NH1 . ARG A 1 68  ? 6.602   11.682  3.748   1.00 13.11 ? 449 ARG A NH1 1 
ATOM   549  N NH2 . ARG A 1 68  ? 4.839   10.648  2.730   1.00 10.64 ? 449 ARG A NH2 1 
ATOM   550  N N   . ARG A 1 69  ? 8.818   7.983   7.153   1.00 14.71 ? 450 ARG A N   1 
ATOM   551  C CA  . ARG A 1 69  ? 9.123   6.724   6.447   1.00 13.77 ? 450 ARG A CA  1 
ATOM   552  C C   . ARG A 1 69  ? 7.877   6.057   5.852   1.00 13.24 ? 450 ARG A C   1 
ATOM   553  O O   . ARG A 1 69  ? 7.638   4.854   6.022   1.00 13.28 ? 450 ARG A O   1 
ATOM   554  C CB  . ARG A 1 69  ? 9.943   5.768   7.323   1.00 15.13 ? 450 ARG A CB  1 
ATOM   555  C CG  . ARG A 1 69  ? 11.314  6.362   7.659   1.00 15.36 ? 450 ARG A CG  1 
ATOM   556  C CD  . ARG A 1 69  ? 12.236  5.383   8.353   1.00 20.46 ? 450 ARG A CD  1 
ATOM   557  N NE  . ARG A 1 69  ? 11.717  4.892   9.628   1.00 24.15 ? 450 ARG A NE  1 
ATOM   558  C CZ  . ARG A 1 69  ? 11.776  5.557   10.781  1.00 27.50 ? 450 ARG A CZ  1 
ATOM   559  N NH1 . ARG A 1 69  ? 12.317  6.769   10.837  1.00 27.23 ? 450 ARG A NH1 1 
ATOM   560  N NH2 . ARG A 1 69  ? 11.283  5.006   11.888  1.00 28.89 ? 450 ARG A NH2 1 
ATOM   561  N N   . ARG A 1 70  ? 7.091   6.874   5.160   1.00 12.45 ? 451 ARG A N   1 
ATOM   562  C CA  . ARG A 1 70  ? 5.988   6.393   4.326   1.00 11.79 ? 451 ARG A CA  1 
ATOM   563  C C   . ARG A 1 70  ? 6.103   7.141   3.012   1.00 11.20 ? 451 ARG A C   1 
ATOM   564  O O   . ARG A 1 70  ? 6.777   8.171   2.929   1.00 11.12 ? 451 ARG A O   1 
ATOM   565  C CB  . ARG A 1 70  ? 4.623   6.730   4.936   1.00 10.83 ? 451 ARG A CB  1 
ATOM   566  C CG  . ARG A 1 70  ? 4.309   6.045   6.261   1.00 11.89 ? 451 ARG A CG  1 
ATOM   567  C CD  . ARG A 1 70  ? 2.920   6.445   6.765   1.00 11.65 ? 451 ARG A CD  1 
ATOM   568  N NE  . ARG A 1 70  ? 2.874   7.846   7.189   1.00 12.27 ? 451 ARG A NE  1 
ATOM   569  C CZ  . ARG A 1 70  ? 3.158   8.278   8.417   1.00 13.90 ? 451 ARG A CZ  1 
ATOM   570  N NH1 . ARG A 1 70  ? 3.080   9.571   8.677   1.00 14.05 ? 451 ARG A NH1 1 
ATOM   571  N NH2 . ARG A 1 70  ? 3.497   7.432   9.391   1.00 10.73 ? 451 ARG A NH2 1 
ATOM   572  N N   . MET A 1 71  ? 5.423   6.637   1.989   1.00 11.46 ? 452 MET A N   1 
ATOM   573  C CA  . MET A 1 71  ? 5.274   7.384   0.742   1.00 11.78 ? 452 MET A CA  1 
ATOM   574  C C   . MET A 1 71  ? 3.880   7.112   0.169   1.00 10.57 ? 452 MET A C   1 
ATOM   575  O O   . MET A 1 71  ? 3.385   5.985   0.219   1.00 10.50 ? 452 MET A O   1 
ATOM   576  C CB  . MET A 1 71  ? 6.363   7.016   -0.279  1.00 12.04 ? 452 MET A CB  1 
ATOM   577  C CG  . MET A 1 71  ? 6.358   5.557   -0.712  1.00 13.27 ? 452 MET A CG  1 
ATOM   578  S SD  . MET A 1 71  ? 7.574   5.227   -2.012  1.00 16.81 ? 452 MET A SD  1 
ATOM   579  C CE  . MET A 1 71  ? 9.121   5.241   -1.114  1.00 16.68 ? 452 MET A CE  1 
ATOM   580  N N   . SER A 1 72  ? 3.260   8.149   -0.374  1.00 10.06 ? 453 SER A N   1 
ATOM   581  C CA  . SER A 1 72  ? 1.958   7.998   -0.996  1.00 8.78  ? 453 SER A CA  1 
ATOM   582  C C   . SER A 1 72  ? 1.928   8.494   -2.421  1.00 8.99  ? 453 SER A C   1 
ATOM   583  O O   . SER A 1 72  ? 2.688   9.394   -2.801  1.00 9.64  ? 453 SER A O   1 
ATOM   584  C CB  . SER A 1 72  ? 0.892   8.775   -0.225  1.00 8.91  ? 453 SER A CB  1 
ATOM   585  O OG  . SER A 1 72  ? 0.810   8.348   1.109   1.00 10.33 ? 453 SER A OG  1 
ATOM   586  N N   . VAL A 1 73  ? 1.029   7.897   -3.194  1.00 7.94  ? 454 VAL A N   1 
ATOM   587  C CA  . VAL A 1 73  ? 0.609   8.450   -4.481  1.00 7.99  ? 454 VAL A CA  1 
ATOM   588  C C   . VAL A 1 73  ? -0.893  8.620   -4.447  1.00 9.10  ? 454 VAL A C   1 
ATOM   589  O O   . VAL A 1 73  ? -1.587  7.943   -3.689  1.00 8.80  ? 454 VAL A O   1 
ATOM   590  C CB  . VAL A 1 73  ? 1.032   7.556   -5.686  1.00 8.17  ? 454 VAL A CB  1 
ATOM   591  C CG1 . VAL A 1 73  ? 2.546   7.302   -5.677  1.00 8.47  ? 454 VAL A CG1 1 
ATOM   592  C CG2 . VAL A 1 73  ? 0.252   6.241   -5.698  1.00 9.06  ? 454 VAL A CG2 1 
ATOM   593  N N   . VAL A 1 74  ? -1.392  9.544   -5.256  1.00 7.55  ? 455 VAL A N   1 
ATOM   594  C CA  . VAL A 1 74  ? -2.835  9.705   -5.408  1.00 8.12  ? 455 VAL A CA  1 
ATOM   595  C C   . VAL A 1 74  ? -3.114  9.494   -6.878  1.00 8.28  ? 455 VAL A C   1 
ATOM   596  O O   . VAL A 1 74  ? -2.437  10.085  -7.730  1.00 8.72  ? 455 VAL A O   1 
ATOM   597  C CB  . VAL A 1 74  ? -3.276  11.113  -4.950  1.00 7.62  ? 455 VAL A CB  1 
ATOM   598  C CG1 . VAL A 1 74  ? -4.782  11.279  -5.131  1.00 8.27  ? 455 VAL A CG1 1 
ATOM   599  C CG2 . VAL A 1 74  ? -2.886  11.341  -3.471  1.00 8.97  ? 455 VAL A CG2 1 
ATOM   600  N N   . VAL A 1 75  ? -4.103  8.651   -7.166  1.00 7.99  ? 456 VAL A N   1 
ATOM   601  C CA  . VAL A 1 75  ? -4.460  8.290   -8.542  1.00 9.06  ? 456 VAL A CA  1 
ATOM   602  C C   . VAL A 1 75  ? -5.957  8.446   -8.742  1.00 9.80  ? 456 VAL A C   1 
ATOM   603  O O   . VAL A 1 75  ? -6.715  8.487   -7.776  1.00 9.53  ? 456 VAL A O   1 
ATOM   604  C CB  . VAL A 1 75  ? -4.006  6.852   -8.927  1.00 9.27  ? 456 VAL A CB  1 
ATOM   605  C CG1 . VAL A 1 75  ? -2.492  6.762   -8.906  1.00 8.47  ? 456 VAL A CG1 1 
ATOM   606  C CG2 . VAL A 1 75  ? -4.595  5.790   -7.984  1.00 10.01 ? 456 VAL A CG2 1 
ATOM   607  N N   . ALA A 1 76  ? -6.384  8.504   -9.999  1.00 9.25  ? 457 ALA A N   1 
ATOM   608  C CA  . ALA A 1 76  ? -7.795  8.686   -10.300 1.00 9.29  ? 457 ALA A CA  1 
ATOM   609  C C   . ALA A 1 76  ? -8.144  8.028   -11.611 1.00 9.53  ? 457 ALA A C   1 
ATOM   610  O O   . ALA A 1 76  ? -7.413  8.206   -12.602 1.00 9.34  ? 457 ALA A O   1 
ATOM   611  C CB  . ALA A 1 76  ? -8.116  10.159  -10.363 1.00 9.40  ? 457 ALA A CB  1 
ATOM   612  N N   . GLU A 1 77  ? -9.247  7.277   -11.615 1.00 10.62 ? 458 GLU A N   1 
ATOM   613  C CA  . GLU A 1 77  ? -9.780  6.700   -12.859 1.00 11.44 ? 458 GLU A CA  1 
ATOM   614  C C   . GLU A 1 77  ? -10.829 7.609   -13.513 1.00 12.38 ? 458 GLU A C   1 
ATOM   615  O O   . GLU A 1 77  ? -11.192 7.408   -14.666 1.00 13.58 ? 458 GLU A O   1 
ATOM   616  C CB  . GLU A 1 77  ? -10.353 5.299   -12.631 1.00 12.71 ? 458 GLU A CB  1 
ATOM   617  C CG  . GLU A 1 77  ? -11.555 5.320   -11.691 1.00 13.88 ? 458 GLU A CG  1 
ATOM   618  C CD  . GLU A 1 77  ? -12.142 3.959   -11.405 1.00 18.59 ? 458 GLU A CD  1 
ATOM   619  O OE1 . GLU A 1 77  ? -11.924 3.032   -12.219 1.00 18.46 ? 458 GLU A OE1 1 
ATOM   620  O OE2 . GLU A 1 77  ? -12.826 3.823   -10.358 1.00 20.44 ? 458 GLU A OE2 1 
ATOM   621  N N   . ASN A 1 78  ? -11.313 8.588   -12.755 1.00 12.43 ? 459 ASN A N   1 
ATOM   622  C CA  . ASN A 1 78  ? -12.224 9.625   -13.249 1.00 12.67 ? 459 ASN A CA  1 
ATOM   623  C C   . ASN A 1 78  ? -11.930 10.900  -12.475 1.00 12.30 ? 459 ASN A C   1 
ATOM   624  O O   . ASN A 1 78  ? -11.245 10.873  -11.450 1.00 13.42 ? 459 ASN A O   1 
ATOM   625  C CB  . ASN A 1 78  ? -13.680 9.195   -13.052 1.00 13.17 ? 459 ASN A CB  1 
ATOM   626  C CG  . ASN A 1 78  ? -13.986 8.870   -11.601 1.00 15.69 ? 459 ASN A CG  1 
ATOM   627  O OD1 . ASN A 1 78  ? -13.744 9.679   -10.701 1.00 18.45 ? 459 ASN A OD1 1 
ATOM   628  N ND2 . ASN A 1 78  ? -14.475 7.665   -11.363 1.00 20.17 ? 459 ASN A ND2 1 
ATOM   629  N N   . THR A 1 79  ? -12.415 12.035  -12.939 1.00 11.44 ? 460 THR A N   1 
ATOM   630  C CA  . THR A 1 79  ? -12.040 13.278  -12.283 1.00 11.16 ? 460 THR A CA  1 
ATOM   631  C C   . THR A 1 79  ? -12.534 13.373  -10.836 1.00 10.89 ? 460 THR A C   1 
ATOM   632  O O   . THR A 1 79  ? -11.815 13.871  -9.974  1.00 11.85 ? 460 THR A O   1 
ATOM   633  C CB  . THR A 1 79  ? -12.515 14.498  -13.073 1.00 11.11 ? 460 THR A CB  1 
ATOM   634  O OG1 . THR A 1 79  ? -11.862 14.491  -14.347 1.00 13.14 ? 460 THR A OG1 1 
ATOM   635  C CG2 . THR A 1 79  ? -12.181 15.789  -12.353 1.00 13.38 ? 460 THR A CG2 1 
ATOM   636  N N   . GLU A 1 80  ? -13.748 12.888  -10.588 1.00 10.90 ? 461 GLU A N   1 
ATOM   637  C CA  . GLU A 1 80  ? -14.462 13.216  -9.342  1.00 11.26 ? 461 GLU A CA  1 
ATOM   638  C C   . GLU A 1 80  ? -13.918 12.586  -8.070  1.00 11.28 ? 461 GLU A C   1 
ATOM   639  O O   . GLU A 1 80  ? -14.125 13.141  -6.992  1.00 11.57 ? 461 GLU A O   1 
ATOM   640  C CB  . GLU A 1 80  ? -15.954 12.913  -9.450  1.00 11.52 ? 461 GLU A CB  1 
ATOM   641  C CG  . GLU A 1 80  ? -16.317 11.485  -9.713  1.00 12.92 ? 461 GLU A CG  1 
ATOM   642  C CD  . GLU A 1 80  ? -16.475 11.133  -11.176 1.00 15.41 ? 461 GLU A CD  1 
ATOM   643  O OE1 . GLU A 1 80  ? -15.898 11.833  -12.044 1.00 14.25 ? 461 GLU A OE1 1 
ATOM   644  O OE2 . GLU A 1 80  ? -17.185 10.139  -11.445 1.00 18.02 ? 461 GLU A OE2 1 
ATOM   645  N N   . HIS A 1 81  ? -13.250 11.434  -8.193  1.00 10.66 ? 462 HIS A N   1 
ATOM   646  C CA  . HIS A 1 81  ? -12.773 10.684  -7.019  1.00 10.42 ? 462 HIS A CA  1 
ATOM   647  C C   . HIS A 1 81  ? -11.270 10.441  -7.121  1.00 10.38 ? 462 HIS A C   1 
ATOM   648  O O   . HIS A 1 81  ? -10.744 10.217  -8.224  1.00 10.77 ? 462 HIS A O   1 
ATOM   649  C CB  . HIS A 1 81  ? -13.489 9.336   -6.905  1.00 10.75 ? 462 HIS A CB  1 
ATOM   650  C CG  . HIS A 1 81  ? -14.972 9.429   -6.675  1.00 10.90 ? 462 HIS A CG  1 
ATOM   651  N ND1 . HIS A 1 81  ? -15.602 10.566  -6.210  1.00 13.65 ? 462 HIS A ND1 1 
ATOM   652  C CD2 . HIS A 1 81  ? -15.938 8.491   -6.796  1.00 13.15 ? 462 HIS A CD2 1 
ATOM   653  C CE1 . HIS A 1 81  ? -16.900 10.333  -6.098  1.00 11.30 ? 462 HIS A CE1 1 
ATOM   654  N NE2 . HIS A 1 81  ? -17.127 9.075   -6.426  1.00 16.42 ? 462 HIS A NE2 1 
ATOM   655  N N   . HIS A 1 82  ? -10.601 10.459  -5.968  1.00 9.42  ? 463 HIS A N   1 
ATOM   656  C CA  . HIS A 1 82  ? -9.167  10.189  -5.847  1.00 9.39  ? 463 HIS A CA  1 
ATOM   657  C C   . HIS A 1 82  ? -8.961  8.973   -4.953  1.00 10.29 ? 463 HIS A C   1 
ATOM   658  O O   . HIS A 1 82  ? -9.700  8.787   -3.976  1.00 11.22 ? 463 HIS A O   1 
ATOM   659  C CB  . HIS A 1 82  ? -8.475  11.390  -5.214  1.00 9.58  ? 463 HIS A CB  1 
ATOM   660  C CG  . HIS A 1 82  ? -8.387  12.591  -6.112  1.00 8.34  ? 463 HIS A CG  1 
ATOM   661  N ND1 . HIS A 1 82  ? -7.764  13.758  -5.727  1.00 10.43 ? 463 HIS A ND1 1 
ATOM   662  C CD2 . HIS A 1 82  ? -8.790  12.785  -7.389  1.00 9.25  ? 463 HIS A CD2 1 
ATOM   663  C CE1 . HIS A 1 82  ? -7.816  14.633  -6.714  1.00 9.54  ? 463 HIS A CE1 1 
ATOM   664  N NE2 . HIS A 1 82  ? -8.428  14.069  -7.738  1.00 9.99  ? 463 HIS A NE2 1 
ATOM   665  N N   . GLN A 1 83  ? -7.959  8.155   -5.280  1.00 9.59  ? 464 GLN A N   1 
ATOM   666  C CA  . GLN A 1 83  ? -7.529  7.040   -4.421  1.00 9.85  ? 464 GLN A CA  1 
ATOM   667  C C   . GLN A 1 83  ? -6.107  7.343   -3.974  1.00 8.74  ? 464 GLN A C   1 
ATOM   668  O O   . GLN A 1 83  ? -5.185  7.424   -4.793  1.00 9.24  ? 464 GLN A O   1 
ATOM   669  C CB  . GLN A 1 83  ? -7.598  5.703   -5.173  1.00 10.97 ? 464 GLN A CB  1 
ATOM   670  C CG  . GLN A 1 83  ? -6.989  4.471   -4.448  1.00 14.80 ? 464 GLN A CG  1 
ATOM   671  C CD  . GLN A 1 83  ? -7.927  3.776   -3.471  1.00 19.77 ? 464 GLN A CD  1 
ATOM   672  O OE1 . GLN A 1 83  ? -7.800  2.566   -3.230  1.00 22.97 ? 464 GLN A OE1 1 
ATOM   673  N NE2 . GLN A 1 83  ? -8.858  4.519   -2.900  1.00 19.84 ? 464 GLN A NE2 1 
ATOM   674  N N   . LEU A 1 84  ? -5.947  7.534   -2.669  1.00 8.69  ? 465 LEU A N   1 
ATOM   675  C CA  . LEU A 1 84  ? -4.630  7.693   -2.071  1.00 7.68  ? 465 LEU A CA  1 
ATOM   676  C C   . LEU A 1 84  ? -4.109  6.292   -1.729  1.00 8.61  ? 465 LEU A C   1 
ATOM   677  O O   . LEU A 1 84  ? -4.808  5.499   -1.093  1.00 8.41  ? 465 LEU A O   1 
ATOM   678  C CB  . LEU A 1 84  ? -4.713  8.570   -0.813  1.00 8.47  ? 465 LEU A CB  1 
ATOM   679  C CG  . LEU A 1 84  ? -3.409  8.966   -0.128  1.00 9.22  ? 465 LEU A CG  1 
ATOM   680  C CD1 . LEU A 1 84  ? -3.562  10.319  0.584   1.00 11.38 ? 465 LEU A CD1 1 
ATOM   681  C CD2 . LEU A 1 84  ? -2.952  7.876   0.854   1.00 10.96 ? 465 LEU A CD2 1 
ATOM   682  N N   . VAL A 1 85  ? -2.865  6.014   -2.111  1.00 7.65  ? 466 VAL A N   1 
ATOM   683  C CA  . VAL A 1 85  ? -2.229  4.727   -1.801  1.00 8.47  ? 466 VAL A CA  1 
ATOM   684  C C   . VAL A 1 85  ? -0.906  4.986   -1.086  1.00 8.00  ? 466 VAL A C   1 
ATOM   685  O O   . VAL A 1 85  ? -0.011  5.631   -1.630  1.00 8.11  ? 466 VAL A O   1 
ATOM   686  C CB  . VAL A 1 85  ? -1.966  3.828   -3.057  1.00 8.38  ? 466 VAL A CB  1 
ATOM   687  C CG1 . VAL A 1 85  ? -1.351  2.491   -2.627  1.00 9.93  ? 466 VAL A CG1 1 
ATOM   688  C CG2 . VAL A 1 85  ? -3.253  3.574   -3.828  1.00 10.19 ? 466 VAL A CG2 1 
ATOM   689  N N   . CYS A 1 86  ? -0.820  4.508   0.151   1.00 7.87  ? 467 CYS A N   1 
ATOM   690  C CA  . CYS A 1 86  ? 0.354   4.738   0.991   1.00 8.47  ? 467 CYS A CA  1 
ATOM   691  C C   . CYS A 1 86  ? 1.030   3.409   1.304   1.00 8.56  ? 467 CYS A C   1 
ATOM   692  O O   . CYS A 1 86  ? 0.363   2.394   1.535   1.00 9.24  ? 467 CYS A O   1 
ATOM   693  C CB  . CYS A 1 86  ? -0.086  5.429   2.292   1.00 8.43  ? 467 CYS A CB  1 
ATOM   694  S SG  . CYS A 1 86  ? 1.245   5.933   3.414   1.00 10.44 ? 467 CYS A SG  1 
ATOM   695  N N   . LYS A 1 87  ? 2.362   3.404   1.321   1.00 9.18  ? 468 LYS A N   1 
ATOM   696  C CA  . LYS A 1 87  ? 3.074   2.200   1.758   1.00 10.04 ? 468 LYS A CA  1 
ATOM   697  C C   . LYS A 1 87  ? 4.328   2.527   2.569   1.00 9.38  ? 468 LYS A C   1 
ATOM   698  O O   . LYS A 1 87  ? 4.877   3.627   2.478   1.00 9.37  ? 468 LYS A O   1 
ATOM   699  C CB  . LYS A 1 87  ? 3.365   1.223   0.599   1.00 10.74 ? 468 LYS A CB  1 
ATOM   700  C CG  . LYS A 1 87  ? 4.510   1.576   -0.307  1.00 12.01 ? 468 LYS A CG  1 
ATOM   701  C CD  . LYS A 1 87  ? 4.501   0.679   -1.563  1.00 13.70 ? 468 LYS A CD  1 
ATOM   702  C CE  . LYS A 1 87  ? 5.830   0.675   -2.307  1.00 17.80 ? 468 LYS A CE  1 
ATOM   703  N NZ  . LYS A 1 87  ? 6.461   2.018   -2.444  1.00 17.79 ? 468 LYS A NZ  1 
ATOM   704  N N   . GLY A 1 88  ? 4.750   1.554   3.372   1.00 9.46  ? 469 GLY A N   1 
ATOM   705  C CA  . GLY A 1 88  ? 5.918   1.703   4.238   1.00 10.25 ? 469 GLY A CA  1 
ATOM   706  C C   . GLY A 1 88  ? 6.007   0.525   5.193   1.00 10.39 ? 469 GLY A C   1 
ATOM   707  O O   . GLY A 1 88  ? 5.238   -0.427  5.092   1.00 11.07 ? 469 GLY A O   1 
ATOM   708  N N   . ALA A 1 89  ? 6.961   0.590   6.123   1.00 11.49 ? 470 ALA A N   1 
ATOM   709  C CA  . ALA A 1 89  ? 7.058   -0.434  7.163   1.00 11.61 ? 470 ALA A CA  1 
ATOM   710  C C   . ALA A 1 89  ? 5.796   -0.478  8.014   1.00 11.39 ? 470 ALA A C   1 
ATOM   711  O O   . ALA A 1 89  ? 5.049   0.524   8.119   1.00 11.82 ? 470 ALA A O   1 
ATOM   712  C CB  . ALA A 1 89  ? 8.280   -0.219  8.030   1.00 12.17 ? 470 ALA A CB  1 
ATOM   713  N N   . LEU A 1 90  ? 5.548   -1.632  8.625   1.00 11.37 ? 471 LEU A N   1 
ATOM   714  C CA  . LEU A 1 90  ? 4.267   -1.881  9.295   1.00 11.19 ? 471 LEU A CA  1 
ATOM   715  C C   . LEU A 1 90  ? 3.915   -0.838  10.329  1.00 11.09 ? 471 LEU A C   1 
ATOM   716  O O   . LEU A 1 90  ? 2.800   -0.318  10.319  1.00 10.53 ? 471 LEU A O   1 
ATOM   717  C CB  . LEU A 1 90  ? 4.260   -3.246  9.982   1.00 11.18 ? 471 LEU A CB  1 
ATOM   718  C CG  . LEU A 1 90  ? 2.936   -3.606  10.658  1.00 11.03 ? 471 LEU A CG  1 
ATOM   719  C CD1 . LEU A 1 90  ? 1.794   -3.720  9.640   1.00 11.96 ? 471 LEU A CD1 1 
ATOM   720  C CD2 . LEU A 1 90  ? 3.079   -4.905  11.468  1.00 12.39 ? 471 LEU A CD2 1 
ATOM   721  N N   . GLN A 1 91  ? 4.844   -0.539  11.236  1.00 11.85 ? 472 GLN A N   1 
ATOM   722  C CA  . GLN A 1 91  ? 4.502   0.353   12.345  1.00 13.69 ? 472 GLN A CA  1 
ATOM   723  C C   . GLN A 1 91  ? 4.156   1.754   11.850  1.00 13.31 ? 472 GLN A C   1 
ATOM   724  O O   . GLN A 1 91  ? 3.173   2.365   12.309  1.00 14.07 ? 472 GLN A O   1 
ATOM   725  C CB  . GLN A 1 91  ? 5.607   0.408   13.389  1.00 13.93 ? 472 GLN A CB  1 
ATOM   726  C CG  . GLN A 1 91  ? 5.179   1.159   14.652  1.00 17.67 ? 472 GLN A CG  1 
ATOM   727  C CD  . GLN A 1 91  ? 3.952   0.546   15.313  1.00 21.67 ? 472 GLN A CD  1 
ATOM   728  O OE1 . GLN A 1 91  ? 4.021   -0.557  15.856  1.00 24.72 ? 472 GLN A OE1 1 
ATOM   729  N NE2 . GLN A 1 91  ? 2.816   1.261   15.265  1.00 22.29 ? 472 GLN A NE2 1 
ATOM   730  N N   . GLU A 1 92  ? 4.939   2.242   10.891  1.00 12.92 ? 473 GLU A N   1 
ATOM   731  C CA  . GLU A 1 92  ? 4.722   3.572   10.320  1.00 13.54 ? 473 GLU A CA  1 
ATOM   732  C C   . GLU A 1 92  ? 3.365   3.638   9.616   1.00 12.57 ? 473 GLU A C   1 
ATOM   733  O O   . GLU A 1 92  ? 2.679   4.671   9.649   1.00 12.77 ? 473 GLU A O   1 
ATOM   734  C CB  . GLU A 1 92  ? 5.858   3.936   9.363   1.00 14.44 ? 473 GLU A CB  1 
ATOM   735  C CG  . GLU A 1 92  ? 7.172   4.342   10.070  1.00 18.28 ? 473 GLU A CG  1 
ATOM   736  C CD  . GLU A 1 92  ? 7.841   3.211   10.832  1.00 22.75 ? 473 GLU A CD  1 
ATOM   737  O OE1 . GLU A 1 92  ? 7.861   2.075   10.324  1.00 25.02 ? 473 GLU A OE1 1 
ATOM   738  O OE2 . GLU A 1 92  ? 8.353   3.466   11.949  1.00 26.21 ? 473 GLU A OE2 1 
ATOM   739  N N   . ILE A 1 93  ? 2.960   2.527   9.010   1.00 11.38 ? 474 ILE A N   1 
ATOM   740  C CA  . ILE A 1 93  ? 1.649   2.492   8.358   1.00 10.10 ? 474 ILE A CA  1 
ATOM   741  C C   . ILE A 1 93  ? 0.538   2.354   9.396   1.00 10.35 ? 474 ILE A C   1 
ATOM   742  O O   . ILE A 1 93  ? -0.472  3.041   9.312   1.00 10.86 ? 474 ILE A O   1 
ATOM   743  C CB  . ILE A 1 93  ? 1.577   1.379   7.264   1.00 9.16  ? 474 ILE A CB  1 
ATOM   744  C CG1 . ILE A 1 93  ? 2.464   1.745   6.057   1.00 9.83  ? 474 ILE A CG1 1 
ATOM   745  C CG2 . ILE A 1 93  ? 0.120   1.075   6.821   1.00 9.32  ? 474 ILE A CG2 1 
ATOM   746  C CD1 . ILE A 1 93  ? 1.930   2.941   5.207   1.00 10.72 ? 474 ILE A CD1 1 
ATOM   747  N N   . LEU A 1 94  ? 0.711   1.462   10.376  1.00 10.26 ? 475 LEU A N   1 
ATOM   748  C CA  . LEU A 1 94  ? -0.294  1.328   11.430  1.00 10.10 ? 475 LEU A CA  1 
ATOM   749  C C   . LEU A 1 94  ? -0.586  2.663   12.114  1.00 10.05 ? 475 LEU A C   1 
ATOM   750  O O   . LEU A 1 94  ? -1.748  2.936   12.443  1.00 11.66 ? 475 LEU A O   1 
ATOM   751  C CB  . LEU A 1 94  ? 0.134   0.284   12.464  1.00 10.19 ? 475 LEU A CB  1 
ATOM   752  C CG  . LEU A 1 94  ? 0.116   -1.165  11.969  1.00 11.45 ? 475 LEU A CG  1 
ATOM   753  C CD1 . LEU A 1 94  ? 0.464   -2.071  13.139  1.00 11.57 ? 475 LEU A CD1 1 
ATOM   754  C CD2 . LEU A 1 94  ? -1.243  -1.556  11.383  1.00 13.60 ? 475 LEU A CD2 1 
ATOM   755  N N   . ASN A 1 95  ? 0.454   3.480   12.292  1.00 11.15 ? 476 ASN A N   1 
ATOM   756  C CA  . ASN A 1 95  ? 0.321   4.805   12.940  1.00 11.79 ? 476 ASN A CA  1 
ATOM   757  C C   . ASN A 1 95  ? -0.722  5.722   12.291  1.00 11.93 ? 476 ASN A C   1 
ATOM   758  O O   . ASN A 1 95  ? -1.268  6.637   12.951  1.00 13.45 ? 476 ASN A O   1 
ATOM   759  C CB  . ASN A 1 95  ? 1.651   5.539   12.971  1.00 12.47 ? 476 ASN A CB  1 
ATOM   760  C CG  . ASN A 1 95  ? 2.650   4.923   13.930  1.00 13.85 ? 476 ASN A CG  1 
ATOM   761  O OD1 . ASN A 1 95  ? 2.316   4.037   14.723  1.00 17.08 ? 476 ASN A OD1 1 
ATOM   762  N ND2 . ASN A 1 95  ? 3.896   5.393   13.857  1.00 17.87 ? 476 ASN A ND2 1 
ATOM   763  N N   . VAL A 1 96  ? -0.974  5.511   11.003  1.00 10.96 ? 477 VAL A N   1 
ATOM   764  C CA  . VAL A 1 96  ? -1.892  6.388   10.269  1.00 10.73 ? 477 VAL A CA  1 
ATOM   765  C C   . VAL A 1 96  ? -3.135  5.671   9.740   1.00 10.27 ? 477 VAL A C   1 
ATOM   766  O O   . VAL A 1 96  ? -3.897  6.240   8.948   1.00 9.37  ? 477 VAL A O   1 
ATOM   767  C CB  . VAL A 1 96  ? -1.170  7.139   9.122   1.00 11.20 ? 477 VAL A CB  1 
ATOM   768  C CG1 . VAL A 1 96  ? -0.142  8.090   9.674   1.00 11.47 ? 477 VAL A CG1 1 
ATOM   769  C CG2 . VAL A 1 96  ? -0.541  6.152   8.140   1.00 11.27 ? 477 VAL A CG2 1 
ATOM   770  N N   . CYS A 1 97  ? -3.322  4.411   10.138  1.00 9.66  ? 478 CYS A N   1 
ATOM   771  C CA  . CYS A 1 97  ? -4.530  3.666   9.795   1.00 9.79  ? 478 CYS A CA  1 
ATOM   772  C C   . CYS A 1 97  ? -5.529  3.687   10.943  1.00 9.79  ? 478 CYS A C   1 
ATOM   773  O O   . CYS A 1 97  ? -5.148  3.514   12.101  1.00 11.87 ? 478 CYS A O   1 
ATOM   774  C CB  . CYS A 1 97  ? -4.216  2.208   9.476   1.00 10.02 ? 478 CYS A CB  1 
ATOM   775  S SG  . CYS A 1 97  ? -3.305  1.993   7.957   1.00 9.96  ? 478 CYS A SG  1 
ATOM   776  N N   . SER A 1 98  ? -6.801  3.871   10.610  1.00 9.61  ? 479 SER A N   1 
ATOM   777  C CA  . SER A 1 98  ? -7.862  3.691   11.601  1.00 10.30 ? 479 SER A CA  1 
ATOM   778  C C   . SER A 1 98  ? -8.797  2.554   11.188  1.00 9.87  ? 479 SER A C   1 
ATOM   779  O O   . SER A 1 98  ? -9.603  2.078   11.996  1.00 10.33 ? 479 SER A O   1 
ATOM   780  C CB  . SER A 1 98  ? -8.641  4.985   11.819  1.00 10.55 ? 479 SER A CB  1 
ATOM   781  O OG  . SER A 1 98  ? -9.353  5.353   10.651  1.00 12.52 ? 479 SER A OG  1 
ATOM   782  N N   . GLN A 1 99  ? -8.675  2.100   9.937   1.00 10.13 ? 480 GLN A N   1 
ATOM   783  C CA  . GLN A 1 99  ? -9.528  1.047   9.401   1.00 9.80  ? 480 GLN A CA  1 
ATOM   784  C C   . GLN A 1 99  ? -8.720  -0.068  8.773   1.00 10.79 ? 480 GLN A C   1 
ATOM   785  O O   . GLN A 1 99  ? -7.514  0.076   8.537   1.00 9.68  ? 480 GLN A O   1 
ATOM   786  C CB  . GLN A 1 99  ? -10.508 1.591   8.343   1.00 10.89 ? 480 GLN A CB  1 
ATOM   787  C CG  . GLN A 1 99  ? -11.109 2.946   8.698   1.00 11.62 ? 480 GLN A CG  1 
ATOM   788  C CD  . GLN A 1 99  ? -12.104 2.855   9.825   1.00 14.91 ? 480 GLN A CD  1 
ATOM   789  O OE1 . GLN A 1 99  ? -12.784 1.835   9.998   1.00 19.64 ? 480 GLN A OE1 1 
ATOM   790  N NE2 . GLN A 1 99  ? -12.189 3.915   10.610  1.00 16.08 ? 480 GLN A NE2 1 
ATOM   791  N N   . VAL A 1 100 ? -9.417  -1.156  8.484   1.00 10.85 ? 481 VAL A N   1 
ATOM   792  C CA  . VAL A 1 100 ? -8.827  -2.289  7.801   1.00 12.45 ? 481 VAL A CA  1 
ATOM   793  C C   . VAL A 1 100 ? -9.883  -2.905  6.904   1.00 12.88 ? 481 VAL A C   1 
ATOM   794  O O   . VAL A 1 100 ? -11.082 -2.880  7.218   1.00 12.63 ? 481 VAL A O   1 
ATOM   795  C CB  . VAL A 1 100 ? -8.235  -3.309  8.823   1.00 12.38 ? 481 VAL A CB  1 
ATOM   796  C CG1 . VAL A 1 100 ? -9.306  -3.789  9.805   1.00 14.15 ? 481 VAL A CG1 1 
ATOM   797  C CG2 . VAL A 1 100 ? -7.586  -4.457  8.125   1.00 14.50 ? 481 VAL A CG2 1 
ATOM   798  N N   . ARG A 1 101 ? -9.459  -3.425  5.757   1.00 13.20 ? 482 ARG A N   1 
ATOM   799  C CA  . ARG A 1 101 ? -10.374 -4.198  4.935   1.00 14.93 ? 482 ARG A CA  1 
ATOM   800  C C   . ARG A 1 101 ? -10.306 -5.641  5.391   1.00 16.34 ? 482 ARG A C   1 
ATOM   801  O O   . ARG A 1 101 ? -9.229  -6.245  5.417   1.00 16.68 ? 482 ARG A O   1 
ATOM   802  C CB  . ARG A 1 101 ? -10.040 -4.064  3.445   1.00 14.79 ? 482 ARG A CB  1 
ATOM   803  C CG  . ARG A 1 101 ? -11.209 -4.425  2.523   1.00 15.93 ? 482 ARG A CG  1 
ATOM   804  C CD  . ARG A 1 101 ? -10.839 -4.231  1.042   1.00 15.05 ? 482 ARG A CD  1 
ATOM   805  N NE  . ARG A 1 101 ? -10.377 -2.869  0.795   1.00 15.81 ? 482 ARG A NE  1 
ATOM   806  C CZ  . ARG A 1 101 ? -11.167 -1.830  0.546   1.00 16.67 ? 482 ARG A CZ  1 
ATOM   807  N NH1 . ARG A 1 101 ? -12.488 -1.987  0.461   1.00 17.45 ? 482 ARG A NH1 1 
ATOM   808  N NH2 . ARG A 1 101 ? -10.625 -0.631  0.362   1.00 15.74 ? 482 ARG A NH2 1 
ATOM   809  N N   . HIS A 1 102 ? -11.454 -6.185  5.773   1.00 18.06 ? 483 HIS A N   1 
ATOM   810  C CA  . HIS A 1 102 ? -11.529 -7.539  6.297   1.00 20.52 ? 483 HIS A CA  1 
ATOM   811  C C   . HIS A 1 102 ? -12.774 -8.217  5.746   1.00 21.65 ? 483 HIS A C   1 
ATOM   812  O O   . HIS A 1 102 ? -13.892 -7.736  5.960   1.00 22.63 ? 483 HIS A O   1 
ATOM   813  C CB  . HIS A 1 102 ? -11.583 -7.495  7.823   1.00 20.67 ? 483 HIS A CB  1 
ATOM   814  C CG  . HIS A 1 102 ? -11.440 -8.834  8.477   1.00 22.52 ? 483 HIS A CG  1 
ATOM   815  N ND1 . HIS A 1 102 ? -12.269 -9.256  9.496   1.00 24.85 ? 483 HIS A ND1 1 
ATOM   816  C CD2 . HIS A 1 102 ? -10.564 -9.846  8.261   1.00 23.94 ? 483 HIS A CD2 1 
ATOM   817  C CE1 . HIS A 1 102 ? -11.915 -10.471 9.873   1.00 24.63 ? 483 HIS A CE1 1 
ATOM   818  N NE2 . HIS A 1 102 ? -10.882 -10.850 9.143   1.00 26.56 ? 483 HIS A NE2 1 
ATOM   819  N N   . ASN A 1 103 ? -12.562 -9.316  5.023   1.00 23.64 ? 484 ASN A N   1 
ATOM   820  C CA  . ASN A 1 103 ? -13.640 -10.066 4.368   1.00 25.16 ? 484 ASN A CA  1 
ATOM   821  C C   . ASN A 1 103 ? -14.632 -9.185  3.593   1.00 25.49 ? 484 ASN A C   1 
ATOM   822  O O   . ASN A 1 103 ? -15.849 -9.303  3.764   1.00 26.33 ? 484 ASN A O   1 
ATOM   823  C CB  . ASN A 1 103 ? -14.368 -10.976 5.379   1.00 25.61 ? 484 ASN A CB  1 
ATOM   824  C CG  . ASN A 1 103 ? -13.422 -11.925 6.106   1.00 26.57 ? 484 ASN A CG  1 
ATOM   825  O OD1 . ASN A 1 103 ? -12.448 -12.413 5.534   1.00 28.95 ? 484 ASN A OD1 1 
ATOM   826  N ND2 . ASN A 1 103 ? -13.710 -12.187 7.374   1.00 27.90 ? 484 ASN A ND2 1 
ATOM   827  N N   . GLY A 1 104 ? -14.102 -8.298  2.751   1.00 25.89 ? 485 GLY A N   1 
ATOM   828  C CA  . GLY A 1 104 ? -14.922 -7.441  1.889   1.00 25.81 ? 485 GLY A CA  1 
ATOM   829  C C   . GLY A 1 104 ? -15.682 -6.328  2.596   1.00 25.46 ? 485 GLY A C   1 
ATOM   830  O O   . GLY A 1 104 ? -16.665 -5.805  2.057   1.00 26.36 ? 485 GLY A O   1 
ATOM   831  N N   . GLU A 1 105 ? -15.223 -5.964  3.794   1.00 24.28 ? 486 GLU A N   1 
ATOM   832  C CA  . GLU A 1 105 ? -15.815 -4.889  4.589   1.00 23.11 ? 486 GLU A CA  1 
ATOM   833  C C   . GLU A 1 105 ? -14.710 -3.997  5.155   1.00 20.88 ? 486 GLU A C   1 
ATOM   834  O O   . GLU A 1 105 ? -13.650 -4.492  5.541   1.00 20.34 ? 486 GLU A O   1 
ATOM   835  C CB  . GLU A 1 105 ? -16.634 -5.495  5.733   1.00 23.74 ? 486 GLU A CB  1 
ATOM   836  C CG  . GLU A 1 105 ? -17.647 -4.567  6.390   1.00 26.32 ? 486 GLU A CG  1 
ATOM   837  C CD  . GLU A 1 105 ? -18.542 -5.309  7.376   1.00 26.18 ? 486 GLU A CD  1 
ATOM   838  O OE1 . GLU A 1 105 ? -18.921 -6.466  7.076   1.00 31.07 ? 486 GLU A OE1 1 
ATOM   839  O OE2 . GLU A 1 105 ? -18.861 -4.743  8.449   1.00 29.93 ? 486 GLU A OE2 1 
ATOM   840  N N   . ILE A 1 106 ? -14.962 -2.692  5.204   1.00 18.60 ? 487 ILE A N   1 
ATOM   841  C CA  . ILE A 1 106 ? -14.052 -1.762  5.866   1.00 17.06 ? 487 ILE A CA  1 
ATOM   842  C C   . ILE A 1 106 ? -14.512 -1.654  7.314   1.00 16.14 ? 487 ILE A C   1 
ATOM   843  O O   . ILE A 1 106 ? -15.641 -1.248  7.570   1.00 16.42 ? 487 ILE A O   1 
ATOM   844  C CB  . ILE A 1 106 ? -14.049 -0.355  5.214   1.00 17.27 ? 487 ILE A CB  1 
ATOM   845  C CG1 . ILE A 1 106 ? -13.555 -0.407  3.761   1.00 16.64 ? 487 ILE A CG1 1 
ATOM   846  C CG2 . ILE A 1 106 ? -13.180 0.581   6.015   1.00 17.53 ? 487 ILE A CG2 1 
ATOM   847  C CD1 . ILE A 1 106 ? -13.852 0.876   2.972   1.00 17.32 ? 487 ILE A CD1 1 
ATOM   848  N N   . VAL A 1 107 ? -13.648 -2.037  8.249   1.00 14.11 ? 488 VAL A N   1 
ATOM   849  C CA  . VAL A 1 107 ? -13.994 -2.032  9.679   1.00 13.59 ? 488 VAL A CA  1 
ATOM   850  C C   . VAL A 1 107 ? -12.876 -1.367  10.505  1.00 12.21 ? 488 VAL A C   1 
ATOM   851  O O   . VAL A 1 107 ? -11.732 -1.236  10.041  1.00 11.27 ? 488 VAL A O   1 
ATOM   852  C CB  . VAL A 1 107 ? -14.235 -3.469  10.214  1.00 13.50 ? 488 VAL A CB  1 
ATOM   853  C CG1 . VAL A 1 107 ? -15.341 -4.174  9.430   1.00 15.78 ? 488 VAL A CG1 1 
ATOM   854  C CG2 . VAL A 1 107 ? -12.933 -4.285  10.200  1.00 13.98 ? 488 VAL A CG2 1 
ATOM   855  N N   . PRO A 1 108 ? -13.190 -0.934  11.737  1.00 11.49 ? 489 PRO A N   1 
ATOM   856  C CA  . PRO A 1 108 ? -12.149 -0.300  12.556  1.00 10.76 ? 489 PRO A CA  1 
ATOM   857  C C   . PRO A 1 108 ? -10.942 -1.201  12.821  1.00 10.97 ? 489 PRO A C   1 
ATOM   858  O O   . PRO A 1 108 ? -11.091 -2.430  12.970  1.00 11.71 ? 489 PRO A O   1 
ATOM   859  C CB  . PRO A 1 108 ? -12.875 0.011   13.883  1.00 10.71 ? 489 PRO A CB  1 
ATOM   860  C CG  . PRO A 1 108 ? -14.310 0.132   13.474  1.00 10.77 ? 489 PRO A CG  1 
ATOM   861  C CD  . PRO A 1 108 ? -14.501 -0.926  12.416  1.00 11.84 ? 489 PRO A CD  1 
ATOM   862  N N   . LEU A 1 109 ? -9.769  -0.590  12.893  1.00 11.24 ? 490 LEU A N   1 
ATOM   863  C CA  . LEU A 1 109 ? -8.536  -1.340  13.177  1.00 11.56 ? 490 LEU A CA  1 
ATOM   864  C C   . LEU A 1 109 ? -8.428  -1.438  14.695  1.00 11.61 ? 490 LEU A C   1 
ATOM   865  O O   . LEU A 1 109 ? -7.669  -0.711  15.334  1.00 10.85 ? 490 LEU A O   1 
ATOM   866  C CB  . LEU A 1 109 ? -7.294  -0.671  12.550  1.00 11.82 ? 490 LEU A CB  1 
ATOM   867  C CG  . LEU A 1 109 ? -6.006  -1.515  12.337  1.00 13.19 ? 490 LEU A CG  1 
ATOM   868  C CD1 . LEU A 1 109 ? -4.943  -0.660  11.625  1.00 17.39 ? 490 LEU A CD1 1 
ATOM   869  C CD2 . LEU A 1 109 ? -5.408  -2.171  13.595  1.00 17.05 ? 490 LEU A CD2 1 
ATOM   870  N N   . ASP A 1 110 ? -9.230  -2.342  15.248  1.00 11.99 ? 491 ASP A N   1 
ATOM   871  C CA  . ASP A 1 110 ? -9.386  -2.453  16.695  1.00 13.04 ? 491 ASP A CA  1 
ATOM   872  C C   . ASP A 1 110 ? -8.393  -3.457  17.282  1.00 13.69 ? 491 ASP A C   1 
ATOM   873  O O   . ASP A 1 110 ? -7.520  -3.968  16.574  1.00 13.79 ? 491 ASP A O   1 
ATOM   874  C CB  . ASP A 1 110 ? -10.840 -2.802  17.077  1.00 12.91 ? 491 ASP A CB  1 
ATOM   875  C CG  . ASP A 1 110 ? -11.327 -4.100  16.456  1.00 14.45 ? 491 ASP A CG  1 
ATOM   876  O OD1 . ASP A 1 110 ? -12.560 -4.274  16.298  1.00 18.24 ? 491 ASP A OD1 1 
ATOM   877  O OD2 . ASP A 1 110 ? -10.502 -4.954  16.094  1.00 14.55 ? 491 ASP A OD2 1 
ATOM   878  N N   . ASP A 1 111 ? -8.533  -3.752  18.573  1.00 14.76 ? 492 ASP A N   1 
ATOM   879  C CA  . ASP A 1 111 ? -7.599  -4.665  19.240  1.00 16.39 ? 492 ASP A CA  1 
ATOM   880  C C   . ASP A 1 111 ? -7.550  -6.074  18.647  1.00 15.63 ? 492 ASP A C   1 
ATOM   881  O O   . ASP A 1 111 ? -6.466  -6.670  18.545  1.00 16.57 ? 492 ASP A O   1 
ATOM   882  C CB  . ASP A 1 111 ? -7.940  -4.767  20.719  1.00 16.98 ? 492 ASP A CB  1 
ATOM   883  C CG  . ASP A 1 111 ? -6.886  -4.167  21.589  1.00 22.52 ? 492 ASP A CG  1 
ATOM   884  O OD1 . ASP A 1 111 ? -5.767  -4.735  21.602  1.00 27.16 ? 492 ASP A OD1 1 
ATOM   885  O OD2 . ASP A 1 111 ? -7.161  -3.148  22.270  1.00 27.91 ? 492 ASP A OD2 1 
ATOM   886  N N   . ILE A 1 112 ? -8.701  -6.617  18.274  1.00 15.30 ? 493 ILE A N   1 
ATOM   887  C CA  . ILE A 1 112 ? -8.760  -7.949  17.680  1.00 16.30 ? 493 ILE A CA  1 
ATOM   888  C C   . ILE A 1 112 ? -8.060  -7.961  16.319  1.00 15.34 ? 493 ILE A C   1 
ATOM   889  O O   . ILE A 1 112 ? -7.334  -8.902  15.998  1.00 16.18 ? 493 ILE A O   1 
ATOM   890  C CB  . ILE A 1 112 ? -10.218 -8.475  17.606  1.00 16.44 ? 493 ILE A CB  1 
ATOM   891  C CG1 . ILE A 1 112 ? -10.689 -8.868  19.017  1.00 17.91 ? 493 ILE A CG1 1 
ATOM   892  C CG2 . ILE A 1 112 ? -10.341 -9.668  16.631  1.00 18.32 ? 493 ILE A CG2 1 
ATOM   893  C CD1 . ILE A 1 112 ? -12.177 -9.211  19.121  1.00 18.35 ? 493 ILE A CD1 1 
ATOM   894  N N   . MET A 1 113 ? -8.244  -6.901  15.535  1.00 14.72 ? 494 MET A N   1 
ATOM   895  C CA  . MET A 1 113 ? -7.583  -6.823  14.230  1.00 13.96 ? 494 MET A CA  1 
ATOM   896  C C   . MET A 1 113 ? -6.084  -6.671  14.381  1.00 13.82 ? 494 MET A C   1 
ATOM   897  O O   . MET A 1 113 ? -5.310  -7.301  13.656  1.00 13.14 ? 494 MET A O   1 
ATOM   898  C CB  . MET A 1 113 ? -8.139  -5.659  13.410  1.00 13.91 ? 494 MET A CB  1 
ATOM   899  C CG  . MET A 1 113 ? -9.602  -5.848  13.034  1.00 14.18 ? 494 MET A CG  1 
ATOM   900  S SD  . MET A 1 113 ? -9.855  -7.272  11.946  1.00 20.31 ? 494 MET A SD  1 
ATOM   901  C CE  . MET A 1 113 ? -9.916  -6.498  10.358  1.00 25.07 ? 494 MET A CE  1 
ATOM   902  N N   . LEU A 1 114 ? -5.675  -5.820  15.308  1.00 13.76 ? 495 LEU A N   1 
ATOM   903  C CA  . LEU A 1 114 ? -4.260  -5.602  15.563  1.00 14.79 ? 495 LEU A CA  1 
ATOM   904  C C   . LEU A 1 114 ? -3.549  -6.893  15.980  1.00 15.58 ? 495 LEU A C   1 
ATOM   905  O O   . LEU A 1 114 ? -2.408  -7.140  15.569  1.00 15.97 ? 495 LEU A O   1 
ATOM   906  C CB  . LEU A 1 114 ? -4.049  -4.490  16.595  1.00 15.38 ? 495 LEU A CB  1 
ATOM   907  C CG  . LEU A 1 114 ? -2.597  -4.078  16.813  1.00 17.09 ? 495 LEU A CG  1 
ATOM   908  C CD1 . LEU A 1 114 ? -1.926  -3.714  15.485  1.00 19.36 ? 495 LEU A CD1 1 
ATOM   909  C CD2 . LEU A 1 114 ? -2.513  -2.921  17.775  1.00 20.79 ? 495 LEU A CD2 1 
ATOM   910  N N   . ARG A 1 115 ? -4.222  -7.713  16.784  1.00 16.03 ? 496 ARG A N   1 
ATOM   911  C CA  . ARG A 1 115 ? -3.648  -9.010  17.177  1.00 17.35 ? 496 ARG A CA  1 
ATOM   912  C C   . ARG A 1 115 ? -3.449  -9.935  15.985  1.00 17.17 ? 496 ARG A C   1 
ATOM   913  O O   . ARG A 1 115 ? -2.412  -10.608 15.879  1.00 17.23 ? 496 ARG A O   1 
ATOM   914  C CB  . ARG A 1 115 ? -4.505  -9.690  18.236  1.00 18.26 ? 496 ARG A CB  1 
ATOM   915  C CG  . ARG A 1 115 ? -4.245  -9.173  19.624  1.00 22.42 ? 496 ARG A CG  1 
ATOM   916  C CD  . ARG A 1 115 ? -4.872  -10.084 20.667  1.00 28.62 ? 496 ARG A CD  1 
ATOM   917  N NE  . ARG A 1 115 ? -4.643  -9.599  22.029  1.00 33.13 ? 496 ARG A NE  1 
ATOM   918  C CZ  . ARG A 1 115 ? -5.407  -8.707  22.659  1.00 35.70 ? 496 ARG A CZ  1 
ATOM   919  N NH1 . ARG A 1 115 ? -6.469  -8.172  22.059  1.00 36.86 ? 496 ARG A NH1 1 
ATOM   920  N NH2 . ARG A 1 115 ? -5.104  -8.347  23.901  1.00 37.42 ? 496 ARG A NH2 1 
ATOM   921  N N   . LYS A 1 116 ? -4.425  -9.962  15.083  1.00 16.78 ? 497 LYS A N   1 
ATOM   922  C CA  . LYS A 1 116 ? -4.308  -10.750 13.860  1.00 16.66 ? 497 LYS A CA  1 
ATOM   923  C C   . LYS A 1 116 ? -3.124  -10.245 13.016  1.00 16.02 ? 497 LYS A C   1 
ATOM   924  O O   . LYS A 1 116 ? -2.298  -11.036 12.549  1.00 16.43 ? 497 LYS A O   1 
ATOM   925  C CB  . LYS A 1 116 ? -5.613  -10.699 13.076  1.00 17.07 ? 497 LYS A CB  1 
ATOM   926  C CG  . LYS A 1 116 ? -5.577  -11.376 11.714  1.00 20.97 ? 497 LYS A CG  1 
ATOM   927  C CD  . LYS A 1 116 ? -6.981  -11.799 11.288  1.00 26.03 ? 497 LYS A CD  1 
ATOM   928  C CE  . LYS A 1 116 ? -8.004  -10.674 11.475  1.00 28.39 ? 497 LYS A CE  1 
ATOM   929  N NZ  . LYS A 1 116 ? -9.336  -11.207 11.893  1.00 30.38 ? 497 LYS A NZ  1 
ATOM   930  N N   . ILE A 1 117 ? -3.050  -8.928  12.838  1.00 14.84 ? 498 ILE A N   1 
ATOM   931  C CA  . ILE A 1 117 ? -1.980  -8.305  12.047  1.00 12.87 ? 498 ILE A CA  1 
ATOM   932  C C   . ILE A 1 117 ? -0.600  -8.609  12.646  1.00 13.91 ? 498 ILE A C   1 
ATOM   933  O O   . ILE A 1 117 ? 0.349   -8.960  11.916  1.00 14.13 ? 498 ILE A O   1 
ATOM   934  C CB  . ILE A 1 117 ? -2.214  -6.766  11.942  1.00 12.37 ? 498 ILE A CB  1 
ATOM   935  C CG1 . ILE A 1 117 ? -3.498  -6.491  11.157  1.00 11.83 ? 498 ILE A CG1 1 
ATOM   936  C CG2 . ILE A 1 117 ? -0.991  -6.048  11.334  1.00 13.45 ? 498 ILE A CG2 1 
ATOM   937  C CD1 . ILE A 1 117 ? -4.072  -5.071  11.377  1.00 11.66 ? 498 ILE A CD1 1 
ATOM   938  N N   . LYS A 1 118 ? -0.499  -8.507  13.970  1.00 14.40 ? 499 LYS A N   1 
ATOM   939  C CA  . LYS A 1 118 ? 0.753   -8.791  14.669  1.00 15.32 ? 499 LYS A CA  1 
ATOM   940  C C   . LYS A 1 118 ? 1.198   -10.226 14.407  1.00 15.51 ? 499 LYS A C   1 
ATOM   941  O O   . LYS A 1 118 ? 2.375   -10.470 14.129  1.00 15.44 ? 499 LYS A O   1 
ATOM   942  C CB  . LYS A 1 118 ? 0.590   -8.580  16.172  1.00 15.61 ? 499 LYS A CB  1 
ATOM   943  C CG  . LYS A 1 118 ? 1.881   -8.803  16.947  1.00 19.34 ? 499 LYS A CG  1 
ATOM   944  C CD  . LYS A 1 118 ? 1.651   -8.703  18.447  1.00 22.85 ? 499 LYS A CD  1 
ATOM   945  C CE  . LYS A 1 118 ? 2.955   -8.456  19.186  1.00 26.08 ? 499 LYS A CE  1 
ATOM   946  N NZ  . LYS A 1 118 ? 4.017   -9.441  18.838  1.00 27.58 ? 499 LYS A NZ  1 
ATOM   947  N N   . ARG A 1 119 ? 0.256   -11.161 14.493  1.00 15.63 ? 500 ARG A N   1 
ATOM   948  C CA  . ARG A 1 119 ? 0.572   -12.583 14.317  1.00 16.94 ? 500 ARG A CA  1 
ATOM   949  C C   . ARG A 1 119 ? 1.063   -12.892 12.915  1.00 16.11 ? 500 ARG A C   1 
ATOM   950  O O   . ARG A 1 119 ? 2.085   -13.570 12.746  1.00 16.56 ? 500 ARG A O   1 
ATOM   951  C CB  . ARG A 1 119 ? -0.623  -13.452 14.678  1.00 17.66 ? 500 ARG A CB  1 
ATOM   952  C CG  . ARG A 1 119 ? -0.732  -13.633 16.171  1.00 22.68 ? 500 ARG A CG  1 
ATOM   953  C CD  . ARG A 1 119 ? -1.791  -14.625 16.587  1.00 28.11 ? 500 ARG A CD  1 
ATOM   954  N NE  . ARG A 1 119 ? -1.524  -15.093 17.947  1.00 32.95 ? 500 ARG A NE  1 
ATOM   955  C CZ  . ARG A 1 119 ? -2.450  -15.515 18.804  1.00 35.12 ? 500 ARG A CZ  1 
ATOM   956  N NH1 . ARG A 1 119 ? -3.735  -15.529 18.465  1.00 37.09 ? 500 ARG A NH1 1 
ATOM   957  N NH2 . ARG A 1 119 ? -2.084  -15.919 20.012  1.00 37.35 ? 500 ARG A NH2 1 
ATOM   958  N N   . VAL A 1 120 ? 0.351   -12.383 11.916  1.00 14.59 ? 501 VAL A N   1 
ATOM   959  C CA  . VAL A 1 120 ? 0.714   -12.642 10.532  1.00 13.51 ? 501 VAL A CA  1 
ATOM   960  C C   . VAL A 1 120 ? 2.063   -12.033 10.197  1.00 12.96 ? 501 VAL A C   1 
ATOM   961  O O   . VAL A 1 120 ? 2.919   -12.716 9.619   1.00 13.15 ? 501 VAL A O   1 
ATOM   962  C CB  . VAL A 1 120 ? -0.376  -12.156 9.545   1.00 13.56 ? 501 VAL A CB  1 
ATOM   963  C CG1 . VAL A 1 120 ? 0.090   -12.333 8.102   1.00 13.84 ? 501 VAL A CG1 1 
ATOM   964  C CG2 . VAL A 1 120 ? -1.673  -12.916 9.785   1.00 14.41 ? 501 VAL A CG2 1 
ATOM   965  N N   . THR A 1 121 ? 2.267   -10.769 10.568  1.00 12.25 ? 502 THR A N   1 
ATOM   966  C CA  . THR A 1 121 ? 3.510   -10.066 10.228  1.00 12.07 ? 502 THR A CA  1 
ATOM   967  C C   . THR A 1 121 ? 4.707   -10.553 11.048  1.00 12.29 ? 502 THR A C   1 
ATOM   968  O O   . THR A 1 121 ? 5.827   -10.554 10.549  1.00 12.97 ? 502 THR A O   1 
ATOM   969  C CB  . THR A 1 121 ? 3.363   -8.526  10.338  1.00 12.01 ? 502 THR A CB  1 
ATOM   970  O OG1 . THR A 1 121 ? 2.960   -8.187  11.668  1.00 12.04 ? 502 THR A OG1 1 
ATOM   971  C CG2 . THR A 1 121 ? 2.322   -8.027  9.333   1.00 13.05 ? 502 THR A CG2 1 
ATOM   972  N N   . ASP A 1 122 ? 4.485   -10.962 12.299  1.00 13.76 ? 503 ASP A N   1 
ATOM   973  C CA  . ASP A 1 122 ? 5.576   -11.557 13.085  1.00 14.25 ? 503 ASP A CA  1 
ATOM   974  C C   . ASP A 1 122 ? 6.033   -12.854 12.422  1.00 13.96 ? 503 ASP A C   1 
ATOM   975  O O   . ASP A 1 122 ? 7.229   -13.164 12.403  1.00 14.59 ? 503 ASP A O   1 
ATOM   976  C CB  . ASP A 1 122 ? 5.144   -11.864 14.510  1.00 14.99 ? 503 ASP A CB  1 
ATOM   977  C CG  . ASP A 1 122 ? 5.119   -10.635 15.404  1.00 17.01 ? 503 ASP A CG  1 
ATOM   978  O OD1 . ASP A 1 122 ? 5.583   -9.554  14.989  1.00 20.58 ? 503 ASP A OD1 1 
ATOM   979  O OD2 . ASP A 1 122 ? 4.644   -10.769 16.553  1.00 20.82 ? 503 ASP A OD2 1 
ATOM   980  N N   . THR A 1 123 ? 5.073   -13.605 11.889  1.00 13.65 ? 504 THR A N   1 
ATOM   981  C CA  . THR A 1 123 ? 5.363   -14.856 11.206  1.00 13.27 ? 504 THR A CA  1 
ATOM   982  C C   . THR A 1 123 ? 6.164   -14.602 9.927   1.00 13.06 ? 504 THR A C   1 
ATOM   983  O O   . THR A 1 123 ? 7.154   -15.279 9.684   1.00 13.96 ? 504 THR A O   1 
ATOM   984  C CB  . THR A 1 123 ? 4.093   -15.638 10.914  1.00 13.80 ? 504 THR A CB  1 
ATOM   985  O OG1 . THR A 1 123 ? 3.433   -15.923 12.159  1.00 15.19 ? 504 THR A OG1 1 
ATOM   986  C CG2 . THR A 1 123 ? 4.415   -16.947 10.182  1.00 13.46 ? 504 THR A CG2 1 
ATOM   987  N N   . LEU A 1 124 ? 5.753   -13.609 9.135   1.00 12.25 ? 505 LEU A N   1 
ATOM   988  C CA  . LEU A 1 124 ? 6.504   -13.235 7.942   1.00 12.61 ? 505 LEU A CA  1 
ATOM   989  C C   . LEU A 1 124 ? 7.949   -12.853 8.300   1.00 13.43 ? 505 LEU A C   1 
ATOM   990  O O   . LEU A 1 124 ? 8.910   -13.299 7.642   1.00 13.20 ? 505 LEU A O   1 
ATOM   991  C CB  . LEU A 1 124 ? 5.810   -12.083 7.207   1.00 12.12 ? 505 LEU A CB  1 
ATOM   992  C CG  . LEU A 1 124 ? 4.493   -12.412 6.516   1.00 12.39 ? 505 LEU A CG  1 
ATOM   993  C CD1 . LEU A 1 124 ? 3.811   -11.093 6.144   1.00 11.97 ? 505 LEU A CD1 1 
ATOM   994  C CD2 . LEU A 1 124 ? 4.699   -13.313 5.281   1.00 13.98 ? 505 LEU A CD2 1 
ATOM   995  N N   . ASN A 1 125 ? 8.112   -12.044 9.344   1.00 14.42 ? 506 ASN A N   1 
ATOM   996  C CA  . ASN A 1 125 ? 9.442   -11.602 9.756   1.00 16.29 ? 506 ASN A CA  1 
ATOM   997  C C   . ASN A 1 125 ? 10.324  -12.745 10.237  1.00 16.47 ? 506 ASN A C   1 
ATOM   998  O O   . ASN A 1 125 ? 11.495  -12.831 9.835   1.00 17.07 ? 506 ASN A O   1 
ATOM   999  C CB  . ASN A 1 125 ? 9.359   -10.463 10.768  1.00 16.69 ? 506 ASN A CB  1 
ATOM   1000 C CG  . ASN A 1 125 ? 8.977   -9.141  10.106  1.00 20.12 ? 506 ASN A CG  1 
ATOM   1001 O OD1 . ASN A 1 125 ? 9.616   -8.706  9.139   1.00 23.60 ? 506 ASN A OD1 1 
ATOM   1002 N ND2 . ASN A 1 125 ? 7.923   -8.517  10.601  1.00 24.03 ? 506 ASN A ND2 1 
ATOM   1003 N N   . ARG A 1 126 ? 9.745   -13.653 11.032  1.00 16.63 ? 507 ARG A N   1 
ATOM   1004 C CA  . ARG A 1 126 ? 10.454  -14.843 11.526  1.00 17.91 ? 507 ARG A CA  1 
ATOM   1005 C C   . ARG A 1 126 ? 10.927  -15.752 10.385  1.00 16.56 ? 507 ARG A C   1 
ATOM   1006 O O   . ARG A 1 126 ? 11.911  -16.470 10.543  1.00 16.70 ? 507 ARG A O   1 
ATOM   1007 C CB  . ARG A 1 126 ? 9.578   -15.667 12.473  1.00 17.23 ? 507 ARG A CB  1 
ATOM   1008 C CG  . ARG A 1 126 ? 9.316   -15.093 13.864  1.00 20.67 ? 507 ARG A CG  1 
ATOM   1009 C CD  . ARG A 1 126 ? 8.759   -16.181 14.820  1.00 20.99 ? 507 ARG A CD  1 
ATOM   1010 N NE  . ARG A 1 126 ? 7.647   -16.973 14.267  1.00 25.85 ? 507 ARG A NE  1 
ATOM   1011 C CZ  . ARG A 1 126 ? 6.353   -16.767 14.529  1.00 26.48 ? 507 ARG A CZ  1 
ATOM   1012 N NH1 . ARG A 1 126 ? 5.970   -15.775 15.327  1.00 28.27 ? 507 ARG A NH1 1 
ATOM   1013 N NH2 . ARG A 1 126 ? 5.431   -17.549 13.979  1.00 27.23 ? 507 ARG A NH2 1 
ATOM   1014 N N   . GLN A 1 127 ? 10.230  -15.708 9.250   1.00 15.82 ? 508 GLN A N   1 
ATOM   1015 C CA  . GLN A 1 127 ? 10.571  -16.517 8.069   1.00 14.78 ? 508 GLN A CA  1 
ATOM   1016 C C   . GLN A 1 127 ? 11.631  -15.853 7.190   1.00 14.72 ? 508 GLN A C   1 
ATOM   1017 O O   . GLN A 1 127 ? 12.040  -16.414 6.173   1.00 14.56 ? 508 GLN A O   1 
ATOM   1018 C CB  . GLN A 1 127 ? 9.306   -16.834 7.250   1.00 15.61 ? 508 GLN A CB  1 
ATOM   1019 C CG  . GLN A 1 127 ? 8.278   -17.763 7.939   1.00 16.52 ? 508 GLN A CG  1 
ATOM   1020 C CD  . GLN A 1 127 ? 8.853   -19.121 8.318   1.00 17.66 ? 508 GLN A CD  1 
ATOM   1021 O OE1 . GLN A 1 127 ? 8.694   -19.575 9.455   1.00 22.43 ? 508 GLN A OE1 1 
ATOM   1022 N NE2 . GLN A 1 127 ? 9.525   -19.773 7.373   1.00 18.25 ? 508 GLN A NE2 1 
ATOM   1023 N N   . GLY A 1 128 ? 12.071  -14.654 7.580   1.00 13.65 ? 509 GLY A N   1 
ATOM   1024 C CA  . GLY A 1 128 ? 13.086  -13.925 6.846   1.00 14.62 ? 509 GLY A CA  1 
ATOM   1025 C C   . GLY A 1 128 ? 12.571  -13.051 5.724   1.00 14.04 ? 509 GLY A C   1 
ATOM   1026 O O   . GLY A 1 128 ? 13.336  -12.664 4.828   1.00 14.45 ? 509 GLY A O   1 
ATOM   1027 N N   . LEU A 1 129 ? 11.274  -12.755 5.755   1.00 14.05 ? 510 LEU A N   1 
ATOM   1028 C CA  . LEU A 1 129 ? 10.658  -11.933 4.720   1.00 14.40 ? 510 LEU A CA  1 
ATOM   1029 C C   . LEU A 1 129 ? 10.622  -10.473 5.156   1.00 14.00 ? 510 LEU A C   1 
ATOM   1030 O O   . LEU A 1 129 ? 10.353  -10.174 6.325   1.00 14.51 ? 510 LEU A O   1 
ATOM   1031 C CB  . LEU A 1 129 ? 9.251   -12.450 4.401   1.00 14.09 ? 510 LEU A CB  1 
ATOM   1032 C CG  . LEU A 1 129 ? 9.166   -13.836 3.740   1.00 15.86 ? 510 LEU A CG  1 
ATOM   1033 C CD1 . LEU A 1 129 ? 7.871   -14.553 4.116   1.00 19.18 ? 510 LEU A CD1 1 
ATOM   1034 C CD2 . LEU A 1 129 ? 9.281   -13.694 2.237   1.00 17.40 ? 510 LEU A CD2 1 
ATOM   1035 N N   . ARG A 1 130 ? 10.932  -9.584  4.215   1.00 13.73 ? 511 ARG A N   1 
ATOM   1036 C CA  . ARG A 1 130 ? 10.774  -8.150  4.416   1.00 12.84 ? 511 ARG A CA  1 
ATOM   1037 C C   . ARG A 1 130 ? 9.320   -7.761  4.108   1.00 12.29 ? 511 ARG A C   1 
ATOM   1038 O O   . ARG A 1 130 ? 8.806   -8.087  3.035   1.00 12.51 ? 511 ARG A O   1 
ATOM   1039 C CB  . ARG A 1 130 ? 11.728  -7.392  3.502   1.00 13.71 ? 511 ARG A CB  1 
ATOM   1040 C CG  . ARG A 1 130 ? 11.513  -5.916  3.501   1.00 14.60 ? 511 ARG A CG  1 
ATOM   1041 C CD  . ARG A 1 130 ? 12.006  -5.271  4.783   1.00 18.27 ? 511 ARG A CD  1 
ATOM   1042 N NE  . ARG A 1 130 ? 12.046  -3.828  4.609   1.00 20.86 ? 511 ARG A NE  1 
ATOM   1043 C CZ  . ARG A 1 130 ? 13.010  -3.177  3.962   1.00 21.47 ? 511 ARG A CZ  1 
ATOM   1044 N NH1 . ARG A 1 130 ? 14.038  -3.838  3.437   1.00 21.37 ? 511 ARG A NH1 1 
ATOM   1045 N NH2 . ARG A 1 130 ? 12.932  -1.858  3.839   1.00 23.41 ? 511 ARG A NH2 1 
ATOM   1046 N N   . VAL A 1 131 ? 8.694   -7.052  5.050   1.00 11.72 ? 512 VAL A N   1 
ATOM   1047 C CA  . VAL A 1 131 ? 7.249   -6.747  4.994   1.00 11.13 ? 512 VAL A CA  1 
ATOM   1048 C C   . VAL A 1 131 ? 7.029   -5.254  4.761   1.00 11.00 ? 512 VAL A C   1 
ATOM   1049 O O   . VAL A 1 131 ? 7.605   -4.421  5.448   1.00 11.77 ? 512 VAL A O   1 
ATOM   1050 C CB  . VAL A 1 131 ? 6.552   -7.163  6.302   1.00 11.52 ? 512 VAL A CB  1 
ATOM   1051 C CG1 . VAL A 1 131 ? 5.080   -6.719  6.337   1.00 12.36 ? 512 VAL A CG1 1 
ATOM   1052 C CG2 . VAL A 1 131 ? 6.663   -8.679  6.486   1.00 13.42 ? 512 VAL A CG2 1 
ATOM   1053 N N   . VAL A 1 132 ? 6.207   -4.945  3.772   1.00 10.33 ? 513 VAL A N   1 
ATOM   1054 C CA  . VAL A 1 132 ? 5.787   -3.564  3.492   1.00 9.89  ? 513 VAL A CA  1 
ATOM   1055 C C   . VAL A 1 132 ? 4.264   -3.544  3.564   1.00 9.61  ? 513 VAL A C   1 
ATOM   1056 O O   . VAL A 1 132 ? 3.605   -4.331  2.887   1.00 10.19 ? 513 VAL A O   1 
ATOM   1057 C CB  . VAL A 1 132 ? 6.275   -3.108  2.109   1.00 10.55 ? 513 VAL A CB  1 
ATOM   1058 C CG1 . VAL A 1 132 ? 5.710   -1.699  1.780   1.00 10.91 ? 513 VAL A CG1 1 
ATOM   1059 C CG2 . VAL A 1 132 ? 7.817   -3.098  2.072   1.00 11.48 ? 513 VAL A CG2 1 
ATOM   1060 N N   . ALA A 1 133 ? 3.708   -2.674  4.404   1.00 8.13  ? 514 ALA A N   1 
ATOM   1061 C CA  . ALA A 1 133 ? 2.250   -2.631  4.539   1.00 8.26  ? 514 ALA A CA  1 
ATOM   1062 C C   . ALA A 1 133 ? 1.686   -1.619  3.541   1.00 8.13  ? 514 ALA A C   1 
ATOM   1063 O O   . ALA A 1 133 ? 2.375   -0.630  3.208   1.00 8.70  ? 514 ALA A O   1 
ATOM   1064 C CB  . ALA A 1 133 ? 1.836   -2.293  5.967   1.00 8.59  ? 514 ALA A CB  1 
ATOM   1065 N N   . VAL A 1 134 ? 0.453   -1.879  3.090   1.00 8.34  ? 515 VAL A N   1 
ATOM   1066 C CA  . VAL A 1 134 ? -0.213  -1.091  2.045   1.00 8.53  ? 515 VAL A CA  1 
ATOM   1067 C C   . VAL A 1 134 ? -1.542  -0.560  2.582   1.00 8.50  ? 515 VAL A C   1 
ATOM   1068 O O   . VAL A 1 134 ? -2.338  -1.321  3.096   1.00 9.13  ? 515 VAL A O   1 
ATOM   1069 C CB  . VAL A 1 134 ? -0.431  -1.950  0.789   1.00 8.50  ? 515 VAL A CB  1 
ATOM   1070 C CG1 . VAL A 1 134 ? -1.143  -1.155  -0.314  1.00 9.47  ? 515 VAL A CG1 1 
ATOM   1071 C CG2 . VAL A 1 134 ? 0.935   -2.474  0.258   1.00 10.02 ? 515 VAL A CG2 1 
ATOM   1072 N N   . ALA A 1 135 ? -1.757  0.753   2.485   1.00 8.11  ? 516 ALA A N   1 
ATOM   1073 C CA  . ALA A 1 135 ? -2.991  1.358   3.022   1.00 8.57  ? 516 ALA A CA  1 
ATOM   1074 C C   . ALA A 1 135 ? -3.546  2.365   2.051   1.00 8.91  ? 516 ALA A C   1 
ATOM   1075 O O   . ALA A 1 135 ? -2.805  2.949   1.256   1.00 9.73  ? 516 ALA A O   1 
ATOM   1076 C CB  . ALA A 1 135 ? -2.746  2.025   4.369   1.00 9.13  ? 516 ALA A CB  1 
ATOM   1077 N N   . THR A 1 136 ? -4.862  2.550   2.086   1.00 8.86  ? 517 THR A N   1 
ATOM   1078 C CA  . THR A 1 136 ? -5.499  3.437   1.104   1.00 9.23  ? 517 THR A CA  1 
ATOM   1079 C C   . THR A 1 136 ? -6.543  4.341   1.748   1.00 9.10  ? 517 THR A C   1 
ATOM   1080 O O   . THR A 1 136 ? -6.951  4.131   2.896   1.00 9.66  ? 517 THR A O   1 
ATOM   1081 C CB  . THR A 1 136 ? -6.195  2.660   -0.017  1.00 9.64  ? 517 THR A CB  1 
ATOM   1082 O OG1 . THR A 1 136 ? -7.271  1.901   0.543   1.00 11.57 ? 517 THR A OG1 1 
ATOM   1083 C CG2 . THR A 1 136 ? -5.214  1.703   -0.707  1.00 10.17 ? 517 THR A CG2 1 
ATOM   1084 N N   . LYS A 1 137 ? -6.975  5.342   0.980   1.00 9.17  ? 518 LYS A N   1 
ATOM   1085 C CA  . LYS A 1 137 ? -8.094  6.203   1.375   1.00 9.77  ? 518 LYS A CA  1 
ATOM   1086 C C   . LYS A 1 137 ? -8.778  6.686   0.095   1.00 10.08 ? 518 LYS A C   1 
ATOM   1087 O O   . LYS A 1 137 ? -8.113  7.149   -0.833  1.00 10.24 ? 518 LYS A O   1 
ATOM   1088 C CB  . LYS A 1 137 ? -7.601  7.375   2.235   1.00 10.68 ? 518 LYS A CB  1 
ATOM   1089 C CG  . LYS A 1 137 ? -8.744  8.209   2.850   1.00 11.52 ? 518 LYS A CG  1 
ATOM   1090 C CD  . LYS A 1 137 ? -8.279  9.037   4.038   1.00 11.85 ? 518 LYS A CD  1 
ATOM   1091 C CE  . LYS A 1 137 ? -7.276  10.130  3.660   1.00 11.01 ? 518 LYS A CE  1 
ATOM   1092 N NZ  . LYS A 1 137 ? -6.982  10.968  4.851   1.00 12.04 ? 518 LYS A NZ  1 
ATOM   1093 N N   . TYR A 1 138 ? -10.102 6.541   0.039   1.00 10.95 ? 519 TYR A N   1 
ATOM   1094 C CA  . TYR A 1 138 ? -10.884 6.938   -1.135  1.00 10.91 ? 519 TYR A CA  1 
ATOM   1095 C C   . TYR A 1 138 ? -11.567 8.273   -0.862  1.00 11.29 ? 519 TYR A C   1 
ATOM   1096 O O   . TYR A 1 138 ? -12.277 8.423   0.137   1.00 11.72 ? 519 TYR A O   1 
ATOM   1097 C CB  . TYR A 1 138 ? -11.918 5.863   -1.457  1.00 12.31 ? 519 TYR A CB  1 
ATOM   1098 C CG  . TYR A 1 138 ? -12.565 5.972   -2.820  1.00 13.81 ? 519 TYR A CG  1 
ATOM   1099 C CD1 . TYR A 1 138 ? -11.795 5.957   -3.985  1.00 13.98 ? 519 TYR A CD1 1 
ATOM   1100 C CD2 . TYR A 1 138 ? -13.949 6.040   -2.939  1.00 13.68 ? 519 TYR A CD2 1 
ATOM   1101 C CE1 . TYR A 1 138 ? -12.398 6.023   -5.239  1.00 16.16 ? 519 TYR A CE1 1 
ATOM   1102 C CE2 . TYR A 1 138 ? -14.564 6.119   -4.185  1.00 15.64 ? 519 TYR A CE2 1 
ATOM   1103 C CZ  . TYR A 1 138 ? -13.778 6.103   -5.326  1.00 14.15 ? 519 TYR A CZ  1 
ATOM   1104 O OH  . TYR A 1 138 ? -14.388 6.155   -6.568  1.00 16.86 ? 519 TYR A OH  1 
ATOM   1105 N N   . LEU A 1 139 ? -11.342 9.234   -1.753  1.00 10.46 ? 520 LEU A N   1 
ATOM   1106 C CA  . LEU A 1 139 ? -11.594 10.657  -1.467  1.00 10.25 ? 520 LEU A CA  1 
ATOM   1107 C C   . LEU A 1 139 ? -12.319 11.351  -2.609  1.00 10.42 ? 520 LEU A C   1 
ATOM   1108 O O   . LEU A 1 139 ? -12.286 10.875  -3.748  1.00 10.00 ? 520 LEU A O   1 
ATOM   1109 C CB  . LEU A 1 139 ? -10.276 11.396  -1.221  1.00 11.38 ? 520 LEU A CB  1 
ATOM   1110 C CG  . LEU A 1 139 ? -9.462  10.909  -0.027  1.00 11.10 ? 520 LEU A CG  1 
ATOM   1111 C CD1 . LEU A 1 139 ? -8.087  11.537  -0.007  1.00 12.42 ? 520 LEU A CD1 1 
ATOM   1112 C CD2 . LEU A 1 139 ? -10.210 11.231  1.265   1.00 12.97 ? 520 LEU A CD2 1 
ATOM   1113 N N   . PRO A 1 140 ? -12.967 12.489  -2.304  1.00 9.64  ? 521 PRO A N   1 
ATOM   1114 C CA  . PRO A 1 140 ? -13.455 13.324  -3.405  1.00 10.50 ? 521 PRO A CA  1 
ATOM   1115 C C   . PRO A 1 140 ? -12.272 14.091  -3.979  1.00 10.90 ? 521 PRO A C   1 
ATOM   1116 O O   . PRO A 1 140 ? -11.300 14.330  -3.283  1.00 11.79 ? 521 PRO A O   1 
ATOM   1117 C CB  . PRO A 1 140 ? -14.387 14.315  -2.693  1.00 10.42 ? 521 PRO A CB  1 
ATOM   1118 C CG  . PRO A 1 140 ? -13.858 14.403  -1.287  1.00 9.53  ? 521 PRO A CG  1 
ATOM   1119 C CD  . PRO A 1 140 ? -13.272 13.049  -0.971  1.00 9.65  ? 521 PRO A CD  1 
ATOM   1120 N N   . ALA A 1 141 ? -12.357 14.515  -5.236  1.00 12.07 ? 522 ALA A N   1 
ATOM   1121 C CA  . ALA A 1 141 ? -11.286 15.304  -5.804  1.00 13.17 ? 522 ALA A CA  1 
ATOM   1122 C C   . ALA A 1 141 ? -11.115 16.594  -5.017  1.00 14.60 ? 522 ALA A C   1 
ATOM   1123 O O   . ALA A 1 141 ? -12.060 17.079  -4.392  1.00 15.50 ? 522 ALA A O   1 
ATOM   1124 C CB  . ALA A 1 141 ? -11.567 15.616  -7.262  1.00 12.89 ? 522 ALA A CB  1 
ATOM   1125 N N   . ARG A 1 142 ? -9.897  17.108  -5.015  1.00 16.14 ? 523 ARG A N   1 
ATOM   1126 C CA  . ARG A 1 142 ? -9.619  18.407  -4.442  1.00 17.92 ? 523 ARG A CA  1 
ATOM   1127 C C   . ARG A 1 142 ? -8.829  19.194  -5.477  1.00 19.84 ? 523 ARG A C   1 
ATOM   1128 O O   . ARG A 1 142 ? -8.220  18.607  -6.377  1.00 20.43 ? 523 ARG A O   1 
ATOM   1129 C CB  . ARG A 1 142 ? -8.814  18.277  -3.146  1.00 18.07 ? 523 ARG A CB  1 
ATOM   1130 C CG  . ARG A 1 142 ? -7.417  17.715  -3.351  1.00 17.42 ? 523 ARG A CG  1 
ATOM   1131 C CD  . ARG A 1 142 ? -6.554  17.865  -2.121  1.00 16.35 ? 523 ARG A CD  1 
ATOM   1132 N NE  . ARG A 1 142 ? -7.038  17.061  -1.004  1.00 16.19 ? 523 ARG A NE  1 
ATOM   1133 C CZ  . ARG A 1 142 ? -6.350  16.860  0.119   1.00 14.88 ? 523 ARG A CZ  1 
ATOM   1134 N NH1 . ARG A 1 142 ? -5.145  17.400  0.278   1.00 14.32 ? 523 ARG A NH1 1 
ATOM   1135 N NH2 . ARG A 1 142 ? -6.861  16.091  1.070   1.00 17.06 ? 523 ARG A NH2 1 
ATOM   1136 N N   . GLU A 1 143 ? -8.852  20.514  -5.344  1.00 22.08 ? 524 GLU A N   1 
ATOM   1137 C CA  . GLU A 1 143 ? -8.064  21.374  -6.205  1.00 23.87 ? 524 GLU A CA  1 
ATOM   1138 C C   . GLU A 1 143 ? -6.628  21.487  -5.692  1.00 23.95 ? 524 GLU A C   1 
ATOM   1139 O O   . GLU A 1 143 ? -5.676  21.474  -6.481  1.00 25.09 ? 524 GLU A O   1 
ATOM   1140 C CB  . GLU A 1 143 ? -8.714  22.759  -6.328  1.00 24.51 ? 524 GLU A CB  1 
ATOM   1141 C CG  . GLU A 1 143 ? -8.144  23.628  -7.461  1.00 28.67 ? 524 GLU A CG  1 
ATOM   1142 C CD  . GLU A 1 143 ? -8.188  22.955  -8.839  1.00 33.17 ? 524 GLU A CD  1 
ATOM   1143 O OE1 . GLU A 1 143 ? -9.145  22.192  -9.140  1.00 35.76 ? 524 GLU A OE1 1 
ATOM   1144 O OE2 . GLU A 1 143 ? -7.253  23.198  -9.631  1.00 35.91 ? 524 GLU A OE2 1 
ATOM   1145 N N   . GLY A 1 144 ? -6.484  21.586  -4.372  1.00 23.65 ? 525 GLY A N   1 
ATOM   1146 C CA  . GLY A 1 144 ? -5.179  21.772  -3.736  1.00 23.00 ? 525 GLY A CA  1 
ATOM   1147 C C   . GLY A 1 144 ? -4.245  20.572  -3.777  1.00 22.31 ? 525 GLY A C   1 
ATOM   1148 O O   . GLY A 1 144 ? -4.615  19.482  -4.236  1.00 22.20 ? 525 GLY A O   1 
ATOM   1149 N N   . ASP A 1 145 ? -3.018  20.794  -3.315  1.00 21.91 ? 526 ASP A N   1 
ATOM   1150 C CA  . ASP A 1 145 ? -2.007  19.745  -3.216  1.00 21.12 ? 526 ASP A CA  1 
ATOM   1151 C C   . ASP A 1 145 ? -2.375  18.748  -2.120  1.00 19.55 ? 526 ASP A C   1 
ATOM   1152 O O   . ASP A 1 145 ? -3.194  19.035  -1.245  1.00 20.23 ? 526 ASP A O   1 
ATOM   1153 C CB  . ASP A 1 145 ? -0.644  20.354  -2.865  1.00 22.08 ? 526 ASP A CB  1 
ATOM   1154 C CG  . ASP A 1 145 ? -0.074  21.236  -3.974  1.00 24.72 ? 526 ASP A CG  1 
ATOM   1155 O OD1 . ASP A 1 145 ? -0.636  21.272  -5.096  1.00 27.79 ? 526 ASP A OD1 1 
ATOM   1156 O OD2 . ASP A 1 145 ? 0.965   21.888  -3.711  1.00 28.20 ? 526 ASP A OD2 1 
ATOM   1157 N N   . TYR A 1 146 ? -1.753  17.575  -2.171  1.00 17.62 ? 527 TYR A N   1 
ATOM   1158 C CA  . TYR A 1 146 ? -1.790  16.654  -1.036  1.00 15.52 ? 527 TYR A CA  1 
ATOM   1159 C C   . TYR A 1 146 ? -0.576  16.906  -0.142  1.00 15.68 ? 527 TYR A C   1 
ATOM   1160 O O   . TYR A 1 146 ? 0.479   17.351  -0.620  1.00 16.79 ? 527 TYR A O   1 
ATOM   1161 C CB  . TYR A 1 146 ? -1.859  15.202  -1.517  1.00 14.49 ? 527 TYR A CB  1 
ATOM   1162 C CG  . TYR A 1 146 ? -3.251  14.816  -1.989  1.00 12.81 ? 527 TYR A CG  1 
ATOM   1163 C CD1 . TYR A 1 146 ? -4.137  14.155  -1.133  1.00 12.13 ? 527 TYR A CD1 1 
ATOM   1164 C CD2 . TYR A 1 146 ? -3.688  15.126  -3.291  1.00 12.83 ? 527 TYR A CD2 1 
ATOM   1165 C CE1 . TYR A 1 146 ? -5.419  13.811  -1.544  1.00 13.01 ? 527 TYR A CE1 1 
ATOM   1166 C CE2 . TYR A 1 146 ? -4.973  14.772  -3.722  1.00 11.89 ? 527 TYR A CE2 1 
ATOM   1167 C CZ  . TYR A 1 146 ? -5.833  14.113  -2.839  1.00 12.77 ? 527 TYR A CZ  1 
ATOM   1168 O OH  . TYR A 1 146 ? -7.104  13.755  -3.209  1.00 12.90 ? 527 TYR A OH  1 
ATOM   1169 N N   . GLN A 1 147 ? -0.751  16.646  1.150   1.00 15.43 ? 528 GLN A N   1 
ATOM   1170 C CA  . GLN A 1 147 ? 0.244   16.944  2.167   1.00 16.31 ? 528 GLN A CA  1 
ATOM   1171 C C   . GLN A 1 147 ? 0.430   15.740  3.069   1.00 15.54 ? 528 GLN A C   1 
ATOM   1172 O O   . GLN A 1 147 ? -0.393  14.831  3.083   1.00 14.54 ? 528 GLN A O   1 
ATOM   1173 C CB  . GLN A 1 147 ? -0.219  18.110  3.037   1.00 17.04 ? 528 GLN A CB  1 
ATOM   1174 C CG  . GLN A 1 147 ? -0.404  19.419  2.315   1.00 21.75 ? 528 GLN A CG  1 
ATOM   1175 C CD  . GLN A 1 147 ? -1.189  20.418  3.148   1.00 27.09 ? 528 GLN A CD  1 
ATOM   1176 O OE1 . GLN A 1 147 ? -2.084  20.046  3.922   1.00 30.26 ? 528 GLN A OE1 1 
ATOM   1177 N NE2 . GLN A 1 147 ? -0.866  21.693  2.988   1.00 29.66 ? 528 GLN A NE2 1 
ATOM   1178 N N   . ARG A 1 148 ? 1.515   15.752  3.836   1.00 15.07 ? 529 ARG A N   1 
ATOM   1179 C CA  . ARG A 1 148 ? 1.762   14.713  4.834   1.00 15.76 ? 529 ARG A CA  1 
ATOM   1180 C C   . ARG A 1 148 ? 0.573   14.453  5.770   1.00 15.45 ? 529 ARG A C   1 
ATOM   1181 O O   . ARG A 1 148 ? 0.282   13.299  6.089   1.00 15.76 ? 529 ARG A O   1 
ATOM   1182 C CB  . ARG A 1 148 ? 3.034   15.019  5.621   1.00 15.94 ? 529 ARG A CB  1 
ATOM   1183 C CG  . ARG A 1 148 ? 4.311   14.707  4.850   1.00 18.07 ? 529 ARG A CG  1 
ATOM   1184 C CD  . ARG A 1 148 ? 5.530   15.244  5.593   1.00 22.35 ? 529 ARG A CD  1 
ATOM   1185 N NE  . ARG A 1 148 ? 5.502   16.707  5.645   1.00 25.32 ? 529 ARG A NE  1 
ATOM   1186 C CZ  . ARG A 1 148 ? 6.005   17.453  6.628   1.00 27.84 ? 529 ARG A CZ  1 
ATOM   1187 N NH1 . ARG A 1 148 ? 6.601   16.897  7.677   1.00 28.18 ? 529 ARG A NH1 1 
ATOM   1188 N NH2 . ARG A 1 148 ? 5.912   18.776  6.553   1.00 28.68 ? 529 ARG A NH2 1 
ATOM   1189 N N   . ALA A 1 149 ? -0.128  15.514  6.182   1.00 15.06 ? 530 ALA A N   1 
ATOM   1190 C CA  . ALA A 1 149 ? -1.298  15.393  7.058   1.00 14.25 ? 530 ALA A CA  1 
ATOM   1191 C C   . ALA A 1 149 ? -2.434  14.552  6.464   1.00 13.55 ? 530 ALA A C   1 
ATOM   1192 O O   . ALA A 1 149 ? -3.286  14.055  7.201   1.00 13.87 ? 530 ALA A O   1 
ATOM   1193 C CB  . ALA A 1 149 ? -1.821  16.772  7.427   1.00 14.84 ? 530 ALA A CB  1 
ATOM   1194 N N   . ASP A 1 150 ? -2.438  14.387  5.140   1.00 12.50 ? 531 ASP A N   1 
ATOM   1195 C CA  . ASP A 1 150 ? -3.452  13.554  4.489   1.00 11.34 ? 531 ASP A CA  1 
ATOM   1196 C C   . ASP A 1 150 ? -3.279  12.052  4.750   1.00 10.46 ? 531 ASP A C   1 
ATOM   1197 O O   . ASP A 1 150 ? -4.208  11.278  4.513   1.00 10.32 ? 531 ASP A O   1 
ATOM   1198 C CB  . ASP A 1 150 ? -3.508  13.822  2.980   1.00 11.51 ? 531 ASP A CB  1 
ATOM   1199 C CG  . ASP A 1 150 ? -4.036  15.191  2.656   1.00 13.18 ? 531 ASP A CG  1 
ATOM   1200 O OD1 . ASP A 1 150 ? -5.155  15.511  3.128   1.00 14.67 ? 531 ASP A OD1 1 
ATOM   1201 O OD2 . ASP A 1 150 ? -3.342  15.938  1.935   1.00 15.66 ? 531 ASP A OD2 1 
ATOM   1202 N N   . GLU A 1 151 ? -2.092  11.644  5.207   1.00 10.21 ? 532 GLU A N   1 
ATOM   1203 C CA  . GLU A 1 151 ? -1.885  10.251  5.603   1.00 10.23 ? 532 GLU A CA  1 
ATOM   1204 C C   . GLU A 1 151 ? -2.448  10.086  7.003   1.00 10.16 ? 532 GLU A C   1 
ATOM   1205 O O   . GLU A 1 151 ? -1.753  10.292  8.012   1.00 10.33 ? 532 GLU A O   1 
ATOM   1206 C CB  . GLU A 1 151 ? -0.400  9.891   5.552   1.00 9.76  ? 532 GLU A CB  1 
ATOM   1207 C CG  . GLU A 1 151 ? 0.161   9.901   4.139   1.00 9.65  ? 532 GLU A CG  1 
ATOM   1208 C CD  . GLU A 1 151 ? 1.668   9.760   4.088   1.00 11.41 ? 532 GLU A CD  1 
ATOM   1209 O OE1 . GLU A 1 151 ? 2.329   9.825   5.158   1.00 11.80 ? 532 GLU A OE1 1 
ATOM   1210 O OE2 . GLU A 1 151 ? 2.177   9.630   2.951   1.00 11.76 ? 532 GLU A OE2 1 
ATOM   1211 N N   . SER A 1 152 ? -3.743  9.778   7.042   1.00 9.99  ? 533 SER A N   1 
ATOM   1212 C CA  . SER A 1 152 ? -4.498  9.728   8.287   1.00 10.78 ? 533 SER A CA  1 
ATOM   1213 C C   . SER A 1 152 ? -5.807  9.005   7.994   1.00 10.35 ? 533 SER A C   1 
ATOM   1214 O O   . SER A 1 152 ? -6.336  9.083   6.872   1.00 9.55  ? 533 SER A O   1 
ATOM   1215 C CB  . SER A 1 152 ? -4.750  11.153  8.802   1.00 11.76 ? 533 SER A CB  1 
ATOM   1216 O OG  . SER A 1 152 ? -5.645  11.827  7.941   1.00 15.31 ? 533 SER A OG  1 
ATOM   1217 N N   . ASP A 1 153 ? -6.320  8.278   8.988   1.00 9.55  ? 534 ASP A N   1 
ATOM   1218 C CA  . ASP A 1 153 ? -7.546  7.493   8.795   1.00 9.67  ? 534 ASP A CA  1 
ATOM   1219 C C   . ASP A 1 153 ? -7.472  6.590   7.560   1.00 9.33  ? 534 ASP A C   1 
ATOM   1220 O O   . ASP A 1 153 ? -8.461  6.379   6.845   1.00 10.34 ? 534 ASP A O   1 
ATOM   1221 C CB  . ASP A 1 153 ? -8.783  8.402   8.728   1.00 10.55 ? 534 ASP A CB  1 
ATOM   1222 C CG  . ASP A 1 153 ? -9.209  8.888   10.087  1.00 12.07 ? 534 ASP A CG  1 
ATOM   1223 O OD1 . ASP A 1 153 ? -9.494  8.046   10.961  1.00 15.26 ? 534 ASP A OD1 1 
ATOM   1224 O OD2 . ASP A 1 153 ? -9.220  10.106  10.289  1.00 13.03 ? 534 ASP A OD2 1 
ATOM   1225 N N   . LEU A 1 154 ? -6.285  6.028   7.332   1.00 8.93  ? 535 LEU A N   1 
ATOM   1226 C CA  . LEU A 1 154 ? -6.145  5.142   6.196   1.00 8.61  ? 535 LEU A CA  1 
ATOM   1227 C C   . LEU A 1 154 ? -6.768  3.776   6.477   1.00 9.66  ? 535 LEU A C   1 
ATOM   1228 O O   . LEU A 1 154 ? -7.019  3.403   7.638   1.00 9.85  ? 535 LEU A O   1 
ATOM   1229 C CB  . LEU A 1 154 ? -4.674  5.003   5.785   1.00 9.50  ? 535 LEU A CB  1 
ATOM   1230 C CG  . LEU A 1 154 ? -3.920  6.293   5.481   1.00 8.88  ? 535 LEU A CG  1 
ATOM   1231 C CD1 . LEU A 1 154 ? -2.571  5.927   4.906   1.00 10.00 ? 535 LEU A CD1 1 
ATOM   1232 C CD2 . LEU A 1 154 ? -4.675  7.170   4.475   1.00 9.85  ? 535 LEU A CD2 1 
ATOM   1233 N N   . ILE A 1 155 ? -7.004  3.035   5.397   1.00 8.38  ? 536 ILE A N   1 
ATOM   1234 C CA  . ILE A 1 155 ? -7.545  1.684   5.441   1.00 9.63  ? 536 ILE A CA  1 
ATOM   1235 C C   . ILE A 1 155 ? -6.426  0.701   5.146   1.00 8.98  ? 536 ILE A C   1 
ATOM   1236 O O   . ILE A 1 155 ? -5.880  0.681   4.028   1.00 8.53  ? 536 ILE A O   1 
ATOM   1237 C CB  . ILE A 1 155 ? -8.636  1.479   4.358   1.00 8.87  ? 536 ILE A CB  1 
ATOM   1238 C CG1 . ILE A 1 155 ? -9.762  2.519   4.491   1.00 12.00 ? 536 ILE A CG1 1 
ATOM   1239 C CG2 . ILE A 1 155 ? -9.176  0.080   4.381   1.00 9.75  ? 536 ILE A CG2 1 
ATOM   1240 C CD1 . ILE A 1 155 ? -10.573 2.674   3.179   1.00 11.96 ? 536 ILE A CD1 1 
ATOM   1241 N N   . LEU A 1 156 ? -6.042  -0.089  6.143   1.00 9.22  ? 537 LEU A N   1 
ATOM   1242 C CA  . LEU A 1 156 ? -4.984  -1.064  5.921   1.00 8.05  ? 537 LEU A CA  1 
ATOM   1243 C C   . LEU A 1 156 ? -5.497  -2.155  4.978   1.00 8.73  ? 537 LEU A C   1 
ATOM   1244 O O   . LEU A 1 156 ? -6.510  -2.791  5.255   1.00 8.78  ? 537 LEU A O   1 
ATOM   1245 C CB  . LEU A 1 156 ? -4.524  -1.672  7.261   1.00 8.17  ? 537 LEU A CB  1 
ATOM   1246 C CG  . LEU A 1 156 ? -3.447  -2.752  7.122   1.00 7.89  ? 537 LEU A CG  1 
ATOM   1247 C CD1 . LEU A 1 156 ? -2.130  -2.196  6.584   1.00 8.71  ? 537 LEU A CD1 1 
ATOM   1248 C CD2 . LEU A 1 156 ? -3.252  -3.377  8.490   1.00 8.68  ? 537 LEU A CD2 1 
ATOM   1249 N N   . GLU A 1 157 ? -4.810  -2.365  3.851   1.00 8.12  ? 538 GLU A N   1 
ATOM   1250 C CA  . GLU A 1 157 ? -5.269  -3.357  2.883   1.00 9.25  ? 538 GLU A CA  1 
ATOM   1251 C C   . GLU A 1 157 ? -4.619  -4.707  3.090   1.00 9.57  ? 538 GLU A C   1 
ATOM   1252 O O   . GLU A 1 157 ? -5.210  -5.741  2.773   1.00 10.93 ? 538 GLU A O   1 
ATOM   1253 C CB  . GLU A 1 157 ? -5.014  -2.890  1.442   1.00 9.27  ? 538 GLU A CB  1 
ATOM   1254 C CG  . GLU A 1 157 ? -5.681  -1.547  1.108   1.00 11.27 ? 538 GLU A CG  1 
ATOM   1255 C CD  . GLU A 1 157 ? -7.147  -1.672  0.786   1.00 13.92 ? 538 GLU A CD  1 
ATOM   1256 O OE1 . GLU A 1 157 ? -7.723  -0.646  0.355   1.00 14.98 ? 538 GLU A OE1 1 
ATOM   1257 O OE2 . GLU A 1 157 ? -7.718  -2.766  0.951   1.00 15.86 ? 538 GLU A OE2 1 
ATOM   1258 N N   . GLY A 1 158 ? -3.377  -4.674  3.562   1.00 8.91  ? 539 GLY A N   1 
ATOM   1259 C CA  . GLY A 1 158 ? -2.585  -5.890  3.711   1.00 9.60  ? 539 GLY A CA  1 
ATOM   1260 C C   . GLY A 1 158 ? -1.120  -5.576  3.523   1.00 9.06  ? 539 GLY A C   1 
ATOM   1261 O O   . GLY A 1 158 ? -0.672  -4.467  3.811   1.00 9.45  ? 539 GLY A O   1 
ATOM   1262 N N   . TYR A 1 159 ? -0.377  -6.561  3.033   1.00 9.05  ? 540 TYR A N   1 
ATOM   1263 C CA  . TYR A 1 159 ? 1.092   -6.464  2.997   1.00 9.27  ? 540 TYR A CA  1 
ATOM   1264 C C   . TYR A 1 159 ? 1.650   -7.083  1.748   1.00 10.01 ? 540 TYR A C   1 
ATOM   1265 O O   . TYR A 1 159 ? 1.050   -7.989  1.162   1.00 10.03 ? 540 TYR A O   1 
ATOM   1266 C CB  . TYR A 1 159 ? 1.755   -7.178  4.189   1.00 10.46 ? 540 TYR A CB  1 
ATOM   1267 C CG  . TYR A 1 159 ? 0.841   -7.431  5.364   1.00 10.28 ? 540 TYR A CG  1 
ATOM   1268 C CD1 . TYR A 1 159 ? 0.571   -6.421  6.292   1.00 12.09 ? 540 TYR A CD1 1 
ATOM   1269 C CD2 . TYR A 1 159 ? 0.245   -8.682  5.538   1.00 10.50 ? 540 TYR A CD2 1 
ATOM   1270 C CE1 . TYR A 1 159 ? -0.296  -6.662  7.373   1.00 11.13 ? 540 TYR A CE1 1 
ATOM   1271 C CE2 . TYR A 1 159 ? -0.605  -8.940  6.592   1.00 10.76 ? 540 TYR A CE2 1 
ATOM   1272 C CZ  . TYR A 1 159 ? -0.864  -7.933  7.514   1.00 11.18 ? 540 TYR A CZ  1 
ATOM   1273 O OH  . TYR A 1 159 ? -1.704  -8.196  8.567   1.00 12.51 ? 540 TYR A OH  1 
ATOM   1274 N N   . ILE A 1 160 ? 2.811   -6.592  1.355   1.00 9.54  ? 541 ILE A N   1 
ATOM   1275 C CA  . ILE A 1 160 ? 3.631   -7.254  0.352   1.00 11.23 ? 541 ILE A CA  1 
ATOM   1276 C C   . ILE A 1 160 ? 4.894   -7.732  1.063   1.00 11.11 ? 541 ILE A C   1 
ATOM   1277 O O   . ILE A 1 160 ? 5.395   -7.070  1.957   1.00 11.68 ? 541 ILE A O   1 
ATOM   1278 C CB  . ILE A 1 160 ? 3.943   -6.332  -0.845  1.00 11.25 ? 541 ILE A CB  1 
ATOM   1279 C CG1 . ILE A 1 160 ? 4.566   -5.016  -0.391  1.00 12.91 ? 541 ILE A CG1 1 
ATOM   1280 C CG2 . ILE A 1 160 ? 2.641   -6.081  -1.646  1.00 13.37 ? 541 ILE A CG2 1 
ATOM   1281 C CD1 . ILE A 1 160 ? 4.809   -4.037  -1.535  1.00 12.58 ? 541 ILE A CD1 1 
ATOM   1282 N N   . ALA A 1 161 ? 5.377   -8.913  0.704   1.00 11.66 ? 542 ALA A N   1 
ATOM   1283 C CA  . ALA A 1 161 ? 6.566   -9.453  1.371   1.00 11.69 ? 542 ALA A CA  1 
ATOM   1284 C C   . ALA A 1 161 ? 7.597   -9.881  0.345   1.00 11.96 ? 542 ALA A C   1 
ATOM   1285 O O   . ALA A 1 161 ? 7.245   -10.408 -0.702  1.00 12.27 ? 542 ALA A O   1 
ATOM   1286 C CB  . ALA A 1 161 ? 6.197   -10.611 2.280   1.00 12.72 ? 542 ALA A CB  1 
ATOM   1287 N N   . PHE A 1 162 ? 8.862   -9.665  0.684   1.00 12.00 ? 543 PHE A N   1 
ATOM   1288 C CA  . PHE A 1 162 ? 9.969   -9.874  -0.239  1.00 13.36 ? 543 PHE A CA  1 
ATOM   1289 C C   . PHE A 1 162 ? 11.004  -10.821 0.334   1.00 14.43 ? 543 PHE A C   1 
ATOM   1290 O O   . PHE A 1 162 ? 11.294  -10.786 1.526   1.00 13.97 ? 543 PHE A O   1 
ATOM   1291 C CB  . PHE A 1 162 ? 10.683  -8.552  -0.496  1.00 12.91 ? 543 PHE A CB  1 
ATOM   1292 C CG  . PHE A 1 162 ? 9.793   -7.462  -1.036  1.00 12.26 ? 543 PHE A CG  1 
ATOM   1293 C CD1 . PHE A 1 162 ? 9.612   -7.322  -2.409  1.00 11.94 ? 543 PHE A CD1 1 
ATOM   1294 C CD2 . PHE A 1 162 ? 9.145   -6.575  -0.173  1.00 12.42 ? 543 PHE A CD2 1 
ATOM   1295 C CE1 . PHE A 1 162 ? 8.777   -6.320  -2.932  1.00 12.36 ? 543 PHE A CE1 1 
ATOM   1296 C CE2 . PHE A 1 162 ? 8.315   -5.573  -0.682  1.00 12.78 ? 543 PHE A CE2 1 
ATOM   1297 C CZ  . PHE A 1 162 ? 8.141   -5.443  -2.070  1.00 11.51 ? 543 PHE A CZ  1 
ATOM   1298 N N   . LEU A 1 163 ? 11.591  -11.628 -0.543  1.00 15.95 ? 544 LEU A N   1 
ATOM   1299 C CA  . LEU A 1 163 ? 12.675  -12.530 -0.163  1.00 18.76 ? 544 LEU A CA  1 
ATOM   1300 C C   . LEU A 1 163 ? 13.917  -12.170 -0.973  1.00 20.17 ? 544 LEU A C   1 
ATOM   1301 O O   . LEU A 1 163 ? 13.813  -11.922 -2.171  1.00 20.07 ? 544 LEU A O   1 
ATOM   1302 C CB  . LEU A 1 163 ? 12.264  -13.972 -0.452  1.00 18.90 ? 544 LEU A CB  1 
ATOM   1303 C CG  . LEU A 1 163 ? 13.018  -15.111 0.235   1.00 20.00 ? 544 LEU A CG  1 
ATOM   1304 C CD1 . LEU A 1 163 ? 12.899  -14.991 1.749   1.00 21.19 ? 544 LEU A CD1 1 
ATOM   1305 C CD2 . LEU A 1 163 ? 12.465  -16.431 -0.251  1.00 20.15 ? 544 LEU A CD2 1 
ATOM   1306 N N   . ASP A 1 164 ? 15.081  -12.119 -0.329  1.00 22.64 ? 545 ASP A N   1 
ATOM   1307 C CA  . ASP A 1 164 ? 16.331  -12.028 -1.097  1.00 24.91 ? 545 ASP A CA  1 
ATOM   1308 C C   . ASP A 1 164 ? 16.807  -13.410 -1.538  1.00 25.31 ? 545 ASP A C   1 
ATOM   1309 O O   . ASP A 1 164 ? 17.057  -13.624 -2.724  1.00 25.77 ? 545 ASP A O   1 
ATOM   1310 C CB  . ASP A 1 164 ? 17.443  -11.231 -0.392  1.00 26.14 ? 545 ASP A CB  1 
ATOM   1311 C CG  . ASP A 1 164 ? 17.439  -11.387 1.112   1.00 28.86 ? 545 ASP A CG  1 
ATOM   1312 O OD1 . ASP A 1 164 ? 17.654  -10.362 1.792   1.00 32.76 ? 545 ASP A OD1 1 
ATOM   1313 O OD2 . ASP A 1 164 ? 17.229  -12.511 1.624   1.00 33.04 ? 545 ASP A OD2 1 
HETATM 1314 S S   . SO4 B 2 .   ? 3.821   19.044  3.565   1.00 30.50 ? 1   SO4 A S   1 
HETATM 1315 O O1  . SO4 B 2 .   ? 3.418   19.785  2.373   1.00 30.83 ? 1   SO4 A O1  1 
HETATM 1316 O O2  . SO4 B 2 .   ? 5.271   19.150  3.729   1.00 31.45 ? 1   SO4 A O2  1 
HETATM 1317 O O3  . SO4 B 2 .   ? 3.151   19.585  4.743   1.00 31.90 ? 1   SO4 A O3  1 
HETATM 1318 O O4  . SO4 B 2 .   ? 3.453   17.634  3.404   1.00 29.90 ? 1   SO4 A O4  1 
HETATM 1319 S S   . SO4 C 2 .   ? 3.693   9.170   12.625  1.00 28.54 ? 2   SO4 A S   1 
HETATM 1320 O O1  . SO4 C 2 .   ? 4.105   7.867   12.092  1.00 27.14 ? 2   SO4 A O1  1 
HETATM 1321 O O2  . SO4 C 2 .   ? 2.517   8.966   13.467  1.00 28.79 ? 2   SO4 A O2  1 
HETATM 1322 O O3  . SO4 C 2 .   ? 4.795   9.701   13.424  1.00 28.67 ? 2   SO4 A O3  1 
HETATM 1323 O O4  . SO4 C 2 .   ? 3.391   10.125  11.563  1.00 27.59 ? 2   SO4 A O4  1 
HETATM 1324 O O   . HOH D 3 .   ? -0.870  9.116   -15.267 1.00 11.65 ? 3   HOH A O   1 
HETATM 1325 O O   . HOH D 3 .   ? -11.026 7.683   -9.421  1.00 14.39 ? 4   HOH A O   1 
HETATM 1326 O O   . HOH D 3 .   ? 5.499   9.379   -3.382  1.00 14.70 ? 5   HOH A O   1 
HETATM 1327 O O   . HOH D 3 .   ? 8.079   8.821   -2.739  1.00 14.12 ? 6   HOH A O   1 
HETATM 1328 O O   . HOH D 3 .   ? 7.664   3.905   2.116   1.00 17.39 ? 7   HOH A O   1 
HETATM 1329 O O   . HOH D 3 .   ? -9.134  14.874  -1.718  1.00 15.38 ? 8   HOH A O   1 
HETATM 1330 O O   . HOH D 3 .   ? 9.564   -9.680  -7.918  1.00 15.71 ? 9   HOH A O   1 
HETATM 1331 O O   . HOH D 3 .   ? -13.249 -4.122  13.679  1.00 18.62 ? 10  HOH A O   1 
HETATM 1332 O O   . HOH D 3 .   ? 4.386   -7.295  13.743  1.00 17.89 ? 11  HOH A O   1 
HETATM 1333 O O   . HOH D 3 .   ? -7.024  -7.090  4.324   1.00 19.57 ? 12  HOH A O   1 
HETATM 1334 O O   . HOH D 3 .   ? -9.519  3.223   -0.508  1.00 15.46 ? 13  HOH A O   1 
HETATM 1335 O O   . HOH D 3 .   ? -8.211  11.975  8.771   0.50 17.09 ? 14  HOH A O   1 
HETATM 1336 O O   . HOH D 3 .   ? -8.336  -10.773 -4.706  1.00 26.43 ? 15  HOH A O   1 
HETATM 1337 O O   . HOH D 3 .   ? 10.016  -6.425  7.654   1.00 16.12 ? 16  HOH A O   1 
HETATM 1338 O O   . HOH D 3 .   ? 1.254   5.185   -16.339 1.00 16.77 ? 17  HOH A O   1 
HETATM 1339 O O   . HOH D 3 .   ? 7.200   -4.072  8.212   1.00 16.52 ? 18  HOH A O   1 
HETATM 1340 O O   . HOH D 3 .   ? 14.848  -5.600  -6.998  1.00 18.29 ? 19  HOH A O   1 
HETATM 1341 O O   . HOH D 3 .   ? 6.314   -6.352  9.607   1.00 20.41 ? 20  HOH A O   1 
HETATM 1342 O O   . HOH D 3 .   ? -7.294  -5.501  0.996   1.00 16.18 ? 21  HOH A O   1 
HETATM 1343 O O   . HOH D 3 .   ? 2.087   12.024  7.678   1.00 20.53 ? 22  HOH A O   1 
HETATM 1344 O O   . HOH D 3 .   ? -5.009  13.073  -14.552 0.50 17.05 ? 23  HOH A O   1 
HETATM 1345 O O   . HOH D 3 .   ? -5.575  7.909   11.771  1.00 21.73 ? 24  HOH A O   1 
HETATM 1346 O O   . HOH D 3 .   ? 1.114   18.172  6.249   1.00 20.60 ? 25  HOH A O   1 
HETATM 1347 O O   . HOH D 3 .   ? -14.834 17.185  -4.981  1.00 18.34 ? 26  HOH A O   1 
HETATM 1348 O O   . HOH D 3 .   ? -9.805  15.049  0.976   1.00 20.22 ? 27  HOH A O   1 
HETATM 1349 O O   . HOH D 3 .   ? 0.476   -13.810 -2.392  1.00 18.38 ? 28  HOH A O   1 
HETATM 1350 O O   . HOH D 3 .   ? 16.994  -6.982  -6.537  1.00 22.28 ? 29  HOH A O   1 
HETATM 1351 O O   . HOH D 3 .   ? -9.447  17.699  -10.009 1.00 19.41 ? 30  HOH A O   1 
HETATM 1352 O O   . HOH D 3 .   ? -6.821  13.794  4.483   1.00 20.72 ? 31  HOH A O   1 
HETATM 1353 O O   . HOH D 3 .   ? -15.563 15.776  -7.242  1.00 16.83 ? 32  HOH A O   1 
HETATM 1354 O O   . HOH D 3 .   ? 6.811   -16.292 0.968   1.00 20.09 ? 33  HOH A O   1 
HETATM 1355 O O   . HOH D 3 .   ? -12.069 6.348   2.220   1.00 17.92 ? 34  HOH A O   1 
HETATM 1356 O O   . HOH D 3 .   ? 7.443   -1.948  11.472  1.00 18.80 ? 35  HOH A O   1 
HETATM 1357 O O   . HOH D 3 .   ? -4.236  -15.352 9.740   1.00 22.35 ? 36  HOH A O   1 
HETATM 1358 O O   . HOH D 3 .   ? -8.296  7.437   -16.620 1.00 19.17 ? 37  HOH A O   1 
HETATM 1359 O O   . HOH D 3 .   ? 5.236   -3.937  -13.932 1.00 16.92 ? 38  HOH A O   1 
HETATM 1360 O O   . HOH D 3 .   ? -13.051 5.988   -8.765  1.00 20.00 ? 39  HOH A O   1 
HETATM 1361 O O   . HOH D 3 .   ? -8.292  8.398   13.277  1.00 18.91 ? 40  HOH A O   1 
HETATM 1362 O O   . HOH D 3 .   ? 14.987  8.180   -6.075  1.00 20.99 ? 41  HOH A O   1 
HETATM 1363 O O   . HOH D 3 .   ? -8.485  -10.632 6.194   1.00 24.96 ? 42  HOH A O   1 
HETATM 1364 O O   . HOH D 3 .   ? -16.599 14.464  -12.686 1.00 18.97 ? 43  HOH A O   1 
HETATM 1365 O O   . HOH D 3 .   ? 1.642   9.990   -15.472 1.00 20.82 ? 44  HOH A O   1 
HETATM 1366 O O   . HOH D 3 .   ? 6.464   14.555  1.676   1.00 21.87 ? 45  HOH A O   1 
HETATM 1367 O O   . HOH D 3 .   ? 5.564   9.259   -12.096 1.00 22.39 ? 46  HOH A O   1 
HETATM 1368 O O   . HOH D 3 .   ? -1.093  0.840   -20.446 1.00 22.39 ? 47  HOH A O   1 
HETATM 1369 O O   . HOH D 3 .   ? -7.446  -11.946 -0.064  1.00 23.42 ? 48  HOH A O   1 
HETATM 1370 O O   . HOH D 3 .   ? -10.996 -5.242  19.820  1.00 26.73 ? 49  HOH A O   1 
HETATM 1371 O O   . HOH D 3 .   ? 9.682   -2.747  5.887   1.00 26.27 ? 50  HOH A O   1 
HETATM 1372 O O   . HOH D 3 .   ? -7.959  2.945   -19.636 1.00 23.22 ? 51  HOH A O   1 
HETATM 1373 O O   . HOH D 3 .   ? -3.519  17.702  -5.977  1.00 25.38 ? 52  HOH A O   1 
HETATM 1374 O O   . HOH D 3 .   ? -0.457  -16.664 1.465   1.00 24.67 ? 53  HOH A O   1 
HETATM 1375 O O   . HOH D 3 .   ? -11.852 1.934   -0.292  1.00 24.90 ? 54  HOH A O   1 
HETATM 1376 O O   . HOH D 3 .   ? -7.219  -0.066  -18.447 1.00 21.24 ? 55  HOH A O   1 
HETATM 1377 O O   . HOH D 3 .   ? 11.768  2.130   -7.577  1.00 24.44 ? 56  HOH A O   1 
HETATM 1378 O O   . HOH D 3 .   ? 8.703   2.639   6.663   1.00 24.12 ? 57  HOH A O   1 
HETATM 1379 O O   . HOH D 3 .   ? 14.892  -11.912 2.734   1.00 23.42 ? 58  HOH A O   1 
HETATM 1380 O O   . HOH D 3 .   ? -1.678  12.774  -14.827 1.00 20.53 ? 59  HOH A O   1 
HETATM 1381 O O   . HOH D 3 .   ? -10.016 -2.109  22.948  1.00 21.85 ? 60  HOH A O   1 
HETATM 1382 O O   . HOH D 3 .   ? 6.478   7.369   11.262  1.00 23.86 ? 61  HOH A O   1 
HETATM 1383 O O   . HOH D 3 .   ? 10.229  -3.688  9.601   1.00 23.36 ? 62  HOH A O   1 
HETATM 1384 O O   . HOH D 3 .   ? 6.621   0.836   -14.167 1.00 23.97 ? 63  HOH A O   1 
HETATM 1385 O O   . HOH D 3 .   ? -15.495 16.802  -12.160 1.00 20.72 ? 64  HOH A O   1 
HETATM 1386 O O   . HOH D 3 .   ? -0.989  -11.363 18.005  1.00 24.77 ? 65  HOH A O   1 
HETATM 1387 O O   . HOH D 3 .   ? -13.349 7.743   -16.628 1.00 23.55 ? 66  HOH A O   1 
HETATM 1388 O O   . HOH D 3 .   ? 12.435  -9.311  -8.523  1.00 27.45 ? 67  HOH A O   1 
HETATM 1389 O O   . HOH D 3 .   ? 7.306   13.969  8.168   1.00 30.07 ? 68  HOH A O   1 
HETATM 1390 O O   . HOH D 3 .   ? 4.337   -12.843 -5.565  1.00 21.12 ? 69  HOH A O   1 
HETATM 1391 O O   . HOH D 3 .   ? -2.839  -17.503 0.037   1.00 26.89 ? 70  HOH A O   1 
HETATM 1392 O O   . HOH D 3 .   ? 4.699   -5.825  -15.902 1.00 31.45 ? 71  HOH A O   1 
HETATM 1393 O O   . HOH D 3 .   ? -2.789  16.267  -11.288 1.00 25.00 ? 72  HOH A O   1 
HETATM 1394 O O   . HOH D 3 .   ? -0.185  11.804  9.604   1.00 23.35 ? 73  HOH A O   1 
HETATM 1395 O O   . HOH D 3 .   ? -8.643  -13.821 4.226   1.00 29.19 ? 74  HOH A O   1 
HETATM 1396 O O   . HOH D 3 .   ? -2.718  -9.364  -11.110 1.00 28.40 ? 75  HOH A O   1 
HETATM 1397 O O   . HOH D 3 .   ? -13.914 -6.368  16.894  1.00 31.15 ? 76  HOH A O   1 
HETATM 1398 O O   . HOH D 3 .   ? -3.424  -17.285 6.513   1.00 26.23 ? 77  HOH A O   1 
HETATM 1399 O O   . HOH D 3 .   ? 4.575   16.355  0.961   1.00 26.02 ? 78  HOH A O   1 
HETATM 1400 O O   . HOH D 3 .   ? 13.089  -15.606 -4.213  1.00 27.51 ? 79  HOH A O   1 
HETATM 1401 O O   . HOH D 3 .   ? -8.339  -0.423  -2.403  1.00 28.78 ? 80  HOH A O   1 
HETATM 1402 O O   . HOH D 3 .   ? 3.254   -15.021 14.972  1.00 26.02 ? 81  HOH A O   1 
HETATM 1403 O O   . HOH D 3 .   ? -7.408  -11.580 16.458  1.00 31.02 ? 82  HOH A O   1 
HETATM 1404 O O   . HOH D 3 .   ? 13.312  10.981  -0.428  1.00 25.26 ? 83  HOH A O   1 
HETATM 1405 O O   . HOH D 3 .   ? 6.607   -5.926  12.451  1.00 22.99 ? 84  HOH A O   1 
HETATM 1406 O O   . HOH D 3 .   ? 2.171   -14.786 -4.518  1.00 30.20 ? 85  HOH A O   1 
HETATM 1407 O O   . HOH D 3 .   ? 6.719   -3.460  13.619  1.00 24.59 ? 86  HOH A O   1 
HETATM 1408 O O   . HOH D 3 .   ? -5.978  1.491   15.517  1.00 26.47 ? 87  HOH A O   1 
HETATM 1409 O O   . HOH D 3 .   ? 1.254   -15.408 -0.184  1.00 27.09 ? 88  HOH A O   1 
HETATM 1410 O O   . HOH D 3 .   ? 4.109   13.624  8.862   1.00 25.45 ? 89  HOH A O   1 
HETATM 1411 O O   . HOH D 3 .   ? -15.694 1.406   10.180  1.00 37.54 ? 90  HOH A O   1 
HETATM 1412 O O   . HOH D 3 .   ? 10.262  -22.391 7.611   1.00 25.35 ? 91  HOH A O   1 
HETATM 1413 O O   . HOH D 3 .   ? 17.786  -11.564 4.066   1.00 32.70 ? 92  HOH A O   1 
HETATM 1414 O O   . HOH D 3 .   ? 9.016   -22.766 10.389  1.00 26.26 ? 93  HOH A O   1 
HETATM 1415 O O   . HOH D 3 .   ? 8.376   15.308  3.688   1.00 31.88 ? 94  HOH A O   1 
HETATM 1416 O O   . HOH D 3 .   ? 6.214   -19.696 11.887  1.00 32.61 ? 95  HOH A O   1 
HETATM 1417 O O   . HOH D 3 .   ? 3.497   -13.280 17.082  1.00 26.19 ? 96  HOH A O   1 
HETATM 1418 O O   . HOH D 3 .   ? -15.540 -7.921  8.125   1.00 37.89 ? 97  HOH A O   1 
HETATM 1419 O O   . HOH D 3 .   ? -14.466 -4.082  0.101   1.00 34.44 ? 98  HOH A O   1 
HETATM 1420 O O   . HOH D 3 .   ? -17.350 -1.325  3.920   1.00 30.29 ? 99  HOH A O   1 
HETATM 1421 O O   . HOH D 3 .   ? 0.526   11.021  12.111  1.00 31.06 ? 100 HOH A O   1 
HETATM 1422 O O   . HOH D 3 .   ? -4.278  -6.203  20.183  1.00 31.95 ? 101 HOH A O   1 
HETATM 1423 O O   . HOH D 3 .   ? -14.774 -8.187  21.061  1.00 31.18 ? 102 HOH A O   1 
HETATM 1424 O O   . HOH D 3 .   ? -2.273  23.390  -2.997  1.00 41.30 ? 103 HOH A O   1 
HETATM 1425 O O   . HOH D 3 .   ? 3.295   7.174   -16.750 1.00 27.66 ? 104 HOH A O   1 
HETATM 1426 O O   . HOH D 3 .   ? 13.555  -3.808  7.561   1.00 34.96 ? 105 HOH A O   1 
HETATM 1427 O O   . HOH D 3 .   ? 6.770   -1.590  -14.901 1.00 24.93 ? 106 HOH A O   1 
HETATM 1428 O O   . HOH D 3 .   ? 3.841   -2.894  14.352  1.00 27.39 ? 107 HOH A O   1 
HETATM 1429 O O   . HOH D 3 .   ? -11.674 -7.802  1.775   1.00 33.37 ? 108 HOH A O   1 
HETATM 1430 O O   . HOH D 3 .   ? -3.493  14.678  -13.812 0.50 33.56 ? 109 HOH A O   1 
HETATM 1431 O O   . HOH D 3 .   ? -10.657 21.581  -3.590  1.00 29.00 ? 110 HOH A O   1 
HETATM 1432 O O   . HOH D 3 .   ? 2.908   -5.311  15.176  1.00 32.70 ? 111 HOH A O   1 
HETATM 1433 O O   . HOH D 3 .   ? 3.615   -11.022 -17.520 1.00 41.13 ? 112 HOH A O   1 
HETATM 1434 O O   . HOH D 3 .   ? -12.661 18.027  -1.568  1.00 26.62 ? 113 HOH A O   1 
HETATM 1435 O O   . HOH D 3 .   ? -12.510 -7.097  -0.726  1.00 35.68 ? 114 HOH A O   1 
HETATM 1436 O O   . HOH D 3 .   ? 1.807   12.705  -14.195 1.00 29.06 ? 115 HOH A O   1 
HETATM 1437 O O   . HOH D 3 .   ? 9.188   2.663   3.958   1.00 28.51 ? 116 HOH A O   1 
HETATM 1438 O O   . HOH D 3 .   ? -7.605  21.566  -1.815  1.00 39.96 ? 117 HOH A O   1 
HETATM 1439 O O   . HOH D 3 .   ? -8.345  -9.283  -1.020  1.00 32.12 ? 118 HOH A O   1 
HETATM 1440 O O   . HOH D 3 .   ? -14.802 -0.221  -0.370  1.00 29.31 ? 119 HOH A O   1 
HETATM 1441 O O   . HOH D 3 .   ? -13.724 3.611   1.199   1.00 34.90 ? 120 HOH A O   1 
HETATM 1442 O O   . HOH D 3 .   ? 7.705   -17.678 11.054  1.00 34.75 ? 121 HOH A O   1 
HETATM 1443 O O   . HOH D 3 .   ? -4.491  6.035   13.439  1.00 29.39 ? 122 HOH A O   1 
HETATM 1444 O O   . HOH D 3 .   ? -12.035 8.073   4.858   1.00 27.26 ? 123 HOH A O   1 
HETATM 1445 O O   . HOH D 3 .   ? 7.334   7.163   -10.879 1.00 25.96 ? 124 HOH A O   1 
HETATM 1446 O O   . HOH D 3 .   ? -17.664 -0.857  9.925   1.00 35.14 ? 125 HOH A O   1 
HETATM 1447 O O   . HOH D 3 .   ? -17.681 1.036   5.041   1.00 38.05 ? 126 HOH A O   1 
HETATM 1448 O O   . HOH D 3 .   ? -7.172  -2.231  -14.073 1.00 32.76 ? 127 HOH A O   1 
HETATM 1449 O O   . HOH D 3 .   ? 11.121  11.957  -1.344  1.00 36.13 ? 128 HOH A O   1 
HETATM 1450 O O   . HOH D 3 .   ? -12.240 3.108   -15.173 1.00 31.58 ? 129 HOH A O   1 
HETATM 1451 O O   . HOH D 3 .   ? 4.677   16.033  -4.652  1.00 30.68 ? 130 HOH A O   1 
HETATM 1452 O O   . HOH D 3 .   ? -6.469  4.385   14.509  1.00 35.60 ? 131 HOH A O   1 
HETATM 1453 O O   . HOH D 3 .   ? 4.314   -12.100 -8.159  1.00 32.97 ? 132 HOH A O   1 
HETATM 1454 O O   . HOH D 3 .   ? -4.432  -2.679  20.564  1.00 37.50 ? 133 HOH A O   1 
HETATM 1455 O O   . HOH D 3 .   ? -5.473  -13.510 15.876  1.00 28.75 ? 134 HOH A O   1 
HETATM 1456 O O   . HOH D 3 .   ? 0.618   14.063  -12.009 1.00 27.63 ? 135 HOH A O   1 
HETATM 1457 O O   . HOH D 3 .   ? -4.402  -13.273 20.062  1.00 35.24 ? 136 HOH A O   1 
HETATM 1458 O O   . HOH D 3 .   ? -12.203 18.812  -9.465  1.00 28.69 ? 137 HOH A O   1 
HETATM 1459 O O   . HOH D 3 .   ? 2.158   14.407  -9.550  1.00 26.92 ? 138 HOH A O   1 
HETATM 1460 O O   . HOH D 3 .   ? -17.656 -2.668  12.446  1.00 26.58 ? 139 HOH A O   1 
HETATM 1461 O O   . HOH D 3 .   ? 11.147  14.127  -3.091  1.00 32.90 ? 140 HOH A O   1 
HETATM 1462 O O   . HOH D 3 .   ? 4.758   13.676  -11.679 1.00 36.55 ? 141 HOH A O   1 
HETATM 1463 O O   . HOH D 3 .   ? 7.709   -12.533 -7.908  1.00 37.93 ? 142 HOH A O   1 
HETATM 1464 O O   . HOH D 3 .   ? 10.584  -0.685  4.730   1.00 27.82 ? 143 HOH A O   1 
HETATM 1465 O O   . HOH D 3 .   ? 9.335   -4.078  -14.567 1.00 37.09 ? 144 HOH A O   1 
HETATM 1466 O O   . HOH D 3 .   ? 0.939   16.644  -12.503 1.00 41.78 ? 145 HOH A O   1 
HETATM 1467 O O   . HOH D 3 .   ? 0.102   -10.846 -18.739 1.00 35.02 ? 146 HOH A O   1 
HETATM 1468 O O   . HOH D 3 .   ? 9.294   0.416   11.539  1.00 26.52 ? 147 HOH A O   1 
HETATM 1469 O O   . HOH D 3 .   ? 2.995   2.266   -18.515 1.00 44.73 ? 148 HOH A O   1 
HETATM 1470 O O   . HOH D 3 .   ? 13.350  2.551   -10.341 1.00 31.87 ? 149 HOH A O   1 
HETATM 1471 O O   . HOH D 3 .   ? 16.364  -14.891 -4.818  1.00 54.10 ? 150 HOH A O   1 
HETATM 1472 O O   . HOH D 3 .   ? 7.819   2.124   -0.037  1.00 27.78 ? 151 HOH A O   1 
HETATM 1473 O O   . HOH D 3 .   ? -9.903  -6.420  22.414  1.00 38.68 ? 152 HOH A O   1 
HETATM 1474 O O   . HOH D 3 .   ? 15.729  -0.894  -10.177 1.00 34.08 ? 153 HOH A O   1 
HETATM 1475 O O   . HOH D 3 .   ? -20.140 7.765   -5.263  1.00 30.66 ? 154 HOH A O   1 
HETATM 1476 O O   . HOH D 3 .   ? 14.964  15.228  9.896   1.00 32.07 ? 155 HOH A O   1 
HETATM 1477 O O   . HOH D 3 .   ? -5.186  17.352  -10.730 1.00 32.03 ? 156 HOH A O   1 
HETATM 1478 O O   . HOH D 3 .   ? 2.018   17.509  -3.297  1.00 43.23 ? 157 HOH A O   1 
HETATM 1479 O O   . HOH D 3 .   ? -14.126 -6.419  12.612  1.00 46.81 ? 158 HOH A O   1 
HETATM 1480 O O   . HOH D 3 .   ? 14.486  -16.464 -5.904  1.00 35.02 ? 159 HOH A O   1 
HETATM 1481 O O   . HOH D 3 .   ? -11.168 5.837   6.434   1.00 27.52 ? 160 HOH A O   1 
HETATM 1482 O O   . HOH D 3 .   ? -3.992  -5.039  -20.309 1.00 32.88 ? 161 HOH A O   1 
HETATM 1483 O O   . HOH D 3 .   ? 1.183   -13.045 -8.014  1.00 33.68 ? 162 HOH A O   1 
HETATM 1484 O O   . HOH D 3 .   ? -0.286  3.694   16.618  1.00 40.51 ? 163 HOH A O   1 
HETATM 1485 O O   . HOH D 3 .   ? -7.290  -15.196 -2.720  1.00 45.63 ? 164 HOH A O   1 
HETATM 1486 O O   . HOH D 3 .   ? -8.301  -1.379  -11.711 1.00 39.49 ? 165 HOH A O   1 
HETATM 1487 O O   . HOH D 3 .   ? -9.444  -0.979  -17.210 1.00 39.96 ? 166 HOH A O   1 
HETATM 1488 O O   . HOH D 3 .   ? -3.474  2.074   14.325  1.00 33.27 ? 167 HOH A O   1 
HETATM 1489 O O   . HOH D 3 .   ? 0.219   -5.299  15.227  1.00 36.57 ? 168 HOH A O   1 
HETATM 1490 O O   . HOH D 3 .   ? -4.306  -2.435  -21.331 1.00 31.60 ? 169 HOH A O   1 
HETATM 1491 O O   . HOH D 3 .   ? 2.801   -0.285  -17.604 1.00 40.83 ? 170 HOH A O   1 
HETATM 1492 O O   . HOH D 3 .   ? -13.117 4.328   5.702   1.00 26.87 ? 171 HOH A O   1 
HETATM 1493 O O   . HOH D 3 .   ? -10.016 -12.972 6.369   1.00 38.70 ? 172 HOH A O   1 
HETATM 1494 O O   . HOH D 3 .   ? 9.593   13.783  -5.516  1.00 35.06 ? 173 HOH A O   1 
HETATM 1495 O O   . HOH D 3 .   ? -4.933  21.073  -0.355  1.00 31.04 ? 174 HOH A O   1 
HETATM 1496 O O   . HOH D 3 .   ? -9.697  -9.658  4.035   1.00 31.17 ? 175 HOH A O   1 
HETATM 1497 O O   . HOH D 3 .   ? 1.833   -2.019  16.979  1.00 40.75 ? 176 HOH A O   1 
HETATM 1498 O O   . HOH D 3 .   ? 12.973  -10.647 8.306   1.00 35.29 ? 177 HOH A O   1 
HETATM 1499 O O   . HOH D 3 .   ? -5.823  17.179  -6.840  1.00 36.09 ? 178 HOH A O   1 
HETATM 1500 O O   . HOH D 3 .   ? -16.844 -0.388  1.513   1.00 43.41 ? 179 HOH A O   1 
HETATM 1501 O O   . HOH D 3 .   ? -5.661  -4.617  -13.987 1.00 37.70 ? 180 HOH A O   1 
HETATM 1502 O O   . HOH D 3 .   ? -15.019 -8.172  10.727  1.00 38.60 ? 181 HOH A O   1 
HETATM 1503 O O   . HOH D 3 .   ? 1.557   -11.319 -10.322 1.00 37.48 ? 182 HOH A O   1 
HETATM 1504 O O   . HOH D 3 .   ? -7.870  -16.136 5.557   1.00 36.57 ? 183 HOH A O   1 
HETATM 1505 O O   . HOH D 3 .   ? -0.833  9.232   13.370  1.00 32.26 ? 184 HOH A O   1 
HETATM 1506 O O   . HOH D 3 .   ? -1.894  -17.900 4.137   1.00 36.68 ? 185 HOH A O   1 
HETATM 1507 O O   . HOH D 3 .   ? -8.116  -2.572  -19.464 1.00 42.90 ? 186 HOH A O   1 
HETATM 1508 O O   . HOH D 3 .   ? -0.999  -9.680  20.086  1.00 41.17 ? 187 HOH A O   1 
HETATM 1509 O O   . HOH D 3 .   ? 4.308   -2.581  -23.068 1.00 43.44 ? 188 HOH A O   1 
HETATM 1510 O O   . HOH D 3 .   ? 1.461   -0.169  -20.459 1.00 40.28 ? 189 HOH A O   1 
HETATM 1511 O O   . HOH D 3 .   ? 9.132   4.354   -8.493  1.00 30.22 ? 190 HOH A O   1 
HETATM 1512 O O   . HOH D 3 .   ? 2.455   19.558  -0.075  1.00 35.72 ? 191 HOH A O   1 
HETATM 1513 O O   . HOH D 3 .   ? -4.984  17.955  4.643   1.00 35.14 ? 192 HOH A O   1 
HETATM 1514 O O   . HOH D 3 .   ? -13.618 -1.193  -4.181  1.00 49.07 ? 193 HOH A O   1 
HETATM 1515 O O   . HOH D 3 .   ? 10.931  -2.637  -12.906 1.00 46.28 ? 194 HOH A O   1 
HETATM 1516 O O   . HOH D 3 .   ? 7.743   18.083  4.237   1.00 46.82 ? 195 HOH A O   1 
HETATM 1517 O O   . HOH D 3 .   ? -20.351 0.724   10.901  1.00 37.42 ? 196 HOH A O   1 
HETATM 1518 O O   . HOH D 3 .   ? 7.708   3.305   -12.942 1.00 28.21 ? 197 HOH A O   1 
HETATM 1519 O O   . HOH D 3 .   ? -6.703  -1.969  -5.815  1.00 35.71 ? 198 HOH A O   1 
HETATM 1520 O O   . HOH D 3 .   ? 0.054   -0.068  16.579  1.00 40.51 ? 199 HOH A O   1 
HETATM 1521 O O   . HOH D 3 .   ? -6.337  14.483  7.440   1.00 41.67 ? 200 HOH A O   1 
HETATM 1522 O O   . HOH D 3 .   ? -13.331 -6.207  19.386  1.00 47.44 ? 201 HOH A O   1 
HETATM 1523 O O   . HOH D 3 .   ? 9.186   7.826   -12.608 1.00 36.64 ? 202 HOH A O   1 
HETATM 1524 O O   . HOH D 3 .   ? 7.836   -1.646  -1.819  1.00 39.84 ? 203 HOH A O   1 
HETATM 1525 O O   . HOH D 3 .   ? -8.802  -13.775 9.572   1.00 40.25 ? 204 HOH A O   1 
HETATM 1526 O O   . HOH D 3 .   ? -10.366 5.256   -16.165 1.00 27.83 ? 205 HOH A O   1 
HETATM 1527 O O   . HOH D 3 .   ? -3.622  9.948   12.143  1.00 39.26 ? 206 HOH A O   1 
HETATM 1528 O O   . HOH D 3 .   ? 0.092   -7.052  -22.133 1.00 46.41 ? 207 HOH A O   1 
HETATM 1529 O O   . HOH D 3 .   ? -6.096  -18.441 -1.947  1.00 40.21 ? 208 HOH A O   1 
HETATM 1530 O O   . HOH D 3 .   ? -10.317 -7.133  -2.078  1.00 43.20 ? 209 HOH A O   1 
HETATM 1531 O O   . HOH D 3 .   ? 4.747   12.314  11.285  1.00 36.39 ? 210 HOH A O   1 
HETATM 1532 O O   . HOH D 3 .   ? -9.200  -7.583  2.494   1.00 35.84 ? 211 HOH A O   1 
HETATM 1533 O O   . HOH D 3 .   ? 6.086   4.727   16.004  1.00 43.07 ? 212 HOH A O   1 
HETATM 1534 O O   . HOH D 3 .   ? 15.542  10.636  10.505  1.00 38.81 ? 213 HOH A O   1 
HETATM 1535 O O   . HOH D 3 .   ? 2.806   16.120  -1.112  1.00 42.07 ? 214 HOH A O   1 
HETATM 1536 O O   . HOH D 3 .   ? 6.837   14.983  -5.686  1.00 41.41 ? 215 HOH A O   1 
HETATM 1537 O O   . HOH D 3 .   ? 10.276  14.463  1.053   1.00 33.45 ? 216 HOH A O   1 
HETATM 1538 O O   . HOH D 3 .   ? 8.216   -9.439  14.328  1.00 41.92 ? 217 HOH A O   1 
HETATM 1539 O O   . HOH D 3 .   ? 0.477   -15.770 12.059  1.00 45.78 ? 218 HOH A O   1 
HETATM 1540 O O   . HOH D 3 .   ? 15.037  -1.699  -12.809 1.00 30.16 ? 219 HOH A O   1 
HETATM 1541 O O   . HOH D 3 .   ? -1.834  -3.344  -24.939 1.00 61.67 ? 220 HOH A O   1 
HETATM 1542 O O   . HOH D 3 .   ? 1.920   19.199  -5.454  1.00 63.54 ? 221 HOH A O   1 
HETATM 1543 O O   . HOH D 3 .   ? 1.974   17.736  8.768   1.00 40.67 ? 222 HOH A O   1 
HETATM 1544 O O   . HOH D 3 .   ? -6.337  -0.907  -20.898 1.00 35.24 ? 223 HOH A O   1 
HETATM 1545 O O   . HOH D 3 .   ? -7.138  -3.957  -11.794 1.00 48.30 ? 224 HOH A O   1 
HETATM 1546 O O   . HOH D 3 .   ? 7.484   12.108  11.015  1.00 51.60 ? 225 HOH A O   1 
HETATM 1547 O O   . HOH D 3 .   ? -5.811  -10.078 -11.105 1.00 41.43 ? 226 HOH A O   1 
HETATM 1548 O O   . HOH D 3 .   ? -6.902  1.302   -7.191  1.00 44.00 ? 227 HOH A O   1 
HETATM 1549 O O   . HOH D 3 .   ? 5.423   6.683   -15.282 1.00 45.44 ? 228 HOH A O   1 
HETATM 1550 O O   . HOH D 3 .   ? -5.496  -6.909  26.406  1.00 39.56 ? 229 HOH A O   1 
HETATM 1551 O O   . HOH D 3 .   ? -7.462  24.496  -2.511  1.00 36.67 ? 230 HOH A O   1 
HETATM 1552 O O   . HOH D 3 .   ? 8.495   2.804   14.672  1.00 58.05 ? 231 HOH A O   1 
HETATM 1553 O O   . HOH D 3 .   ? -19.670 -2.710  4.227   1.00 39.55 ? 232 HOH A O   1 
HETATM 1554 O O   . HOH D 3 .   ? 5.196   -20.538 14.387  1.00 42.35 ? 233 HOH A O   1 
HETATM 1555 O O   . HOH D 3 .   ? 11.975  -0.271  -11.780 1.00 43.33 ? 234 HOH A O   1 
HETATM 1556 O O   . HOH D 3 .   ? 4.014   9.190   -14.521 1.00 32.65 ? 235 HOH A O   1 
HETATM 1557 O O   . HOH D 3 .   ? 18.967  -14.182 -4.465  1.00 45.89 ? 236 HOH A O   1 
HETATM 1558 O O   . HOH D 3 .   ? 14.558  -8.779  2.226   1.00 37.78 ? 237 HOH A O   1 
HETATM 1559 O O   . HOH D 3 .   ? -10.861 -14.962 8.315   1.00 61.03 ? 238 HOH A O   1 
HETATM 1560 O O   . HOH D 3 .   ? 2.339   -10.591 2.902   1.00 39.38 ? 239 HOH A O   1 
HETATM 1561 O O   . HOH D 3 .   ? -10.959 17.396  0.445   1.00 39.28 ? 240 HOH A O   1 
HETATM 1562 O O   . HOH D 3 .   ? 9.679   16.045  -1.390  1.00 40.98 ? 241 HOH A O   1 
HETATM 1563 O O   . HOH D 3 .   ? 20.084  -13.857 3.408   1.00 47.01 ? 242 HOH A O   1 
HETATM 1564 O O   . HOH D 3 .   ? 8.949   14.054  -9.499  1.00 37.48 ? 243 HOH A O   1 
HETATM 1565 O O   . HOH D 3 .   ? 3.388   15.382  -7.374  1.00 58.59 ? 244 HOH A O   1 
HETATM 1566 O O   . HOH D 3 .   ? -10.022 -11.308 2.009   1.00 37.18 ? 245 HOH A O   1 
HETATM 1567 O O   . HOH D 3 .   ? -14.882 -7.529  -1.696  1.00 47.15 ? 246 HOH A O   1 
HETATM 1568 O O   . HOH D 3 .   ? -10.111 21.513  -1.095  1.00 43.92 ? 247 HOH A O   1 
HETATM 1569 O O   . HOH D 3 .   ? 8.979   -16.911 -6.133  1.00 47.76 ? 248 HOH A O   1 
HETATM 1570 O O   . HOH D 3 .   ? -9.326  19.137  1.380   1.00 38.24 ? 249 HOH A O   1 
HETATM 1571 O O   . HOH D 3 .   ? -12.128 -13.878 10.877  1.00 49.97 ? 250 HOH A O   1 
HETATM 1572 O O   . HOH D 3 .   ? 22.993  -12.809 3.719   1.00 41.69 ? 251 HOH A O   1 
HETATM 1573 O O   . HOH D 3 .   ? -9.480  0.901   -6.480  1.00 46.17 ? 252 HOH A O   1 
HETATM 1574 O O   . HOH D 3 .   ? -7.718  -8.767  -9.682  1.00 50.67 ? 253 HOH A O   1 
HETATM 1575 O O   . HOH D 3 .   ? -3.582  -18.823 2.355   1.00 45.88 ? 254 HOH A O   1 
HETATM 1576 O O   . HOH D 3 .   ? 15.834  -6.751  1.146   1.00 48.01 ? 255 HOH A O   1 
HETATM 1577 O O   . HOH D 3 .   ? -2.898  24.904  -5.091  1.00 56.93 ? 256 HOH A O   1 
HETATM 1578 O O   . HOH D 3 .   ? -10.691 3.128   -5.092  1.00 43.76 ? 257 HOH A O   1 
HETATM 1579 O O   . HOH D 3 .   ? -4.228  -13.783 -5.643  1.00 59.80 ? 258 HOH A O   1 
HETATM 1580 O O   . HOH D 3 .   ? 10.143  3.818   -11.078 1.00 38.47 ? 259 HOH A O   1 
HETATM 1581 O O   . HOH D 3 .   ? -7.326  -4.800  24.655  1.00 48.23 ? 260 HOH A O   1 
HETATM 1582 O O   . HOH D 3 .   ? -8.428  18.483  3.864   1.00 42.50 ? 261 HOH A O   1 
HETATM 1583 O O   . HOH D 3 .   ? -8.533  -6.343  -7.743  1.00 47.31 ? 262 HOH A O   1 
HETATM 1584 O O   . HOH D 3 .   ? -14.562 -12.784 10.706  1.00 44.39 ? 263 HOH A O   1 
HETATM 1585 O O   . HOH D 3 .   ? -8.571  -8.779  -4.296  1.00 30.60 ? 264 HOH A O   1 
HETATM 1586 O O   . HOH D 3 .   ? 19.059  -10.188 -3.091  1.00 73.29 ? 265 HOH A O   1 
HETATM 1587 O O   . HOH D 3 .   ? -14.624 6.064   -13.664 1.00 50.06 ? 266 HOH A O   1 
HETATM 1588 O O   . HOH D 3 .   ? -6.817  -13.027 -5.194  1.00 56.65 ? 267 HOH A O   1 
HETATM 1589 O O   . HOH D 3 .   ? -5.880  -7.265  -14.394 1.00 46.75 ? 268 HOH A O   1 
HETATM 1590 O O   . HOH D 3 .   ? 22.993  -15.479 2.423   1.00 56.36 ? 269 HOH A O   1 
HETATM 1591 O O   . HOH D 3 .   ? -0.716  -16.102 -4.973  1.00 50.63 ? 270 HOH A O   1 
HETATM 1592 O O   . HOH D 3 .   ? -9.226  -11.715 14.510  1.00 44.16 ? 271 HOH A O   1 
HETATM 1593 O O   . HOH D 3 .   ? 13.122  9.754   -8.681  1.00 48.10 ? 272 HOH A O   1 
HETATM 1594 O O   . HOH D 3 .   ? -9.358  15.063  -10.200 1.00 11.00 ? 552 HOH A O   1 
HETATM 1595 O O   . HOH D 3 .   ? -2.405  10.946  -16.707 1.00 10.90 ? 553 HOH A O   1 
# 
